data_8TKQ
#
_entry.id   8TKQ
#
_entity_poly.entity_id   1
_entity_poly.type   'polypeptide(L)'
_entity_poly.pdbx_seq_one_letter_code
;MGSSHHHHHHSSGLVPRGSHMSGTEEAILGGRDSHPAAGGGSVLCFGQCQYTAEEYQAIQKALRQRLGPEYISSRMAGGG
QKVCYIEGHRVINLANEMFGYNGWAHSITQQNVDFVDLNNGKFYVGVCAFVRVQLKDGSYHEDVGYGVSEGLKSKALSLE
KARKEAVTDGLKRALRSFGNALGNCILDKDYLRSLNKLPRQLPLEVDLTKAKRQDLEPSVEEARYNSCRPNMALGHPQLQ
QVTSPSRPSHAVIPADQDCSSRSLSSSAVESEATHQRKLRQKQLQQQFRERMEKQQVRVSTPSAEKSEAAPPAPPVTHST
PVTVSEPLLEKDFLAGVTQELIKTLEDNSEKWAVTPDAGDGVVKPSSRADPAQTSDTLALNNQMVTQNRTPHSVCHQKPQ
AKSGSWDLQTYSADQRTTGNWESHRKSQDMKKRKYDPS
;
_entity_poly.pdbx_strand_id   A,B,C,D,E,F,G,H,I,J,K
#
# COMPACT_ATOMS: atom_id res chain seq x y z
N CYS A 45 -17.31 6.95 20.18
CA CYS A 45 -15.91 6.76 19.82
C CYS A 45 -15.25 8.07 19.42
N PHE A 46 -13.93 8.12 19.57
CA PHE A 46 -13.20 9.34 19.24
C PHE A 46 -13.04 9.46 17.74
N GLY A 47 -13.26 10.67 17.22
CA GLY A 47 -13.26 10.92 15.81
C GLY A 47 -14.61 10.72 15.14
N GLN A 48 -15.56 10.10 15.83
CA GLN A 48 -16.86 9.83 15.27
C GLN A 48 -18.01 10.29 16.16
N CYS A 49 -17.72 10.98 17.25
CA CYS A 49 -18.77 11.61 18.04
C CYS A 49 -19.06 13.00 17.50
N GLN A 50 -20.31 13.43 17.64
CA GLN A 50 -20.72 14.73 17.15
C GLN A 50 -21.30 15.53 18.31
N TYR A 51 -20.85 16.78 18.43
CA TYR A 51 -21.26 17.60 19.56
C TYR A 51 -22.76 17.83 19.53
N THR A 52 -23.39 17.68 20.68
CA THR A 52 -24.77 18.05 20.85
C THR A 52 -24.91 19.56 20.72
N ALA A 53 -26.14 20.03 20.53
CA ALA A 53 -26.37 21.46 20.40
C ALA A 53 -25.87 22.21 21.61
N GLU A 54 -26.17 21.71 22.80
CA GLU A 54 -25.79 22.40 24.02
C GLU A 54 -24.28 22.51 24.16
N GLU A 55 -23.58 21.40 23.93
CA GLU A 55 -22.13 21.41 24.06
C GLU A 55 -21.49 22.30 23.01
N TYR A 56 -21.99 22.27 21.78
CA TYR A 56 -21.44 23.13 20.74
C TYR A 56 -21.60 24.60 21.09
N GLN A 57 -22.81 24.97 21.49
CA GLN A 57 -23.07 26.36 21.87
C GLN A 57 -22.16 26.78 23.02
N ALA A 58 -22.03 25.93 24.02
CA ALA A 58 -21.21 26.27 25.18
C ALA A 58 -19.75 26.47 24.79
N ILE A 59 -19.21 25.55 24.00
CA ILE A 59 -17.79 25.64 23.63
C ILE A 59 -17.56 26.85 22.75
N GLN A 60 -18.48 27.14 21.82
CA GLN A 60 -18.30 28.28 20.94
C GLN A 60 -18.36 29.59 21.73
N LYS A 61 -19.18 29.65 22.77
CA LYS A 61 -19.16 30.82 23.63
C LYS A 61 -17.85 30.89 24.41
N ALA A 62 -17.40 29.77 24.97
CA ALA A 62 -16.25 29.79 25.86
C ALA A 62 -14.95 30.04 25.11
N LEU A 63 -14.95 29.82 23.80
CA LEU A 63 -13.72 30.03 23.04
C LEU A 63 -13.54 31.46 22.57
N ARG A 64 -14.59 32.28 22.63
CA ARG A 64 -14.47 33.65 22.18
C ARG A 64 -13.83 34.54 23.23
N GLN A 65 -13.92 34.16 24.49
CA GLN A 65 -13.40 34.99 25.57
C GLN A 65 -11.89 35.10 25.48
N ARG A 66 -11.36 36.16 26.08
CA ARG A 66 -9.94 36.43 26.10
C ARG A 66 -9.34 36.02 27.43
N LEU A 67 -8.04 35.78 27.42
CA LEU A 67 -7.36 35.35 28.63
C LEU A 67 -7.01 36.53 29.51
N GLY A 68 -7.10 36.30 30.81
CA GLY A 68 -6.78 37.34 31.77
C GLY A 68 -5.29 37.51 31.94
N PRO A 69 -4.88 38.46 32.78
CA PRO A 69 -3.44 38.65 33.00
C PRO A 69 -2.78 37.50 33.74
N GLU A 70 -3.57 36.58 34.28
CA GLU A 70 -3.02 35.43 34.99
C GLU A 70 -2.19 34.56 34.08
N TYR A 71 -2.67 34.34 32.86
CA TYR A 71 -2.07 33.33 31.99
C TYR A 71 -0.85 33.87 31.27
N ILE A 72 -0.69 35.16 31.22
CA ILE A 72 0.35 35.75 30.39
C ILE A 72 1.66 35.77 31.15
N SER A 73 2.77 35.60 30.42
CA SER A 73 4.10 35.69 31.00
C SER A 73 5.02 36.33 29.98
N SER A 74 6.20 36.73 30.44
CA SER A 74 7.07 37.60 29.67
C SER A 74 8.46 36.98 29.52
N ARG A 75 9.13 37.36 28.44
CA ARG A 75 10.52 36.99 28.20
C ARG A 75 11.25 38.20 27.65
N MET A 76 12.57 38.18 27.80
CA MET A 76 13.44 39.17 27.17
C MET A 76 14.10 38.49 25.97
N ALA A 77 13.58 38.76 24.78
CA ALA A 77 14.08 38.09 23.58
C ALA A 77 15.50 38.53 23.28
N GLY A 78 16.25 37.65 22.62
CA GLY A 78 17.61 37.92 22.26
C GLY A 78 17.74 39.15 21.38
N GLY A 79 18.25 40.24 21.96
CA GLY A 79 18.30 41.52 21.28
C GLY A 79 16.97 42.24 21.20
N GLY A 80 15.86 41.57 21.53
CA GLY A 80 14.55 42.17 21.45
C GLY A 80 14.00 42.57 22.80
N GLN A 81 12.80 43.16 22.77
CA GLN A 81 12.12 43.63 23.97
C GLN A 81 11.18 42.58 24.54
N LYS A 82 10.33 42.99 25.46
CA LYS A 82 9.39 42.11 26.15
C LYS A 82 8.53 41.35 25.16
N VAL A 83 8.56 40.02 25.24
CA VAL A 83 7.72 39.16 24.42
C VAL A 83 6.77 38.42 25.35
N CYS A 84 5.48 38.46 25.04
CA CYS A 84 4.48 37.79 25.87
C CYS A 84 4.12 36.44 25.30
N TYR A 85 3.77 35.51 26.20
CA TYR A 85 3.40 34.16 25.79
C TYR A 85 2.62 33.49 26.91
N ILE A 86 2.22 32.26 26.65
CA ILE A 86 1.51 31.42 27.61
C ILE A 86 2.32 30.15 27.79
N GLU A 87 2.60 29.79 29.04
CA GLU A 87 3.36 28.58 29.31
C GLU A 87 2.58 27.35 28.87
N GLY A 88 3.31 26.33 28.42
CA GLY A 88 2.70 25.18 27.78
C GLY A 88 1.70 24.43 28.61
N HIS A 89 2.01 24.21 29.88
CA HIS A 89 1.09 23.49 30.75
C HIS A 89 -0.20 24.27 30.94
N ARG A 90 -0.15 25.59 30.88
CA ARG A 90 -1.37 26.38 30.94
C ARG A 90 -2.26 26.08 29.75
N VAL A 91 -1.68 25.94 28.57
CA VAL A 91 -2.48 25.66 27.39
C VAL A 91 -3.02 24.24 27.44
N ILE A 92 -2.24 23.32 27.99
CA ILE A 92 -2.73 21.94 28.16
C ILE A 92 -3.92 21.91 29.10
N ASN A 93 -3.83 22.66 30.21
CA ASN A 93 -4.93 22.70 31.16
C ASN A 93 -6.16 23.36 30.56
N LEU A 94 -5.96 24.43 29.80
CA LEU A 94 -7.10 25.08 29.15
C LEU A 94 -7.77 24.15 28.17
N ALA A 95 -6.98 23.38 27.41
CA ALA A 95 -7.57 22.43 26.48
C ALA A 95 -8.32 21.33 27.22
N ASN A 96 -7.79 20.89 28.35
CA ASN A 96 -8.45 19.82 29.10
C ASN A 96 -9.75 20.30 29.73
N GLU A 97 -9.82 21.58 30.11
CA GLU A 97 -11.07 22.08 30.67
C GLU A 97 -12.07 22.43 29.57
N MET A 98 -11.60 22.90 28.42
CA MET A 98 -12.52 23.21 27.33
C MET A 98 -13.17 21.96 26.77
N PHE A 99 -12.36 21.01 26.31
CA PHE A 99 -12.87 19.87 25.57
C PHE A 99 -12.99 18.59 26.39
N GLY A 100 -12.39 18.53 27.57
CA GLY A 100 -12.36 17.30 28.34
C GLY A 100 -11.13 16.47 28.05
N TYR A 101 -10.78 15.63 29.00
CA TYR A 101 -9.60 14.79 28.84
C TYR A 101 -9.75 13.83 27.68
N ASN A 102 -10.97 13.57 27.23
CA ASN A 102 -11.22 12.70 26.09
C ASN A 102 -11.69 13.46 24.86
N GLY A 103 -11.75 14.79 24.93
CA GLY A 103 -12.26 15.55 23.82
C GLY A 103 -11.25 15.97 22.80
N TRP A 104 -9.96 15.92 23.12
CA TRP A 104 -8.93 16.37 22.20
C TRP A 104 -7.76 15.40 22.22
N ALA A 105 -7.00 15.44 21.13
CA ALA A 105 -5.83 14.60 20.95
C ALA A 105 -4.78 15.37 20.18
N HIS A 106 -3.53 14.95 20.28
CA HIS A 106 -2.49 15.59 19.50
C HIS A 106 -1.36 14.62 19.21
N SER A 107 -0.78 14.76 18.02
CA SER A 107 0.29 13.90 17.54
C SER A 107 1.34 14.73 16.83
N ILE A 108 2.51 14.13 16.64
CA ILE A 108 3.61 14.76 15.93
C ILE A 108 3.72 14.08 14.57
N THR A 109 3.38 14.80 13.52
CA THR A 109 3.39 14.19 12.19
C THR A 109 4.80 14.12 11.62
N GLN A 110 5.69 14.99 12.09
CA GLN A 110 7.04 15.04 11.57
C GLN A 110 7.90 15.90 12.47
N GLN A 111 9.13 15.47 12.70
CA GLN A 111 10.13 16.26 13.40
C GLN A 111 11.48 16.03 12.75
N ASN A 112 12.06 17.09 12.19
CA ASN A 112 13.36 17.02 11.54
C ASN A 112 14.31 18.02 12.19
N VAL A 113 15.56 17.61 12.37
CA VAL A 113 16.59 18.49 12.90
C VAL A 113 17.17 19.27 11.73
N ASP A 114 16.97 20.59 11.74
CA ASP A 114 17.44 21.42 10.65
C ASP A 114 18.96 21.48 10.61
N PHE A 115 19.59 21.79 11.74
CA PHE A 115 21.03 21.90 11.77
C PHE A 115 21.54 21.77 13.19
N VAL A 116 22.74 21.18 13.30
CA VAL A 116 23.52 21.11 14.53
C VAL A 116 24.92 21.58 14.19
N ASP A 117 25.25 22.82 14.58
CA ASP A 117 26.50 23.46 14.22
C ASP A 117 27.35 23.68 15.46
N LEU A 118 28.66 23.82 15.25
CA LEU A 118 29.63 24.01 16.32
C LEU A 118 30.47 25.23 15.99
N ASN A 119 30.48 26.20 16.88
CA ASN A 119 31.25 27.43 16.69
C ASN A 119 31.88 27.80 18.02
N ASN A 120 33.21 27.91 18.03
CA ASN A 120 33.97 28.31 19.20
C ASN A 120 33.64 27.44 20.41
N GLY A 121 33.43 26.15 20.16
CA GLY A 121 33.15 25.21 21.21
C GLY A 121 31.73 25.18 21.70
N LYS A 122 30.86 26.05 21.19
CA LYS A 122 29.48 26.12 21.60
C LYS A 122 28.58 25.60 20.49
N PHE A 123 27.44 25.02 20.87
CA PHE A 123 26.57 24.32 19.95
C PHE A 123 25.34 25.16 19.61
N TYR A 124 24.94 25.11 18.34
CA TYR A 124 23.77 25.80 17.83
C TYR A 124 22.88 24.79 17.13
N VAL A 125 21.69 24.55 17.67
CA VAL A 125 20.79 23.52 17.18
C VAL A 125 19.44 24.16 16.84
N GLY A 126 18.88 23.75 15.70
CA GLY A 126 17.54 24.15 15.33
C GLY A 126 16.69 22.97 14.90
N VAL A 127 15.55 22.76 15.55
CA VAL A 127 14.69 21.62 15.27
C VAL A 127 13.28 22.09 14.93
N CYS A 128 12.64 21.41 14.00
CA CYS A 128 11.29 21.74 13.55
C CYS A 128 10.34 20.61 13.89
N ALA A 129 9.09 20.97 14.20
CA ALA A 129 8.09 19.98 14.54
C ALA A 129 6.75 20.36 13.94
N PHE A 130 6.02 19.36 13.47
CA PHE A 130 4.67 19.54 12.96
C PHE A 130 3.72 18.82 13.90
N VAL A 131 2.86 19.58 14.57
CA VAL A 131 1.97 19.01 15.55
C VAL A 131 0.53 19.19 15.07
N ARG A 132 -0.24 18.12 15.17
CA ARG A 132 -1.62 18.09 14.70
C ARG A 132 -2.53 17.78 15.87
N VAL A 133 -3.51 18.64 16.10
CA VAL A 133 -4.48 18.51 17.16
C VAL A 133 -5.82 18.15 16.53
N GLN A 134 -6.58 17.31 17.22
CA GLN A 134 -7.84 16.80 16.72
C GLN A 134 -8.86 16.81 17.84
N LEU A 135 -10.12 17.00 17.49
CA LEU A 135 -11.20 16.95 18.46
C LEU A 135 -11.99 15.67 18.27
N LYS A 136 -13.05 15.53 19.05
CA LYS A 136 -13.81 14.29 19.06
C LYS A 136 -14.86 14.24 17.99
N ASP A 137 -14.89 15.22 17.09
CA ASP A 137 -15.76 15.17 15.93
C ASP A 137 -15.00 15.10 14.61
N GLY A 138 -13.68 15.13 14.64
CA GLY A 138 -12.88 15.11 13.44
C GLY A 138 -12.19 16.42 13.12
N SER A 139 -12.52 17.49 13.82
CA SER A 139 -11.93 18.79 13.57
C SER A 139 -10.47 18.78 13.95
N TYR A 140 -9.62 19.20 13.03
CA TYR A 140 -8.18 19.14 13.26
C TYR A 140 -7.55 20.45 12.85
N HIS A 141 -6.40 20.73 13.45
CA HIS A 141 -5.57 21.87 13.11
C HIS A 141 -4.13 21.47 13.31
N GLU A 142 -3.32 21.71 12.30
CA GLU A 142 -1.93 21.27 12.30
C GLU A 142 -1.03 22.46 12.03
N ASP A 143 -0.04 22.65 12.89
CA ASP A 143 0.83 23.80 12.76
C ASP A 143 2.28 23.38 12.99
N VAL A 144 3.18 24.34 12.85
CA VAL A 144 4.62 24.13 12.94
C VAL A 144 5.16 24.84 14.17
N GLY A 145 6.15 24.23 14.80
CA GLY A 145 6.83 24.83 15.93
C GLY A 145 8.32 24.68 15.76
N TYR A 146 9.09 25.61 16.31
CA TYR A 146 10.52 25.60 16.14
C TYR A 146 11.21 25.72 17.49
N GLY A 147 12.24 24.90 17.67
CA GLY A 147 13.05 24.94 18.88
C GLY A 147 14.47 25.32 18.55
N VAL A 148 15.03 26.18 19.40
CA VAL A 148 16.36 26.76 19.20
C VAL A 148 17.19 26.51 20.43
N SER A 149 18.47 26.24 20.23
CA SER A 149 19.42 26.17 21.34
C SER A 149 20.75 26.74 20.88
N GLU A 150 21.16 27.88 21.44
CA GLU A 150 22.37 28.54 21.00
C GLU A 150 23.40 28.78 22.09
N GLY A 151 23.29 28.09 23.21
CA GLY A 151 24.13 28.30 24.38
C GLY A 151 25.10 27.16 24.66
N LEU A 152 24.60 26.21 25.44
CA LEU A 152 25.31 25.14 26.13
C LEU A 152 26.43 24.48 25.35
N LYS A 153 27.46 24.03 26.06
CA LYS A 153 28.61 23.36 25.48
C LYS A 153 28.43 21.86 25.30
N SER A 154 27.23 21.34 25.48
CA SER A 154 26.97 19.91 25.35
C SER A 154 25.92 19.66 24.28
N LYS A 155 26.21 18.71 23.39
CA LYS A 155 25.35 18.49 22.24
C LYS A 155 24.04 17.83 22.65
N ALA A 156 24.10 16.91 23.60
CA ALA A 156 22.91 16.19 24.03
C ALA A 156 21.87 17.14 24.62
N LEU A 157 22.31 18.01 25.53
CA LEU A 157 21.39 18.95 26.15
C LEU A 157 20.79 19.90 25.12
N SER A 158 21.61 20.32 24.15
CA SER A 158 21.11 21.22 23.12
C SER A 158 20.03 20.55 22.28
N LEU A 159 20.29 19.33 21.81
CA LEU A 159 19.29 18.63 21.01
C LEU A 159 18.03 18.39 21.82
N GLU A 160 18.18 18.04 23.11
CA GLU A 160 17.04 17.81 23.97
C GLU A 160 16.15 19.05 24.07
N LYS A 161 16.77 20.17 24.45
CA LYS A 161 16.02 21.42 24.56
C LYS A 161 15.34 21.76 23.25
N ALA A 162 16.05 21.62 22.15
CA ALA A 162 15.50 21.98 20.86
C ALA A 162 14.27 21.15 20.53
N ARG A 163 14.35 19.83 20.69
CA ARG A 163 13.24 18.97 20.29
C ARG A 163 12.03 19.19 21.19
N LYS A 164 12.24 19.30 22.49
CA LYS A 164 11.12 19.47 23.40
C LYS A 164 10.45 20.82 23.19
N GLU A 165 11.25 21.88 23.03
CA GLU A 165 10.67 23.18 22.75
C GLU A 165 9.92 23.19 21.43
N ALA A 166 10.42 22.44 20.45
CA ALA A 166 9.74 22.36 19.16
C ALA A 166 8.35 21.78 19.31
N VAL A 167 8.24 20.65 20.01
CA VAL A 167 6.93 20.02 20.13
C VAL A 167 5.98 20.89 20.94
N THR A 168 6.50 21.54 21.99
CA THR A 168 5.62 22.39 22.80
C THR A 168 5.12 23.58 21.99
N ASP A 169 6.01 24.23 21.24
CA ASP A 169 5.60 25.36 20.42
C ASP A 169 4.60 24.95 19.36
N GLY A 170 4.80 23.78 18.75
CA GLY A 170 3.84 23.30 17.77
C GLY A 170 2.47 23.07 18.37
N LEU A 171 2.43 22.47 19.56
CA LEU A 171 1.15 22.23 20.22
C LEU A 171 0.43 23.55 20.50
N LYS A 172 1.16 24.54 21.03
CA LYS A 172 0.54 25.82 21.34
C LYS A 172 0.01 26.49 20.09
N ARG A 173 0.82 26.53 19.04
CA ARG A 173 0.41 27.21 17.82
C ARG A 173 -0.73 26.50 17.13
N ALA A 174 -0.84 25.18 17.29
CA ALA A 174 -1.97 24.45 16.73
C ALA A 174 -3.23 24.70 17.54
N LEU A 175 -3.10 24.86 18.86
CA LEU A 175 -4.26 25.09 19.70
C LEU A 175 -4.77 26.52 19.56
N ARG A 176 -3.91 27.44 19.10
CA ARG A 176 -4.37 28.81 18.85
C ARG A 176 -5.57 28.84 17.91
N SER A 177 -5.57 27.98 16.90
CA SER A 177 -6.53 28.09 15.81
C SER A 177 -7.95 27.77 16.22
N PHE A 178 -8.18 27.35 17.45
CA PHE A 178 -9.53 27.06 17.90
C PHE A 178 -10.22 28.29 18.44
N GLY A 179 -9.47 29.27 18.93
CA GLY A 179 -10.09 30.48 19.41
C GLY A 179 -9.17 31.24 20.32
N ASN A 180 -9.69 32.37 20.80
CA ASN A 180 -8.90 33.25 21.66
C ASN A 180 -8.63 32.61 23.00
N ALA A 181 -9.53 31.76 23.47
CA ALA A 181 -9.40 31.17 24.80
C ALA A 181 -8.19 30.25 24.91
N LEU A 182 -7.64 29.81 23.79
CA LEU A 182 -6.52 28.89 23.77
C LEU A 182 -5.24 29.53 23.25
N GLY A 183 -5.11 30.84 23.33
CA GLY A 183 -3.89 31.52 23.00
C GLY A 183 -3.87 32.31 21.71
N ASN A 184 -5.02 32.58 21.11
CA ASN A 184 -5.08 33.40 19.92
C ASN A 184 -5.10 34.89 20.24
N CYS A 185 -5.06 35.24 21.52
CA CYS A 185 -5.01 36.63 21.96
C CYS A 185 -3.61 37.20 21.96
N ILE A 186 -2.58 36.36 22.12
CA ILE A 186 -1.21 36.84 22.25
C ILE A 186 -0.76 37.61 21.02
N LEU A 187 -1.41 37.41 19.88
CA LEU A 187 -0.98 38.07 18.66
C LEU A 187 -1.63 39.43 18.50
N ASP A 188 -2.79 39.64 19.11
CA ASP A 188 -3.48 40.92 19.00
C ASP A 188 -2.73 41.99 19.77
N LYS A 189 -2.26 43.01 19.06
CA LYS A 189 -1.49 44.07 19.71
C LYS A 189 -2.38 44.93 20.59
N ASP A 190 -3.68 45.01 20.25
CA ASP A 190 -4.61 45.74 21.10
C ASP A 190 -4.73 45.08 22.47
N TYR A 191 -4.89 43.76 22.49
CA TYR A 191 -4.98 43.03 23.75
C TYR A 191 -3.69 43.10 24.53
N LEU A 192 -2.55 43.04 23.84
CA LEU A 192 -1.26 43.14 24.52
C LEU A 192 -1.06 44.50 25.14
N ARG A 193 -1.49 45.56 24.44
CA ARG A 193 -1.42 46.90 25.03
C ARG A 193 -2.35 47.03 26.21
N SER A 194 -3.57 46.50 26.10
CA SER A 194 -4.52 46.62 27.18
C SER A 194 -4.13 45.80 28.39
N LEU A 195 -3.30 44.77 28.22
CA LEU A 195 -2.82 44.01 29.38
C LEU A 195 -1.87 44.84 30.23
N ASN A 196 -0.96 45.57 29.58
CA ASN A 196 0.09 46.25 30.33
C ASN A 196 -0.45 47.39 31.17
N LYS A 197 -1.69 47.83 30.92
CA LYS A 197 -2.26 48.91 31.72
C LYS A 197 -3.14 48.37 32.84
N LEU A 198 -2.85 47.16 33.31
CA LEU A 198 -3.49 46.59 34.48
C LEU A 198 -2.46 46.40 35.57
N PRO A 199 -2.88 46.39 36.84
CA PRO A 199 -1.92 46.28 37.93
C PRO A 199 -1.16 44.96 37.90
N ARG A 200 -0.02 44.96 38.59
CA ARG A 200 0.86 43.80 38.64
C ARG A 200 0.54 43.00 39.91
N GLN A 201 -0.21 41.91 39.75
CA GLN A 201 -0.57 41.07 40.88
C GLN A 201 0.47 39.97 41.07
N LEU A 202 0.89 39.79 42.32
CA LEU A 202 1.88 38.77 42.63
C LEU A 202 1.26 37.38 42.47
N PRO A 203 2.03 36.41 41.95
CA PRO A 203 1.49 35.07 41.73
C PRO A 203 0.90 34.47 43.00
N LEU A 204 -0.28 33.88 42.86
CA LEU A 204 -0.99 33.33 44.00
C LEU A 204 -0.34 32.03 44.46
N GLU A 205 -0.46 31.75 45.76
CA GLU A 205 0.09 30.55 46.36
C GLU A 205 -0.94 29.44 46.34
N VAL A 206 -0.58 28.30 45.76
CA VAL A 206 -1.51 27.19 45.56
C VAL A 206 -1.63 26.38 46.83
N ASP A 207 -2.84 25.88 47.07
CA ASP A 207 -3.18 25.12 48.28
C ASP A 207 -2.89 23.65 48.05
N LEU A 208 -2.18 23.04 48.99
CA LEU A 208 -1.80 21.63 48.88
C LEU A 208 -2.35 20.85 50.07
N THR A 209 -3.51 21.25 50.56
CA THR A 209 -4.14 20.58 51.68
C THR A 209 -5.13 19.51 51.26
N LYS A 210 -5.61 19.55 50.02
CA LYS A 210 -6.43 18.49 49.47
C LYS A 210 -5.81 17.89 48.21
N ALA A 211 -4.48 17.88 48.11
CA ALA A 211 -3.82 17.26 46.98
C ALA A 211 -3.94 15.74 47.05
N LYS A 212 -3.65 15.09 45.92
CA LYS A 212 -3.76 13.65 45.85
C LYS A 212 -2.60 13.00 46.60
N ARG A 213 -2.93 12.06 47.49
CA ARG A 213 -1.94 11.43 48.34
C ARG A 213 -2.03 9.91 48.38
N GLN A 214 -2.87 9.30 47.53
CA GLN A 214 -2.92 7.85 47.41
C GLN A 214 -3.50 7.53 46.05
N ASP A 215 -2.97 6.47 45.43
CA ASP A 215 -3.26 6.21 44.02
C ASP A 215 -4.71 5.82 43.80
N LEU A 216 -5.31 5.10 44.74
CA LEU A 216 -6.66 4.61 44.55
C LEU A 216 -7.66 5.76 44.47
N GLU A 217 -8.55 5.70 43.49
CA GLU A 217 -9.56 6.73 43.27
C GLU A 217 -10.94 6.10 43.38
N PRO A 218 -11.46 5.91 44.59
CA PRO A 218 -12.63 5.05 44.78
C PRO A 218 -13.80 5.32 43.84
N SER A 219 -14.13 6.58 43.60
CA SER A 219 -15.26 6.90 42.73
C SER A 219 -14.98 6.45 41.31
N VAL A 220 -13.75 6.63 40.85
CA VAL A 220 -13.38 6.25 39.49
C VAL A 220 -13.53 4.75 39.30
N GLU A 221 -13.03 3.94 40.25
CA GLU A 221 -13.12 2.49 40.09
C GLU A 221 -14.57 2.01 40.24
N GLU A 222 -15.34 2.63 41.13
CA GLU A 222 -16.74 2.25 41.23
C GLU A 222 -17.45 2.49 39.91
N ALA A 223 -17.25 3.66 39.32
CA ALA A 223 -17.87 3.96 38.04
C ALA A 223 -17.40 3.00 36.96
N ARG A 224 -16.10 2.69 36.93
CA ARG A 224 -15.58 1.81 35.89
C ARG A 224 -16.15 0.41 36.03
N TYR A 225 -16.21 -0.13 37.25
CA TYR A 225 -16.76 -1.44 37.45
C TYR A 225 -18.24 -1.47 37.08
N ASN A 226 -18.95 -0.38 37.33
CA ASN A 226 -20.33 -0.33 36.90
C ASN A 226 -20.47 -0.17 35.40
N SER A 227 -19.43 0.29 34.70
CA SER A 227 -19.47 0.45 33.25
C SER A 227 -18.96 -0.78 32.53
N CYS A 228 -19.10 -1.96 33.13
CA CYS A 228 -18.68 -3.21 32.49
C CYS A 228 -19.79 -4.25 32.56
N CYS B 45 -14.23 -2.88 21.92
CA CYS B 45 -12.84 -3.29 22.05
C CYS B 45 -12.03 -2.18 22.71
N PHE B 46 -10.76 -2.09 22.33
CA PHE B 46 -9.94 -0.95 22.70
C PHE B 46 -9.94 0.05 21.55
N GLY B 47 -10.24 1.30 21.84
CA GLY B 47 -10.39 2.32 20.84
C GLY B 47 -11.80 2.49 20.33
N GLN B 48 -12.73 1.66 20.76
CA GLN B 48 -14.13 1.76 20.40
C GLN B 48 -15.06 1.70 21.60
N CYS B 49 -14.53 1.87 22.81
CA CYS B 49 -15.33 1.89 24.03
C CYS B 49 -15.39 3.31 24.56
N GLN B 50 -16.58 3.88 24.57
CA GLN B 50 -16.79 5.26 25.00
C GLN B 50 -17.15 5.27 26.48
N TYR B 51 -16.58 6.23 27.20
CA TYR B 51 -16.82 6.31 28.63
C TYR B 51 -18.27 6.65 28.91
N THR B 52 -18.85 5.99 29.91
CA THR B 52 -20.16 6.41 30.34
C THR B 52 -20.05 7.71 31.11
N ALA B 53 -21.22 8.28 31.44
CA ALA B 53 -21.23 9.60 32.08
C ALA B 53 -20.52 9.58 33.42
N GLU B 54 -20.79 8.55 34.23
CA GLU B 54 -20.23 8.48 35.57
C GLU B 54 -18.72 8.38 35.54
N GLU B 55 -18.20 7.49 34.70
CA GLU B 55 -16.76 7.30 34.62
C GLU B 55 -16.07 8.55 34.10
N TYR B 56 -16.65 9.20 33.09
CA TYR B 56 -16.06 10.43 32.55
C TYR B 56 -16.01 11.51 33.61
N GLN B 57 -17.12 11.70 34.32
CA GLN B 57 -17.16 12.69 35.39
C GLN B 57 -16.09 12.39 36.44
N ALA B 58 -16.00 11.13 36.86
CA ALA B 58 -15.04 10.76 37.89
C ALA B 58 -13.61 11.03 37.45
N ILE B 59 -13.27 10.64 36.22
CA ILE B 59 -11.91 10.80 35.75
C ILE B 59 -11.57 12.28 35.56
N GLN B 60 -12.53 13.08 35.07
CA GLN B 60 -12.27 14.50 34.88
C GLN B 60 -12.07 15.20 36.21
N LYS B 61 -12.80 14.77 37.24
CA LYS B 61 -12.55 15.31 38.57
C LYS B 61 -11.18 14.90 39.07
N ALA B 62 -10.84 13.62 38.90
CA ALA B 62 -9.61 13.10 39.47
C ALA B 62 -8.37 13.65 38.78
N LEU B 63 -8.49 14.07 37.53
CA LEU B 63 -7.32 14.52 36.79
C LEU B 63 -6.94 15.96 37.12
N ARG B 64 -7.83 16.72 37.73
CA ARG B 64 -7.51 18.11 38.04
C ARG B 64 -6.63 18.22 39.28
N GLN B 65 -6.71 17.25 40.17
CA GLN B 65 -5.98 17.33 41.44
C GLN B 65 -4.48 17.38 41.21
N ARG B 66 -3.79 18.06 42.11
CA ARG B 66 -2.34 18.15 42.06
C ARG B 66 -1.72 17.04 42.89
N LEU B 67 -0.50 16.65 42.51
CA LEU B 67 0.19 15.60 43.24
C LEU B 67 0.71 16.13 44.57
N GLY B 68 0.76 15.22 45.55
CA GLY B 68 1.26 15.57 46.85
C GLY B 68 2.76 15.48 46.90
N PRO B 69 3.36 15.81 48.05
CA PRO B 69 4.83 15.79 48.14
C PRO B 69 5.41 14.39 48.10
N GLU B 70 4.60 13.36 48.35
CA GLU B 70 5.11 12.00 48.37
C GLU B 70 5.50 11.51 46.99
N TYR B 71 5.05 12.18 45.93
CA TYR B 71 5.37 11.75 44.57
C TYR B 71 6.59 12.44 44.00
N ILE B 72 6.98 13.58 44.51
CA ILE B 72 8.03 14.36 43.89
C ILE B 72 9.38 13.94 44.44
N SER B 73 10.37 13.83 43.56
CA SER B 73 11.75 13.57 43.92
C SER B 73 12.62 14.60 43.22
N SER B 74 13.90 14.65 43.58
CA SER B 74 14.74 15.74 43.14
C SER B 74 16.09 15.22 42.68
N ARG B 75 16.68 15.95 41.75
CA ARG B 75 18.03 15.69 41.26
C ARG B 75 18.83 16.98 41.34
N MET B 76 20.15 16.83 41.22
CA MET B 76 21.07 17.96 41.09
C MET B 76 21.55 18.00 39.65
N ALA B 77 20.96 18.88 38.86
CA ALA B 77 21.29 18.96 37.44
C ALA B 77 22.69 19.55 37.26
N GLY B 78 23.32 19.17 36.14
CA GLY B 78 24.66 19.63 35.84
C GLY B 78 24.73 21.14 35.68
N GLY B 79 25.35 21.81 36.64
CA GLY B 79 25.40 23.26 36.63
C GLY B 79 24.18 23.88 37.29
N GLY B 80 23.00 23.39 36.93
CA GLY B 80 21.76 23.90 37.47
C GLY B 80 21.50 23.48 38.90
N GLN B 81 20.43 24.01 39.49
CA GLN B 81 20.08 23.70 40.87
C GLN B 81 19.11 22.53 40.88
N LYS B 82 18.48 22.28 42.03
CA LYS B 82 17.55 21.17 42.23
C LYS B 82 16.48 21.16 41.15
N VAL B 83 16.29 20.00 40.53
CA VAL B 83 15.25 19.80 39.53
C VAL B 83 14.29 18.74 40.05
N CYS B 84 13.00 19.06 40.08
CA CYS B 84 11.99 18.16 40.62
C CYS B 84 11.34 17.35 39.50
N TYR B 85 10.95 16.13 39.84
CA TYR B 85 10.36 15.22 38.85
C TYR B 85 9.61 14.11 39.55
N ILE B 86 8.99 13.26 38.76
CA ILE B 86 8.27 12.09 39.23
C ILE B 86 8.90 10.86 38.58
N GLU B 87 9.20 9.85 39.39
CA GLU B 87 9.77 8.61 38.88
C GLU B 87 8.81 7.95 37.89
N GLY B 88 9.37 7.14 37.01
CA GLY B 88 8.60 6.51 35.95
C GLY B 88 7.56 5.54 36.43
N HIS B 89 7.96 4.63 37.33
CA HIS B 89 7.02 3.65 37.85
C HIS B 89 5.87 4.31 38.58
N ARG B 90 6.10 5.46 39.22
CA ARG B 90 5.01 6.15 39.89
C ARG B 90 3.99 6.65 38.88
N VAL B 91 4.46 7.15 37.74
CA VAL B 91 3.53 7.61 36.71
C VAL B 91 2.78 6.42 36.13
N ILE B 92 3.46 5.29 35.98
CA ILE B 92 2.78 4.09 35.47
C ILE B 92 1.70 3.65 36.43
N ASN B 93 1.98 3.69 37.73
CA ASN B 93 0.98 3.31 38.72
C ASN B 93 -0.19 4.29 38.72
N LEU B 94 0.10 5.59 38.63
CA LEU B 94 -0.97 6.57 38.57
C LEU B 94 -1.85 6.35 37.35
N ALA B 95 -1.24 6.00 36.22
CA ALA B 95 -2.04 5.75 35.02
C ALA B 95 -2.84 4.47 35.15
N ASN B 96 -2.26 3.44 35.77
CA ASN B 96 -2.98 2.19 35.95
C ASN B 96 -4.16 2.36 36.89
N GLU B 97 -4.07 3.32 37.82
CA GLU B 97 -5.16 3.46 38.76
C GLU B 97 -6.16 4.50 38.29
N MET B 98 -5.74 5.43 37.43
CA MET B 98 -6.68 6.38 36.84
C MET B 98 -7.59 5.71 35.82
N PHE B 99 -7.00 5.03 34.84
CA PHE B 99 -7.75 4.50 33.71
C PHE B 99 -7.96 3.00 33.74
N GLY B 100 -7.31 2.28 34.64
CA GLY B 100 -7.39 0.84 34.67
C GLY B 100 -6.30 0.20 33.82
N TYR B 101 -6.01 -1.06 34.16
CA TYR B 101 -4.98 -1.79 33.43
C TYR B 101 -5.32 -2.01 31.97
N ASN B 102 -6.56 -1.78 31.58
CA ASN B 102 -7.00 -1.95 30.20
C ASN B 102 -7.53 -0.66 29.59
N GLY B 103 -7.40 0.46 30.28
CA GLY B 103 -7.97 1.70 29.81
C GLY B 103 -6.99 2.63 29.16
N TRP B 104 -5.71 2.24 29.14
CA TRP B 104 -4.70 3.04 28.46
C TRP B 104 -3.66 2.13 27.85
N ALA B 105 -2.97 2.66 26.85
CA ALA B 105 -1.94 1.93 26.11
C ALA B 105 -0.90 2.92 25.65
N HIS B 106 0.29 2.41 25.31
CA HIS B 106 1.33 3.30 24.82
C HIS B 106 2.27 2.54 23.90
N SER B 107 2.71 3.23 22.86
CA SER B 107 3.58 2.66 21.84
C SER B 107 4.73 3.60 21.57
N ILE B 108 5.80 3.05 21.01
CA ILE B 108 6.96 3.82 20.58
C ILE B 108 6.89 3.93 19.07
N THR B 109 6.58 5.13 18.58
CA THR B 109 6.44 5.34 17.16
C THR B 109 7.80 5.35 16.47
N GLN B 110 8.81 5.91 17.12
CA GLN B 110 10.11 6.04 16.49
C GLN B 110 11.15 6.30 17.55
N GLN B 111 12.31 5.67 17.41
CA GLN B 111 13.46 5.94 18.26
C GLN B 111 14.68 6.08 17.39
N ASN B 112 15.32 7.23 17.47
CA ASN B 112 16.44 7.59 16.61
C ASN B 112 17.64 7.92 17.47
N VAL B 113 18.76 7.26 17.22
CA VAL B 113 19.99 7.53 17.95
C VAL B 113 20.62 8.79 17.36
N ASP B 114 20.51 9.89 18.09
CA ASP B 114 21.01 11.16 17.56
C ASP B 114 22.51 11.13 17.37
N PHE B 115 23.26 10.78 18.41
CA PHE B 115 24.70 10.74 18.18
C PHE B 115 25.36 9.85 19.22
N VAL B 116 26.48 9.25 18.81
CA VAL B 116 27.38 8.53 19.71
C VAL B 116 28.80 8.98 19.43
N ASP B 117 29.40 9.69 20.37
CA ASP B 117 30.70 10.32 20.20
C ASP B 117 31.69 9.80 21.23
N LEU B 118 32.97 9.86 20.88
CA LEU B 118 34.06 9.38 21.72
C LEU B 118 35.04 10.53 21.93
N ASN B 119 35.11 11.02 23.15
CA ASN B 119 35.99 12.13 23.51
C ASN B 119 36.82 11.67 24.70
N ASN B 120 38.14 11.68 24.53
CA ASN B 120 39.08 11.39 25.62
C ASN B 120 38.78 10.03 26.25
N GLY B 121 38.36 9.08 25.45
CA GLY B 121 38.11 7.72 25.91
C GLY B 121 36.75 7.52 26.54
N LYS B 122 35.94 8.56 26.67
CA LYS B 122 34.62 8.44 27.26
C LYS B 122 33.55 8.65 26.19
N PHE B 123 32.38 8.07 26.40
CA PHE B 123 31.33 8.06 25.41
C PHE B 123 30.21 9.03 25.74
N TYR B 124 29.72 9.73 24.73
CA TYR B 124 28.64 10.70 24.85
C TYR B 124 27.55 10.28 23.87
N VAL B 125 26.37 9.95 24.39
CA VAL B 125 25.30 9.37 23.60
C VAL B 125 24.03 10.18 23.81
N GLY B 126 23.32 10.43 22.71
CA GLY B 126 22.02 11.07 22.75
C GLY B 126 21.03 10.39 21.85
N VAL B 127 19.85 10.04 22.39
CA VAL B 127 18.85 9.25 21.70
C VAL B 127 17.48 9.89 21.86
N CYS B 128 16.68 9.86 20.80
CA CYS B 128 15.33 10.44 20.77
C CYS B 128 14.30 9.32 20.77
N ALA B 129 13.13 9.60 21.35
CA ALA B 129 12.03 8.65 21.33
C ALA B 129 10.72 9.40 21.21
N PHE B 130 9.82 8.88 20.37
CA PHE B 130 8.48 9.42 20.23
C PHE B 130 7.51 8.40 20.81
N VAL B 131 6.81 8.77 21.86
CA VAL B 131 5.93 7.86 22.58
C VAL B 131 4.51 8.38 22.48
N ARG B 132 3.58 7.49 22.17
CA ARG B 132 2.18 7.83 21.97
C ARG B 132 1.32 7.04 22.92
N VAL B 133 0.53 7.74 23.73
CA VAL B 133 -0.39 7.14 24.67
C VAL B 133 -1.80 7.29 24.14
N GLN B 134 -2.61 6.26 24.33
CA GLN B 134 -3.98 6.25 23.82
C GLN B 134 -4.90 5.62 24.85
N LEU B 135 -6.08 6.22 25.02
CA LEU B 135 -7.09 5.71 25.93
C LEU B 135 -8.02 4.75 25.22
N LYS B 136 -9.00 4.26 25.96
CA LYS B 136 -9.86 3.21 25.44
C LYS B 136 -11.01 3.73 24.60
N ASP B 137 -11.06 5.04 24.37
CA ASP B 137 -12.05 5.62 23.46
C ASP B 137 -11.41 6.21 22.22
N GLY B 138 -10.09 6.28 22.14
CA GLY B 138 -9.39 6.84 21.00
C GLY B 138 -8.60 8.08 21.31
N SER B 139 -8.77 8.68 22.47
CA SER B 139 -8.03 9.88 22.82
C SER B 139 -6.54 9.56 22.96
N TYR B 140 -5.71 10.37 22.32
CA TYR B 140 -4.29 10.07 22.30
C TYR B 140 -3.49 11.34 22.50
N HIS B 141 -2.25 11.15 22.92
CA HIS B 141 -1.27 12.23 23.05
C HIS B 141 0.09 11.65 22.78
N GLU B 142 0.86 12.30 21.91
CA GLU B 142 2.19 11.83 21.56
C GLU B 142 3.21 12.91 21.87
N ASP B 143 4.30 12.50 22.49
CA ASP B 143 5.33 13.45 22.88
C ASP B 143 6.71 12.86 22.63
N VAL B 144 7.73 13.69 22.84
CA VAL B 144 9.11 13.34 22.60
C VAL B 144 9.85 13.26 23.92
N GLY B 145 10.74 12.28 24.02
CA GLY B 145 11.61 12.15 25.16
C GLY B 145 13.05 11.97 24.71
N TYR B 146 13.99 12.35 25.55
CA TYR B 146 15.39 12.34 25.17
C TYR B 146 16.22 11.67 26.24
N GLY B 147 17.13 10.80 25.82
CA GLY B 147 18.02 10.09 26.71
C GLY B 147 19.45 10.50 26.46
N VAL B 148 20.16 10.78 27.56
CA VAL B 148 21.52 11.29 27.53
C VAL B 148 22.43 10.39 28.35
N SER B 149 23.63 10.14 27.82
CA SER B 149 24.68 9.49 28.59
C SER B 149 25.96 10.27 28.36
N GLU B 150 26.71 10.55 29.43
CA GLU B 150 27.83 11.47 29.36
C GLU B 150 29.18 10.87 29.72
N GLY B 151 29.30 10.12 30.80
CA GLY B 151 30.60 9.80 31.34
C GLY B 151 31.16 8.42 31.10
N LEU B 152 30.30 7.42 30.97
CA LEU B 152 30.68 6.01 30.96
C LEU B 152 31.77 5.68 29.96
N LYS B 153 32.53 4.62 30.22
CA LYS B 153 33.61 4.17 29.36
C LYS B 153 33.21 3.02 28.45
N SER B 154 31.96 2.59 28.48
CA SER B 154 31.50 1.45 27.70
C SER B 154 30.35 1.88 26.80
N LYS B 155 30.47 1.60 25.50
CA LYS B 155 29.49 2.07 24.55
C LYS B 155 28.14 1.40 24.75
N ALA B 156 28.16 0.10 25.06
CA ALA B 156 26.92 -0.64 25.20
C ALA B 156 26.08 -0.11 26.34
N LEU B 157 26.72 0.16 27.48
CA LEU B 157 25.97 0.66 28.63
C LEU B 157 25.44 2.07 28.38
N SER B 158 26.23 2.90 27.70
CA SER B 158 25.78 4.24 27.35
C SER B 158 24.54 4.18 26.48
N LEU B 159 24.59 3.37 25.42
CA LEU B 159 23.44 3.25 24.54
C LEU B 159 22.24 2.67 25.28
N GLU B 160 22.48 1.73 26.20
CA GLU B 160 21.39 1.17 26.98
C GLU B 160 20.69 2.24 27.79
N LYS B 161 21.46 3.01 28.56
CA LYS B 161 20.89 4.07 29.37
C LYS B 161 20.13 5.06 28.50
N ALA B 162 20.69 5.43 27.35
CA ALA B 162 20.03 6.39 26.49
C ALA B 162 18.71 5.84 25.96
N ARG B 163 18.72 4.64 25.38
CA ARG B 163 17.52 4.09 24.77
C ARG B 163 16.41 3.92 25.80
N LYS B 164 16.77 3.58 27.04
CA LYS B 164 15.73 3.34 28.04
C LYS B 164 15.19 4.64 28.60
N GLU B 165 16.09 5.55 28.98
CA GLU B 165 15.64 6.83 29.54
C GLU B 165 14.83 7.60 28.53
N ALA B 166 15.10 7.43 27.23
CA ALA B 166 14.31 8.10 26.22
C ALA B 166 12.85 7.69 26.27
N VAL B 167 12.58 6.39 26.28
CA VAL B 167 11.20 5.91 26.31
C VAL B 167 10.52 6.32 27.60
N THR B 168 11.25 6.27 28.72
CA THR B 168 10.61 6.67 29.97
C THR B 168 10.23 8.14 29.95
N ASP B 169 11.13 9.01 29.49
CA ASP B 169 10.82 10.42 29.40
C ASP B 169 9.66 10.68 28.45
N GLY B 170 9.62 9.97 27.33
CA GLY B 170 8.54 10.16 26.39
C GLY B 170 7.19 9.77 26.97
N LEU B 171 7.15 8.64 27.68
CA LEU B 171 5.92 8.20 28.32
C LEU B 171 5.44 9.22 29.33
N LYS B 172 6.35 9.74 30.15
CA LYS B 172 5.95 10.73 31.14
C LYS B 172 5.44 12.00 30.48
N ARG B 173 6.16 12.50 29.48
CA ARG B 173 5.76 13.75 28.84
C ARG B 173 4.47 13.58 28.05
N ALA B 174 4.15 12.36 27.63
CA ALA B 174 2.88 12.13 26.95
C ALA B 174 1.74 12.04 27.95
N LEU B 175 1.98 11.43 29.10
CA LEU B 175 0.93 11.33 30.10
C LEU B 175 0.67 12.66 30.78
N ARG B 176 1.62 13.59 30.71
CA ARG B 176 1.37 14.94 31.23
C ARG B 176 0.13 15.56 30.62
N SER B 177 -0.10 15.32 29.32
CA SER B 177 -1.11 16.06 28.58
C SER B 177 -2.53 15.70 28.97
N PHE B 178 -2.72 14.71 29.85
CA PHE B 178 -4.05 14.35 30.27
C PHE B 178 -4.52 15.16 31.47
N GLY B 179 -3.59 15.71 32.24
CA GLY B 179 -3.98 16.54 33.36
C GLY B 179 -2.90 16.58 34.42
N ASN B 180 -3.20 17.33 35.47
CA ASN B 180 -2.22 17.55 36.54
C ASN B 180 -1.93 16.26 37.29
N ALA B 181 -2.93 15.41 37.46
CA ALA B 181 -2.78 14.23 38.30
C ALA B 181 -1.78 13.23 37.75
N LEU B 182 -1.28 13.44 36.53
CA LEU B 182 -0.32 12.54 35.92
C LEU B 182 1.00 13.22 35.62
N GLY B 183 1.24 14.40 36.17
CA GLY B 183 2.54 15.03 36.05
C GLY B 183 2.57 16.35 35.31
N ASN B 184 1.42 16.97 35.10
CA ASN B 184 1.36 18.28 34.49
C ASN B 184 1.56 19.40 35.49
N CYS B 185 1.75 19.07 36.76
CA CYS B 185 1.92 20.04 37.81
C CYS B 185 3.38 20.29 38.14
N ILE B 186 4.28 19.39 37.77
CA ILE B 186 5.69 19.57 38.08
C ILE B 186 6.32 20.69 37.27
N LEU B 187 5.55 21.34 36.41
CA LEU B 187 6.05 22.45 35.60
C LEU B 187 5.59 23.80 36.12
N ASP B 188 4.56 23.85 36.94
CA ASP B 188 4.06 25.11 37.49
C ASP B 188 5.01 25.57 38.58
N LYS B 189 5.51 26.80 38.46
CA LYS B 189 6.43 27.32 39.47
C LYS B 189 5.71 27.59 40.78
N ASP B 190 4.42 27.92 40.72
CA ASP B 190 3.66 28.12 41.95
C ASP B 190 3.59 26.84 42.77
N TYR B 191 3.26 25.72 42.12
CA TYR B 191 3.16 24.44 42.82
C TYR B 191 4.53 24.00 43.35
N LEU B 192 5.58 24.25 42.57
CA LEU B 192 6.92 23.88 43.03
C LEU B 192 7.33 24.69 44.25
N ARG B 193 7.05 25.99 44.24
CA ARG B 193 7.36 26.82 45.40
C ARG B 193 6.54 26.39 46.61
N SER B 194 5.28 26.04 46.38
CA SER B 194 4.43 25.64 47.50
C SER B 194 4.81 24.27 48.05
N LEU B 195 5.48 23.45 47.24
CA LEU B 195 5.97 22.17 47.75
C LEU B 195 7.11 22.36 48.72
N ASN B 196 8.08 23.22 48.37
CA ASN B 196 9.23 23.44 49.24
C ASN B 196 8.82 24.08 50.57
N LYS B 197 7.60 24.60 50.65
CA LYS B 197 7.09 25.20 51.88
C LYS B 197 6.41 24.18 52.80
N LEU B 198 6.66 22.89 52.61
CA LEU B 198 6.03 21.85 53.41
C LEU B 198 7.11 21.03 54.10
N PRO B 199 6.79 20.38 55.22
CA PRO B 199 7.79 19.56 55.91
C PRO B 199 8.22 18.38 55.04
N ARG B 200 9.44 17.92 55.26
CA ARG B 200 10.01 16.80 54.53
C ARG B 200 9.74 15.52 55.30
N GLN B 201 8.95 14.63 54.69
CA GLN B 201 8.60 13.35 55.30
C GLN B 201 9.57 12.27 54.84
N LEU B 202 10.03 11.45 55.78
CA LEU B 202 10.92 10.36 55.45
C LEU B 202 10.16 9.30 54.64
N PRO B 203 10.78 8.68 53.65
CA PRO B 203 10.08 7.68 52.83
C PRO B 203 9.45 6.59 53.69
N LEU B 204 8.23 6.22 53.32
CA LEU B 204 7.49 5.21 54.07
C LEU B 204 8.12 3.84 53.89
N GLU B 205 8.00 3.01 54.92
CA GLU B 205 8.51 1.64 54.88
C GLU B 205 7.36 0.73 54.45
N VAL B 206 7.55 0.05 53.32
CA VAL B 206 6.47 -0.71 52.70
C VAL B 206 6.22 -2.00 53.46
N ASP B 207 4.96 -2.40 53.55
CA ASP B 207 4.56 -3.63 54.23
C ASP B 207 4.59 -4.78 53.24
N LEU B 208 5.12 -5.92 53.65
CA LEU B 208 5.22 -7.11 52.82
C LEU B 208 4.52 -8.31 53.44
N THR B 209 3.52 -8.09 54.30
CA THR B 209 2.86 -9.20 54.96
C THR B 209 1.80 -9.85 54.09
N LYS B 210 1.26 -9.12 53.12
CA LYS B 210 0.29 -9.67 52.18
C LYS B 210 0.77 -9.57 50.74
N ALA B 211 2.07 -9.66 50.51
CA ALA B 211 2.60 -9.64 49.15
C ALA B 211 2.31 -10.96 48.45
N LYS B 212 2.34 -10.92 47.13
CA LYS B 212 2.06 -12.13 46.36
C LYS B 212 3.17 -13.14 46.53
N ARG B 213 2.79 -14.37 46.86
CA ARG B 213 3.75 -15.43 47.14
C ARG B 213 3.48 -16.73 46.40
N GLN B 214 2.48 -16.77 45.52
CA GLN B 214 2.25 -17.93 44.67
C GLN B 214 1.53 -17.45 43.42
N ASP B 215 1.87 -18.07 42.29
CA ASP B 215 1.42 -17.55 41.01
C ASP B 215 -0.09 -17.65 40.86
N LEU B 216 -0.67 -18.76 41.28
CA LEU B 216 -2.09 -19.02 41.01
C LEU B 216 -2.96 -17.98 41.70
N GLU B 217 -4.00 -17.54 40.99
CA GLU B 217 -4.91 -16.51 41.49
C GLU B 217 -6.33 -17.05 41.39
N PRO B 218 -6.93 -17.50 42.50
CA PRO B 218 -8.25 -18.13 42.41
C PRO B 218 -9.34 -17.23 41.86
N SER B 219 -9.41 -15.99 42.32
CA SER B 219 -10.48 -15.09 41.89
C SER B 219 -10.40 -14.84 40.38
N VAL B 220 -9.20 -14.53 39.89
CA VAL B 220 -9.02 -14.25 38.47
C VAL B 220 -9.39 -15.48 37.65
N GLU B 221 -9.00 -16.66 38.13
CA GLU B 221 -9.26 -17.88 37.38
C GLU B 221 -10.74 -18.22 37.32
N GLU B 222 -11.45 -18.07 38.44
CA GLU B 222 -12.88 -18.38 38.42
C GLU B 222 -13.64 -17.36 37.57
N ALA B 223 -13.26 -16.08 37.67
CA ALA B 223 -13.88 -15.08 36.81
C ALA B 223 -13.62 -15.37 35.34
N ARG B 224 -12.41 -15.81 35.00
CA ARG B 224 -12.09 -16.10 33.61
C ARG B 224 -12.87 -17.31 33.11
N TYR B 225 -12.95 -18.35 33.93
CA TYR B 225 -13.71 -19.53 33.54
C TYR B 225 -15.17 -19.19 33.34
N ASN B 226 -15.71 -18.30 34.15
CA ASN B 226 -17.08 -17.89 33.94
C ASN B 226 -17.24 -16.95 32.75
N SER B 227 -16.17 -16.27 32.35
CA SER B 227 -16.22 -15.38 31.18
C SER B 227 -16.20 -16.11 29.86
N CYS B 228 -16.09 -17.44 29.86
CA CYS B 228 -16.07 -18.22 28.63
C CYS B 228 -17.39 -18.95 28.43
N CYS C 45 -12.69 -13.40 19.20
CA CYS C 45 -11.35 -13.48 18.66
C CYS C 45 -10.34 -12.89 19.64
N PHE C 46 -9.18 -12.52 19.13
CA PHE C 46 -8.19 -11.81 19.92
C PHE C 46 -8.20 -10.33 19.57
N GLY C 47 -7.90 -9.50 20.56
CA GLY C 47 -8.05 -8.08 20.35
C GLY C 47 -9.47 -7.63 20.24
N GLN C 48 -10.42 -8.53 20.43
CA GLN C 48 -11.84 -8.21 20.32
C GLN C 48 -12.69 -8.74 21.45
N CYS C 49 -12.13 -9.47 22.41
CA CYS C 49 -12.88 -9.80 23.61
C CYS C 49 -12.78 -8.68 24.62
N GLN C 50 -13.91 -8.37 25.25
CA GLN C 50 -13.95 -7.37 26.30
C GLN C 50 -14.09 -8.07 27.63
N TYR C 51 -13.31 -7.64 28.61
CA TYR C 51 -13.35 -8.25 29.93
C TYR C 51 -14.71 -8.01 30.58
N THR C 52 -15.27 -9.06 31.16
CA THR C 52 -16.47 -8.88 31.94
C THR C 52 -16.12 -8.22 33.26
N ALA C 53 -17.15 -7.70 33.94
CA ALA C 53 -16.92 -6.92 35.15
C ALA C 53 -16.13 -7.71 36.18
N GLU C 54 -16.47 -8.99 36.35
CA GLU C 54 -15.82 -9.79 37.37
C GLU C 54 -14.35 -9.97 37.08
N GLU C 55 -14.02 -10.31 35.84
CA GLU C 55 -12.62 -10.54 35.48
C GLU C 55 -11.83 -9.25 35.54
N TYR C 56 -12.41 -8.13 35.10
CA TYR C 56 -11.70 -6.86 35.19
C TYR C 56 -11.39 -6.51 36.64
N GLN C 57 -12.39 -6.62 37.51
CA GLN C 57 -12.18 -6.30 38.91
C GLN C 57 -11.11 -7.20 39.52
N ALA C 58 -11.17 -8.49 39.21
CA ALA C 58 -10.20 -9.43 39.77
C ALA C 58 -8.79 -9.10 39.33
N ILE C 59 -8.59 -8.85 38.03
CA ILE C 59 -7.26 -8.56 37.53
C ILE C 59 -6.74 -7.24 38.08
N GLN C 60 -7.62 -6.25 38.21
CA GLN C 60 -7.17 -4.95 38.73
C GLN C 60 -6.75 -5.06 40.19
N LYS C 61 -7.47 -5.87 40.97
CA LYS C 61 -7.01 -6.14 42.33
C LYS C 61 -5.68 -6.87 42.31
N ALA C 62 -5.56 -7.89 41.47
CA ALA C 62 -4.39 -8.75 41.52
C ALA C 62 -3.13 -8.03 41.06
N LEU C 63 -3.27 -7.01 40.20
CA LEU C 63 -2.09 -6.35 39.66
C LEU C 63 -1.48 -5.36 40.64
N ARG C 64 -2.22 -4.95 41.65
CA ARG C 64 -1.69 -4.00 42.62
C ARG C 64 -0.78 -4.68 43.63
N GLN C 65 -0.94 -5.98 43.83
CA GLN C 65 -0.16 -6.69 44.82
C GLN C 65 1.31 -6.70 44.44
N ARG C 66 2.16 -6.36 45.41
CA ARG C 66 3.60 -6.41 45.21
C ARG C 66 4.08 -7.85 45.23
N LEU C 67 5.28 -8.06 44.73
CA LEU C 67 5.86 -9.39 44.65
C LEU C 67 6.64 -9.70 45.92
N GLY C 68 6.65 -10.98 46.28
CA GLY C 68 7.32 -11.43 47.47
C GLY C 68 8.80 -11.63 47.24
N PRO C 69 9.53 -12.01 48.29
CA PRO C 69 10.97 -12.21 48.14
C PRO C 69 11.30 -13.46 47.34
N GLU C 70 10.32 -14.33 47.09
CA GLU C 70 10.54 -15.54 46.33
C GLU C 70 10.95 -15.28 44.90
N TYR C 71 10.53 -14.15 44.34
CA TYR C 71 10.73 -13.84 42.94
C TYR C 71 12.01 -13.08 42.66
N ILE C 72 12.46 -12.27 43.58
CA ILE C 72 13.58 -11.38 43.32
C ILE C 72 14.89 -12.14 43.43
N SER C 73 15.81 -11.82 42.53
CA SER C 73 17.15 -12.38 42.55
C SER C 73 18.13 -11.24 42.29
N SER C 74 19.42 -11.53 42.42
CA SER C 74 20.39 -10.45 42.49
C SER C 74 21.60 -10.74 41.62
N ARG C 75 22.18 -9.67 41.09
CA ARG C 75 23.44 -9.73 40.36
C ARG C 75 24.39 -8.70 40.94
N MET C 76 25.66 -8.83 40.58
CA MET C 76 26.68 -7.84 40.90
C MET C 76 27.09 -7.14 39.60
N ALA C 77 26.62 -5.92 39.42
CA ALA C 77 26.87 -5.20 38.19
C ALA C 77 28.32 -4.77 38.08
N GLY C 78 28.82 -4.74 36.85
CA GLY C 78 30.19 -4.34 36.59
C GLY C 78 30.44 -2.88 36.94
N GLY C 79 31.29 -2.65 37.95
CA GLY C 79 31.52 -1.33 38.47
C GLY C 79 30.49 -0.86 39.48
N GLY C 80 29.37 -1.57 39.60
CA GLY C 80 28.32 -1.23 40.52
C GLY C 80 28.17 -2.24 41.64
N GLN C 81 26.96 -2.30 42.19
CA GLN C 81 26.66 -3.15 43.33
C GLN C 81 25.40 -3.98 43.07
N LYS C 82 24.89 -4.62 44.12
CA LYS C 82 23.75 -5.51 44.06
C LYS C 82 22.61 -4.88 43.27
N VAL C 83 22.24 -5.51 42.16
CA VAL C 83 21.09 -5.11 41.36
C VAL C 83 20.05 -6.22 41.44
N CYS C 84 18.83 -5.85 41.83
CA CYS C 84 17.74 -6.81 41.97
C CYS C 84 16.92 -6.86 40.70
N TYR C 85 16.42 -8.07 40.39
CA TYR C 85 15.67 -8.27 39.17
C TYR C 85 14.79 -9.50 39.31
N ILE C 86 13.96 -9.71 38.29
CA ILE C 86 13.10 -10.88 38.19
C ILE C 86 13.50 -11.65 36.94
N GLU C 87 13.73 -12.95 37.08
CA GLU C 87 14.11 -13.76 35.95
C GLU C 87 12.97 -13.87 34.95
N GLY C 88 13.32 -14.01 33.67
CA GLY C 88 12.36 -13.95 32.59
C GLY C 88 11.24 -14.97 32.66
N HIS C 89 11.58 -16.22 32.93
CA HIS C 89 10.56 -17.26 32.96
C HIS C 89 9.57 -17.03 34.07
N ARG C 90 10.01 -16.42 35.17
CA ARG C 90 9.09 -16.09 36.25
C ARG C 90 8.07 -15.05 35.80
N VAL C 91 8.52 -14.10 34.98
CA VAL C 91 7.60 -13.08 34.48
C VAL C 91 6.63 -13.69 33.47
N ILE C 92 7.11 -14.64 32.68
CA ILE C 92 6.23 -15.34 31.75
C ILE C 92 5.17 -16.12 32.51
N ASN C 93 5.57 -16.78 33.60
CA ASN C 93 4.60 -17.52 34.42
C ASN C 93 3.60 -16.58 35.07
N LEU C 94 4.06 -15.44 35.58
CA LEU C 94 3.15 -14.47 36.16
C LEU C 94 2.15 -13.97 35.14
N ALA C 95 2.60 -13.71 33.91
CA ALA C 95 1.69 -13.24 32.87
C ALA C 95 0.70 -14.33 32.48
N ASN C 96 1.16 -15.59 32.41
CA ASN C 96 0.27 -16.68 32.07
C ASN C 96 -0.78 -16.89 33.14
N GLU C 97 -0.43 -16.67 34.40
CA GLU C 97 -1.41 -16.93 35.45
C GLU C 97 -2.31 -15.73 35.68
N MET C 98 -1.84 -14.53 35.34
CA MET C 98 -2.70 -13.36 35.44
C MET C 98 -3.76 -13.36 34.34
N PHE C 99 -3.33 -13.33 33.09
CA PHE C 99 -4.24 -13.16 31.97
C PHE C 99 -4.67 -14.45 31.29
N GLY C 100 -3.96 -15.54 31.51
CA GLY C 100 -4.25 -16.79 30.83
C GLY C 100 -3.33 -17.00 29.64
N TYR C 101 -3.22 -18.26 29.25
CA TYR C 101 -2.41 -18.59 28.09
C TYR C 101 -2.96 -17.97 26.82
N ASN C 102 -4.22 -17.58 26.82
CA ASN C 102 -4.88 -16.98 25.67
C ASN C 102 -5.22 -15.51 25.92
N GLY C 103 -4.60 -14.92 26.93
CA GLY C 103 -4.97 -13.59 27.34
C GLY C 103 -4.00 -12.52 26.92
N TRP C 104 -2.76 -12.90 26.64
CA TRP C 104 -1.75 -11.94 26.24
C TRP C 104 -0.94 -12.48 25.08
N ALA C 105 -0.32 -11.56 24.35
CA ALA C 105 0.53 -11.89 23.22
C ALA C 105 1.69 -10.91 23.19
N HIS C 106 2.75 -11.27 22.49
CA HIS C 106 3.84 -10.31 22.35
C HIS C 106 4.60 -10.52 21.04
N SER C 107 5.06 -9.41 20.48
CA SER C 107 5.77 -9.38 19.21
C SER C 107 7.04 -8.57 19.36
N ILE C 108 7.95 -8.79 18.42
CA ILE C 108 9.18 -8.02 18.30
C ILE C 108 9.04 -7.11 17.10
N THR C 109 8.79 -5.82 17.34
CA THR C 109 8.52 -4.91 16.24
C THR C 109 9.81 -4.52 15.51
N GLN C 110 10.95 -4.64 16.19
CA GLN C 110 12.22 -4.26 15.59
C GLN C 110 13.34 -4.80 16.43
N GLN C 111 14.46 -5.11 15.78
CA GLN C 111 15.69 -5.46 16.46
C GLN C 111 16.86 -5.00 15.62
N ASN C 112 17.67 -4.09 16.16
CA ASN C 112 18.81 -3.54 15.46
C ASN C 112 20.07 -3.86 16.24
N VAL C 113 21.08 -4.39 15.55
CA VAL C 113 22.38 -4.59 16.16
C VAL C 113 23.08 -3.25 16.20
N ASP C 114 23.19 -2.66 17.39
CA ASP C 114 23.82 -1.36 17.52
C ASP C 114 25.29 -1.41 17.13
N PHE C 115 26.05 -2.32 17.73
CA PHE C 115 27.45 -2.36 17.33
C PHE C 115 28.05 -3.73 17.62
N VAL C 116 29.03 -4.09 16.80
CA VAL C 116 29.87 -5.26 16.99
C VAL C 116 31.32 -4.83 16.83
N ASP C 117 32.04 -4.68 17.93
CA ASP C 117 33.41 -4.20 17.93
C ASP C 117 34.37 -5.29 18.37
N LEU C 118 35.61 -5.19 17.90
CA LEU C 118 36.66 -6.13 18.25
C LEU C 118 37.82 -5.33 18.84
N ASN C 119 38.11 -5.58 20.11
CA ASN C 119 39.16 -4.86 20.83
C ASN C 119 40.01 -5.90 21.55
N ASN C 120 41.30 -5.91 21.24
CA ASN C 120 42.27 -6.78 21.91
C ASN C 120 41.84 -8.23 21.83
N GLY C 121 41.28 -8.61 20.70
CA GLY C 121 40.88 -9.98 20.47
C GLY C 121 39.55 -10.38 21.07
N LYS C 122 38.89 -9.48 21.79
CA LYS C 122 37.62 -9.80 22.42
C LYS C 122 36.50 -8.98 21.78
N PHE C 123 35.29 -9.53 21.83
CA PHE C 123 34.15 -8.98 21.11
C PHE C 123 33.22 -8.23 22.05
N TYR C 124 32.82 -7.02 21.66
CA TYR C 124 31.89 -6.19 22.40
C TYR C 124 30.68 -5.95 21.50
N VAL C 125 29.54 -6.50 21.90
CA VAL C 125 28.33 -6.48 21.07
C VAL C 125 27.22 -5.82 21.87
N GLY C 126 26.49 -4.93 21.22
CA GLY C 126 25.33 -4.29 21.78
C GLY C 126 24.15 -4.30 20.82
N VAL C 127 23.02 -4.81 21.30
CA VAL C 127 21.84 -5.07 20.48
C VAL C 127 20.61 -4.50 21.18
N CYS C 128 19.67 -3.98 20.38
CA CYS C 128 18.45 -3.38 20.88
C CYS C 128 17.23 -4.11 20.32
N ALA C 129 16.15 -4.14 21.11
CA ALA C 129 14.92 -4.77 20.66
C ALA C 129 13.73 -3.98 21.17
N PHE C 130 12.63 -4.03 20.43
CA PHE C 130 11.37 -3.38 20.78
C PHE C 130 10.31 -4.45 20.89
N VAL C 131 9.78 -4.66 22.09
CA VAL C 131 8.81 -5.72 22.34
C VAL C 131 7.48 -5.09 22.69
N ARG C 132 6.42 -5.63 22.10
CA ARG C 132 5.07 -5.11 22.27
C ARG C 132 4.18 -6.21 22.83
N VAL C 133 3.61 -5.97 24.00
CA VAL C 133 2.69 -6.90 24.66
C VAL C 133 1.28 -6.38 24.46
N GLN C 134 0.35 -7.29 24.19
CA GLN C 134 -1.03 -6.92 23.91
C GLN C 134 -1.97 -7.87 24.63
N LEU C 135 -2.97 -7.31 25.28
CA LEU C 135 -3.97 -8.12 25.96
C LEU C 135 -5.10 -8.47 25.02
N LYS C 136 -6.06 -9.23 25.53
CA LYS C 136 -7.10 -9.77 24.66
C LYS C 136 -8.22 -8.78 24.40
N ASP C 137 -8.18 -7.60 25.00
CA ASP C 137 -9.12 -6.55 24.68
C ASP C 137 -8.55 -5.49 23.76
N GLY C 138 -7.28 -5.57 23.43
CA GLY C 138 -6.63 -4.58 22.60
C GLY C 138 -5.67 -3.67 23.32
N SER C 139 -5.49 -3.84 24.62
CA SER C 139 -4.57 -3.01 25.37
C SER C 139 -3.15 -3.45 25.11
N TYR C 140 -2.26 -2.48 24.94
CA TYR C 140 -0.90 -2.82 24.55
C TYR C 140 0.08 -1.91 25.26
N HIS C 141 1.27 -2.45 25.48
CA HIS C 141 2.39 -1.69 26.01
C HIS C 141 3.65 -2.13 25.31
N GLU C 142 4.43 -1.16 24.84
CA GLU C 142 5.62 -1.44 24.06
C GLU C 142 6.82 -0.82 24.74
N ASP C 143 7.92 -1.55 24.79
CA ASP C 143 9.10 -1.01 25.46
C ASP C 143 10.36 -1.57 24.82
N VAL C 144 11.47 -0.91 25.12
CA VAL C 144 12.78 -1.22 24.54
C VAL C 144 13.60 -2.01 25.55
N GLY C 145 14.27 -3.04 25.05
CA GLY C 145 15.23 -3.79 25.84
C GLY C 145 16.59 -3.78 25.17
N TYR C 146 17.64 -3.95 25.96
CA TYR C 146 18.99 -3.88 25.45
C TYR C 146 19.79 -5.07 25.95
N GLY C 147 20.58 -5.66 25.05
CA GLY C 147 21.44 -6.79 25.37
C GLY C 147 22.88 -6.47 25.09
N VAL C 148 23.75 -6.89 26.01
CA VAL C 148 25.16 -6.57 25.99
C VAL C 148 25.96 -7.86 26.09
N SER C 149 27.10 -7.90 25.41
CA SER C 149 28.07 -8.97 25.62
C SER C 149 29.46 -8.37 25.48
N GLU C 150 30.28 -8.49 26.51
CA GLU C 150 31.53 -7.75 26.55
C GLU C 150 32.79 -8.61 26.46
N GLY C 151 32.86 -9.75 27.12
CA GLY C 151 34.12 -10.45 27.24
C GLY C 151 34.39 -11.53 26.22
N LEU C 152 33.36 -12.22 25.76
CA LEU C 152 33.50 -13.44 24.96
C LEU C 152 34.42 -13.28 23.77
N LYS C 153 34.98 -14.39 23.29
CA LYS C 153 35.98 -14.39 22.24
C LYS C 153 35.44 -14.94 20.92
N SER C 154 34.17 -15.31 20.86
CA SER C 154 33.55 -15.85 19.66
C SER C 154 32.40 -14.94 19.27
N LYS C 155 32.38 -14.49 18.00
CA LYS C 155 31.42 -13.49 17.57
C LYS C 155 30.00 -14.02 17.64
N ALA C 156 29.81 -15.28 17.24
CA ALA C 156 28.47 -15.84 17.17
C ALA C 156 27.84 -15.94 18.54
N LEU C 157 28.59 -16.43 19.52
CA LEU C 157 28.07 -16.54 20.88
C LEU C 157 27.72 -15.17 21.44
N SER C 158 28.54 -14.16 21.14
CA SER C 158 28.27 -12.82 21.63
C SER C 158 26.98 -12.27 21.03
N LEU C 159 26.81 -12.38 19.71
CA LEU C 159 25.60 -11.89 19.09
C LEU C 159 24.38 -12.64 19.60
N GLU C 160 24.51 -13.95 19.82
CA GLU C 160 23.42 -14.75 20.35
C GLU C 160 22.99 -14.24 21.71
N LYS C 161 23.94 -14.11 22.63
CA LYS C 161 23.63 -13.62 23.97
C LYS C 161 22.99 -12.25 23.90
N ALA C 162 23.54 -11.37 23.07
CA ALA C 162 23.01 -10.01 22.96
C ALA C 162 21.55 -10.03 22.51
N ARG C 163 21.26 -10.73 21.42
CA ARG C 163 19.91 -10.73 20.87
C ARG C 163 18.90 -11.31 21.84
N LYS C 164 19.24 -12.46 22.44
CA LYS C 164 18.29 -13.12 23.32
C LYS C 164 18.04 -12.30 24.58
N GLU C 165 19.10 -11.77 25.19
CA GLU C 165 18.93 -10.92 26.36
C GLU C 165 18.15 -9.67 26.02
N ALA C 166 18.33 -9.14 24.80
CA ALA C 166 17.57 -7.96 24.40
C ALA C 166 16.09 -8.24 24.37
N VAL C 167 15.67 -9.33 23.72
CA VAL C 167 14.25 -9.61 23.62
C VAL C 167 13.66 -9.91 24.99
N THR C 168 14.41 -10.60 25.84
CA THR C 168 13.89 -10.90 27.18
C THR C 168 13.74 -9.64 28.01
N ASP C 169 14.73 -8.75 27.98
CA ASP C 169 14.63 -7.49 28.70
C ASP C 169 13.46 -6.67 28.21
N GLY C 170 13.25 -6.64 26.89
CA GLY C 170 12.12 -5.89 26.37
C GLY C 170 10.79 -6.44 26.84
N LEU C 171 10.67 -7.77 26.85
CA LEU C 171 9.43 -8.38 27.33
C LEU C 171 9.17 -8.02 28.78
N LYS C 172 10.20 -8.11 29.64
CA LYS C 172 10.02 -7.78 31.04
C LYS C 172 9.63 -6.31 31.21
N ARG C 173 10.33 -5.41 30.52
CA ARG C 173 10.05 -3.99 30.69
C ARG C 173 8.70 -3.61 30.12
N ALA C 174 8.20 -4.35 29.13
CA ALA C 174 6.88 -4.08 28.61
C ALA C 174 5.80 -4.61 29.53
N LEU C 175 6.07 -5.74 30.20
CA LEU C 175 5.09 -6.29 31.12
C LEU C 175 5.03 -5.48 32.42
N ARG C 176 6.09 -4.75 32.75
CA ARG C 176 6.04 -3.88 33.93
C ARG C 176 4.88 -2.91 33.88
N SER C 177 4.55 -2.40 32.68
CA SER C 177 3.59 -1.32 32.57
C SER C 177 2.17 -1.73 32.93
N PHE C 178 1.91 -3.01 33.13
CA PHE C 178 0.57 -3.43 33.50
C PHE C 178 0.31 -3.36 35.00
N GLY C 179 1.34 -3.38 35.83
CA GLY C 179 1.14 -3.18 37.24
C GLY C 179 2.31 -3.72 38.05
N ASN C 180 2.14 -3.63 39.37
CA ASN C 180 3.19 -4.05 40.30
C ASN C 180 3.42 -5.55 40.22
N ALA C 181 2.35 -6.33 40.06
CA ALA C 181 2.46 -7.78 40.08
C ALA C 181 3.26 -8.33 38.92
N LEU C 182 3.65 -7.50 37.96
CA LEU C 182 4.41 -7.98 36.81
C LEU C 182 5.78 -7.31 36.72
N GLY C 183 6.27 -6.73 37.82
CA GLY C 183 7.63 -6.26 37.87
C GLY C 183 7.81 -4.77 37.97
N ASN C 184 6.74 -4.05 38.26
CA ASN C 184 6.83 -2.61 38.50
C ASN C 184 7.32 -2.27 39.90
N CYS C 185 7.53 -3.29 40.74
CA CYS C 185 8.02 -3.10 42.09
C CYS C 185 9.53 -3.02 42.17
N ILE C 186 10.25 -3.68 41.26
CA ILE C 186 11.70 -3.75 41.39
C ILE C 186 12.35 -2.41 41.17
N LEU C 187 11.56 -1.38 40.84
CA LEU C 187 12.12 -0.06 40.61
C LEU C 187 11.93 0.84 41.83
N ASP C 188 10.92 0.56 42.65
CA ASP C 188 10.67 1.34 43.86
C ASP C 188 11.79 1.09 44.86
N LYS C 189 12.43 2.15 45.32
CA LYS C 189 13.51 2.00 46.28
C LYS C 189 12.98 1.63 47.66
N ASP C 190 11.75 2.04 47.97
CA ASP C 190 11.15 1.68 49.25
C ASP C 190 10.94 0.18 49.36
N TYR C 191 10.34 -0.42 48.33
CA TYR C 191 10.09 -1.86 48.34
C TYR C 191 11.41 -2.64 48.35
N LEU C 192 12.41 -2.16 47.60
CA LEU C 192 13.71 -2.83 47.59
C LEU C 192 14.37 -2.78 48.96
N ARG C 193 14.36 -1.61 49.60
CA ARG C 193 14.97 -1.50 50.92
C ARG C 193 14.18 -2.29 51.96
N SER C 194 12.89 -2.47 51.73
CA SER C 194 12.09 -3.27 52.65
C SER C 194 12.33 -4.76 52.45
N LEU C 195 12.68 -5.19 51.23
CA LEU C 195 12.97 -6.60 51.00
C LEU C 195 14.20 -7.06 51.77
N ASN C 196 15.25 -6.26 51.82
CA ASN C 196 16.47 -6.68 52.49
C ASN C 196 16.28 -6.82 53.99
N LYS C 197 15.18 -6.28 54.52
CA LYS C 197 14.91 -6.39 55.96
C LYS C 197 14.18 -7.68 56.30
N LEU C 198 14.11 -8.60 55.35
CA LEU C 198 13.44 -9.87 55.55
C LEU C 198 14.48 -10.99 55.49
N PRO C 199 14.21 -12.12 56.16
CA PRO C 199 15.21 -13.18 56.22
C PRO C 199 15.49 -13.78 54.85
N ARG C 200 16.69 -14.32 54.69
CA ARG C 200 17.12 -14.94 53.44
C ARG C 200 16.64 -16.38 53.45
N GLN C 201 15.48 -16.61 52.83
CA GLN C 201 14.86 -17.93 52.86
C GLN C 201 15.61 -18.90 51.95
N LEU C 202 15.55 -20.18 52.29
CA LEU C 202 16.29 -21.21 51.58
C LEU C 202 15.74 -21.38 50.16
N PRO C 203 16.54 -21.87 49.22
CA PRO C 203 16.00 -22.22 47.91
C PRO C 203 15.01 -23.37 48.01
N LEU C 204 13.86 -23.20 47.38
CA LEU C 204 12.81 -24.21 47.45
C LEU C 204 13.17 -25.41 46.60
N GLU C 205 12.53 -26.54 46.92
CA GLU C 205 12.68 -27.77 46.16
C GLU C 205 11.42 -28.04 45.34
N VAL C 206 11.59 -28.68 44.20
CA VAL C 206 10.51 -28.90 43.25
C VAL C 206 10.13 -30.37 43.28
N ASP C 207 8.85 -30.64 43.53
CA ASP C 207 8.31 -31.99 43.49
C ASP C 207 8.14 -32.43 42.05
N LEU C 208 8.57 -33.65 41.73
CA LEU C 208 8.48 -34.18 40.38
C LEU C 208 7.72 -35.49 40.36
N THR C 209 6.73 -35.65 41.23
CA THR C 209 5.93 -36.86 41.26
C THR C 209 4.69 -36.78 40.40
N LYS C 210 4.18 -35.58 40.15
CA LYS C 210 3.08 -35.40 39.22
C LYS C 210 3.52 -34.72 37.94
N ALA C 211 4.81 -34.81 37.61
CA ALA C 211 5.31 -34.23 36.37
C ALA C 211 4.75 -34.97 35.16
N LYS C 212 4.66 -34.25 34.05
CA LYS C 212 4.15 -34.84 32.82
C LYS C 212 5.15 -35.83 32.25
N ARG C 213 4.70 -37.04 31.97
CA ARG C 213 5.57 -38.10 31.49
C ARG C 213 5.17 -38.67 30.14
N GLN C 214 4.01 -38.28 29.61
CA GLN C 214 3.56 -38.73 28.31
C GLN C 214 2.81 -37.60 27.63
N ASP C 215 2.83 -37.62 26.31
CA ASP C 215 2.33 -36.49 25.54
C ASP C 215 0.81 -36.41 25.56
N LEU C 216 0.14 -37.55 25.45
CA LEU C 216 -1.31 -37.55 25.37
C LEU C 216 -1.93 -37.00 26.65
N GLU C 217 -2.97 -36.18 26.47
CA GLU C 217 -3.66 -35.53 27.59
C GLU C 217 -5.16 -35.74 27.41
N PRO C 218 -5.77 -36.64 28.17
CA PRO C 218 -7.18 -36.99 27.91
C PRO C 218 -8.15 -35.82 28.05
N SER C 219 -7.94 -34.97 29.05
CA SER C 219 -8.91 -33.92 29.34
C SER C 219 -9.01 -32.92 28.19
N VAL C 220 -7.87 -32.42 27.72
CA VAL C 220 -7.88 -31.43 26.66
C VAL C 220 -8.41 -32.04 25.37
N GLU C 221 -8.11 -33.33 25.14
CA GLU C 221 -8.57 -33.98 23.92
C GLU C 221 -10.09 -34.14 23.92
N GLU C 222 -10.66 -34.60 25.03
CA GLU C 222 -12.11 -34.73 25.11
C GLU C 222 -12.77 -33.36 24.98
N ALA C 223 -12.22 -32.36 25.66
CA ALA C 223 -12.77 -31.02 25.58
C ALA C 223 -12.74 -30.48 24.16
N ARG C 224 -11.63 -30.73 23.45
CA ARG C 224 -11.51 -30.22 22.09
C ARG C 224 -12.47 -30.94 21.15
N TYR C 225 -12.61 -32.25 21.32
CA TYR C 225 -13.53 -33.00 20.48
C TYR C 225 -14.97 -32.54 20.70
N ASN C 226 -15.31 -32.20 21.95
CA ASN C 226 -16.64 -31.67 22.20
C ASN C 226 -16.80 -30.23 21.73
N SER C 227 -15.73 -29.59 21.27
CA SER C 227 -15.78 -28.21 20.82
C SER C 227 -16.06 -28.06 19.33
N CYS C 228 -16.10 -29.16 18.59
CA CYS C 228 -16.36 -29.11 17.15
C CYS C 228 -17.78 -29.56 16.85
N CYS D 45 -12.97 -19.94 10.88
CA CYS D 45 -11.64 -20.24 10.35
C CYS D 45 -10.62 -20.45 11.46
N PHE D 46 -9.36 -20.45 11.07
CA PHE D 46 -8.26 -20.38 12.02
C PHE D 46 -7.95 -18.92 12.32
N GLY D 47 -7.62 -18.64 13.57
CA GLY D 47 -7.40 -17.28 14.00
C GLY D 47 -8.65 -16.58 14.48
N GLN D 48 -9.82 -17.15 14.27
CA GLN D 48 -11.06 -16.57 14.75
C GLN D 48 -11.94 -17.53 15.53
N CYS D 49 -11.42 -18.70 15.92
CA CYS D 49 -12.15 -19.58 16.81
C CYS D 49 -11.76 -19.31 18.25
N GLN D 50 -12.76 -19.19 19.12
CA GLN D 50 -12.54 -18.90 20.53
C GLN D 50 -12.72 -20.17 21.33
N TYR D 51 -11.81 -20.40 22.27
CA TYR D 51 -11.87 -21.61 23.09
C TYR D 51 -13.12 -21.60 23.94
N THR D 52 -13.75 -22.76 24.06
CA THR D 52 -14.84 -22.90 25.00
C THR D 52 -14.29 -23.03 26.41
N ALA D 53 -15.20 -22.99 27.38
CA ALA D 53 -14.77 -22.99 28.78
C ALA D 53 -14.02 -24.25 29.12
N GLU D 54 -14.53 -25.39 28.65
CA GLU D 54 -13.92 -26.67 28.97
C GLU D 54 -12.51 -26.76 28.43
N GLU D 55 -12.33 -26.43 27.16
CA GLU D 55 -11.01 -26.54 26.55
C GLU D 55 -10.03 -25.55 27.16
N TYR D 56 -10.48 -24.32 27.44
CA TYR D 56 -9.61 -23.34 28.06
C TYR D 56 -9.14 -23.81 29.43
N GLN D 57 -10.08 -24.28 30.25
CA GLN D 57 -9.73 -24.79 31.57
C GLN D 57 -8.73 -25.93 31.46
N ALA D 58 -8.99 -26.88 30.55
CA ALA D 58 -8.11 -28.02 30.39
C ALA D 58 -6.71 -27.59 30.01
N ILE D 59 -6.58 -26.69 29.04
CA ILE D 59 -5.26 -26.28 28.57
C ILE D 59 -4.53 -25.49 29.64
N GLN D 60 -5.24 -24.62 30.35
CA GLN D 60 -4.58 -23.83 31.38
C GLN D 60 -4.08 -24.71 32.52
N LYS D 61 -4.83 -25.76 32.84
CA LYS D 61 -4.32 -26.74 33.81
C LYS D 61 -3.10 -27.44 33.25
N ALA D 62 -3.18 -27.89 32.00
CA ALA D 62 -2.16 -28.78 31.46
C ALA D 62 -0.84 -28.05 31.21
N LEU D 63 -0.90 -26.73 31.05
CA LEU D 63 0.32 -26.00 30.75
C LEU D 63 1.14 -25.69 32.00
N ARG D 64 0.52 -25.78 33.17
CA ARG D 64 1.26 -25.51 34.40
C ARG D 64 2.16 -26.68 34.77
N GLN D 65 1.88 -27.87 34.26
CA GLN D 65 2.62 -29.07 34.64
C GLN D 65 4.04 -28.99 34.12
N ARG D 66 5.00 -29.32 34.98
CA ARG D 66 6.39 -29.39 34.56
C ARG D 66 6.66 -30.68 33.81
N LEU D 67 7.74 -30.69 33.05
CA LEU D 67 8.08 -31.86 32.25
C LEU D 67 8.88 -32.86 33.08
N GLY D 68 8.70 -34.13 32.75
CA GLY D 68 9.42 -35.19 33.41
C GLY D 68 10.83 -35.31 32.90
N PRO D 69 11.59 -36.26 33.43
CA PRO D 69 12.97 -36.45 32.97
C PRO D 69 13.06 -37.10 31.60
N GLU D 70 11.94 -37.58 31.05
CA GLU D 70 11.93 -38.18 29.73
C GLU D 70 12.32 -37.17 28.67
N TYR D 71 11.92 -35.92 28.84
CA TYR D 71 12.02 -34.95 27.76
C TYR D 71 13.35 -34.24 27.75
N ILE D 72 14.12 -34.31 28.83
CA ILE D 72 15.31 -33.50 28.95
C ILE D 72 16.51 -34.24 28.37
N SER D 73 17.42 -33.48 27.75
CA SER D 73 18.64 -34.03 27.17
C SER D 73 19.81 -33.26 27.77
N SER D 74 21.00 -33.46 27.21
CA SER D 74 22.18 -32.84 27.75
C SER D 74 23.20 -32.62 26.66
N ARG D 75 23.93 -31.51 26.77
CA ARG D 75 25.02 -31.17 25.88
C ARG D 75 26.21 -30.70 26.70
N MET D 76 27.39 -30.79 26.10
CA MET D 76 28.62 -30.29 26.70
C MET D 76 29.07 -29.09 25.89
N ALA D 77 28.83 -27.89 26.43
CA ALA D 77 29.06 -26.67 25.66
C ALA D 77 30.55 -26.35 25.58
N GLY D 78 30.95 -25.72 24.47
CA GLY D 78 32.31 -25.29 24.30
C GLY D 78 32.66 -24.10 25.17
N GLY D 79 33.52 -24.32 26.16
CA GLY D 79 33.86 -23.30 27.14
C GLY D 79 33.02 -23.36 28.40
N GLY D 80 31.89 -24.04 28.36
CA GLY D 80 31.03 -24.21 29.51
C GLY D 80 30.91 -25.65 29.94
N GLN D 81 29.79 -25.97 30.59
CA GLN D 81 29.53 -27.31 31.08
C GLN D 81 28.13 -27.78 30.70
N LYS D 82 27.68 -28.86 31.33
CA LYS D 82 26.44 -29.54 30.97
C LYS D 82 25.27 -28.57 30.88
N VAL D 83 24.68 -28.46 29.69
CA VAL D 83 23.47 -27.67 29.47
C VAL D 83 22.33 -28.64 29.21
N CYS D 84 21.17 -28.36 29.81
CA CYS D 84 19.98 -29.16 29.59
C CYS D 84 19.06 -28.46 28.60
N TYR D 85 18.36 -29.26 27.80
CA TYR D 85 17.49 -28.72 26.75
C TYR D 85 16.46 -29.76 26.36
N ILE D 86 15.59 -29.38 25.43
CA ILE D 86 14.57 -30.26 24.88
C ILE D 86 14.77 -30.32 23.37
N GLU D 87 14.77 -31.53 22.82
CA GLU D 87 14.86 -31.69 21.38
C GLU D 87 13.67 -31.03 20.69
N GLY D 88 13.88 -30.61 19.45
CA GLY D 88 12.84 -29.87 18.74
C GLY D 88 11.61 -30.70 18.45
N HIS D 89 11.82 -31.94 18.00
CA HIS D 89 10.67 -32.78 17.65
C HIS D 89 9.82 -33.07 18.87
N ARG D 90 10.43 -33.11 20.05
CA ARG D 90 9.67 -33.30 21.28
C ARG D 90 8.75 -32.12 21.54
N VAL D 91 9.25 -30.91 21.28
CA VAL D 91 8.43 -29.72 21.49
C VAL D 91 7.32 -29.66 20.46
N ILE D 92 7.60 -30.09 19.23
CA ILE D 92 6.55 -30.11 18.20
C ILE D 92 5.46 -31.11 18.58
N ASN D 93 5.85 -32.27 19.11
CA ASN D 93 4.86 -33.25 19.54
C ASN D 93 4.05 -32.73 20.72
N LEU D 94 4.72 -32.06 21.66
CA LEU D 94 4.01 -31.49 22.81
C LEU D 94 3.00 -30.44 22.35
N ALA D 95 3.37 -29.63 21.37
CA ALA D 95 2.44 -28.64 20.86
C ALA D 95 1.28 -29.29 20.13
N ASN D 96 1.56 -30.38 19.40
CA ASN D 96 0.51 -31.08 18.69
C ASN D 96 -0.48 -31.74 19.63
N GLU D 97 -0.01 -32.19 20.79
CA GLU D 97 -0.91 -32.83 21.74
C GLU D 97 -1.58 -31.82 22.66
N MET D 98 -0.95 -30.67 22.89
CA MET D 98 -1.60 -29.62 23.67
C MET D 98 -2.74 -29.00 22.89
N PHE D 99 -2.44 -28.42 21.74
CA PHE D 99 -3.39 -27.60 21.01
C PHE D 99 -4.05 -28.31 19.84
N GLY D 100 -3.58 -29.49 19.45
CA GLY D 100 -4.10 -30.16 18.29
C GLY D 100 -3.38 -29.74 17.02
N TYR D 101 -3.43 -30.63 16.03
CA TYR D 101 -2.75 -30.37 14.77
C TYR D 101 -3.27 -29.12 14.06
N ASN D 102 -4.46 -28.65 14.41
CA ASN D 102 -5.04 -27.46 13.80
C ASN D 102 -5.09 -26.28 14.77
N GLY D 103 -4.57 -26.46 15.97
CA GLY D 103 -4.70 -25.44 16.99
C GLY D 103 -3.56 -24.48 17.11
N TRP D 104 -2.46 -24.71 16.39
CA TRP D 104 -1.32 -23.81 16.45
C TRP D 104 -0.65 -23.73 15.08
N ALA D 105 -0.03 -22.59 14.82
CA ALA D 105 0.69 -22.35 13.60
C ALA D 105 1.96 -21.60 13.93
N HIS D 106 2.93 -21.64 13.03
CA HIS D 106 4.13 -20.85 13.23
C HIS D 106 4.74 -20.43 11.90
N SER D 107 5.32 -19.24 11.92
CA SER D 107 5.86 -18.60 10.73
C SER D 107 7.23 -18.02 11.05
N ILE D 108 8.02 -17.81 9.99
CA ILE D 108 9.33 -17.18 10.12
C ILE D 108 9.22 -15.76 9.59
N THR D 109 9.24 -14.79 10.49
CA THR D 109 9.04 -13.39 10.10
C THR D 109 10.28 -12.84 9.41
N GLN D 110 11.46 -13.20 9.87
CA GLN D 110 12.69 -12.66 9.32
C GLN D 110 13.84 -13.58 9.68
N GLN D 111 14.77 -13.75 8.75
CA GLN D 111 15.99 -14.50 9.00
C GLN D 111 17.16 -13.82 8.32
N ASN D 112 18.13 -13.40 9.11
CA ASN D 112 19.31 -12.69 8.62
C ASN D 112 20.55 -13.54 8.89
N VAL D 113 21.46 -13.58 7.93
CA VAL D 113 22.77 -14.18 8.14
C VAL D 113 23.65 -13.12 8.76
N ASP D 114 23.96 -13.26 10.05
CA ASP D 114 24.73 -12.24 10.74
C ASP D 114 26.15 -12.19 10.19
N PHE D 115 26.82 -13.33 10.11
CA PHE D 115 28.16 -13.28 9.52
C PHE D 115 28.57 -14.65 9.02
N VAL D 116 29.39 -14.64 7.98
CA VAL D 116 30.09 -15.81 7.47
C VAL D 116 31.56 -15.48 7.27
N ASP D 117 32.40 -15.96 8.17
CA ASP D 117 33.83 -15.64 8.16
C ASP D 117 34.66 -16.88 7.89
N LEU D 118 35.88 -16.65 7.41
CA LEU D 118 36.82 -17.72 7.09
C LEU D 118 38.11 -17.45 7.84
N ASN D 119 38.50 -18.36 8.72
CA ASN D 119 39.70 -18.21 9.52
C ASN D 119 40.47 -19.52 9.47
N ASN D 120 41.75 -19.45 9.11
CA ASN D 120 42.65 -20.59 8.95
C ASN D 120 41.96 -21.77 8.29
N GLY D 121 41.19 -21.48 7.25
CA GLY D 121 40.62 -22.49 6.40
C GLY D 121 39.31 -23.07 6.88
N LYS D 122 38.80 -22.63 8.02
CA LYS D 122 37.55 -23.12 8.57
C LYS D 122 36.51 -22.01 8.58
N PHE D 123 35.25 -22.38 8.55
CA PHE D 123 34.15 -21.45 8.38
C PHE D 123 33.41 -21.22 9.68
N TYR D 124 33.09 -19.95 9.95
CA TYR D 124 32.40 -19.53 11.16
C TYR D 124 31.16 -18.77 10.73
N VAL D 125 29.99 -19.36 10.93
CA VAL D 125 28.73 -18.80 10.46
C VAL D 125 27.81 -18.60 11.65
N GLY D 126 27.20 -17.41 11.71
CA GLY D 126 26.19 -17.09 12.69
C GLY D 126 24.96 -16.49 12.05
N VAL D 127 23.79 -17.07 12.32
CA VAL D 127 22.55 -16.75 11.61
C VAL D 127 21.43 -16.59 12.62
N CYS D 128 20.56 -15.61 12.36
CA CYS D 128 19.48 -15.24 13.25
C CYS D 128 18.13 -15.61 12.64
N ALA D 129 17.11 -15.73 13.49
CA ALA D 129 15.78 -16.05 13.03
C ALA D 129 14.74 -15.51 13.99
N PHE D 130 13.61 -15.08 13.45
CA PHE D 130 12.48 -14.62 14.24
C PHE D 130 11.28 -15.50 13.91
N VAL D 131 10.80 -16.24 14.90
CA VAL D 131 9.71 -17.18 14.71
C VAL D 131 8.52 -16.72 15.53
N ARG D 132 7.34 -16.84 14.94
CA ARG D 132 6.10 -16.38 15.56
C ARG D 132 5.11 -17.53 15.58
N VAL D 133 4.68 -17.91 16.77
CA VAL D 133 3.70 -18.95 16.98
C VAL D 133 2.36 -18.28 17.26
N GLN D 134 1.27 -18.92 16.84
CA GLN D 134 -0.05 -18.36 16.97
C GLN D 134 -1.06 -19.46 17.19
N LEU D 135 -1.99 -19.22 18.12
CA LEU D 135 -3.03 -20.19 18.41
C LEU D 135 -4.27 -19.88 17.60
N LYS D 136 -5.29 -20.73 17.76
CA LYS D 136 -6.48 -20.62 16.93
C LYS D 136 -7.44 -19.55 17.41
N ASP D 137 -7.10 -18.82 18.47
CA ASP D 137 -7.89 -17.68 18.90
C ASP D 137 -7.19 -16.36 18.65
N GLY D 138 -6.01 -16.37 18.03
CA GLY D 138 -5.28 -15.15 17.76
C GLY D 138 -4.14 -14.87 18.69
N SER D 139 -3.94 -15.67 19.71
CA SER D 139 -2.87 -15.47 20.66
C SER D 139 -1.53 -15.84 20.04
N TYR D 140 -0.57 -14.94 20.14
CA TYR D 140 0.70 -15.16 19.46
C TYR D 140 1.85 -14.90 20.41
N HIS D 141 3.01 -15.41 20.02
CA HIS D 141 4.26 -15.15 20.71
C HIS D 141 5.40 -15.21 19.71
N GLU D 142 6.28 -14.22 19.76
CA GLU D 142 7.38 -14.12 18.82
C GLU D 142 8.70 -14.20 19.59
N ASP D 143 9.69 -14.84 18.99
CA ASP D 143 10.97 -15.00 19.65
C ASP D 143 12.09 -15.01 18.61
N VAL D 144 13.32 -14.81 19.10
CA VAL D 144 14.52 -14.85 18.28
C VAL D 144 15.33 -16.08 18.62
N GLY D 145 15.72 -16.82 17.61
CA GLY D 145 16.62 -17.94 17.75
C GLY D 145 17.90 -17.71 17.00
N TYR D 146 18.96 -18.40 17.39
CA TYR D 146 20.27 -18.19 16.79
C TYR D 146 20.92 -19.53 16.50
N GLY D 147 21.54 -19.63 15.33
CA GLY D 147 22.26 -20.83 14.92
C GLY D 147 23.72 -20.49 14.66
N VAL D 148 24.59 -21.43 15.00
CA VAL D 148 26.03 -21.24 14.99
C VAL D 148 26.69 -22.46 14.35
N SER D 149 27.73 -22.20 13.57
CA SER D 149 28.61 -23.27 13.11
C SER D 149 30.04 -22.74 13.13
N GLU D 150 30.87 -23.30 14.00
CA GLU D 150 32.23 -22.81 14.23
C GLU D 150 33.27 -23.78 13.72
N GLY D 151 32.87 -24.78 12.95
CA GLY D 151 33.68 -25.93 12.59
C GLY D 151 34.02 -26.06 11.12
N LEU D 152 33.13 -26.77 10.43
CA LEU D 152 33.27 -27.39 9.12
C LEU D 152 34.02 -26.58 8.08
N LYS D 153 34.71 -27.28 7.18
CA LYS D 153 35.48 -26.69 6.09
C LYS D 153 34.64 -26.41 4.86
N SER D 154 33.33 -26.61 4.91
CA SER D 154 32.45 -26.38 3.78
C SER D 154 31.44 -25.30 4.10
N LYS D 155 31.30 -24.33 3.20
CA LYS D 155 30.46 -23.17 3.49
C LYS D 155 28.99 -23.54 3.43
N ALA D 156 28.62 -24.40 2.49
CA ALA D 156 27.21 -24.78 2.33
C ALA D 156 26.71 -25.49 3.57
N LEU D 157 27.47 -26.45 4.08
CA LEU D 157 27.04 -27.19 5.25
C LEU D 157 26.94 -26.28 6.47
N SER D 158 27.89 -25.36 6.61
CA SER D 158 27.84 -24.41 7.71
C SER D 158 26.59 -23.56 7.65
N LEU D 159 26.29 -22.99 6.49
CA LEU D 159 25.11 -22.14 6.38
C LEU D 159 23.85 -22.95 6.63
N GLU D 160 23.80 -24.18 6.14
CA GLU D 160 22.65 -25.04 6.36
C GLU D 160 22.41 -25.27 7.84
N LYS D 161 23.45 -25.71 8.55
CA LYS D 161 23.32 -25.97 9.97
C LYS D 161 22.88 -24.71 10.71
N ALA D 162 23.49 -23.58 10.38
CA ALA D 162 23.13 -22.33 11.04
C ALA D 162 21.67 -21.99 10.85
N ARG D 163 21.18 -22.03 9.62
CA ARG D 163 19.81 -21.60 9.35
C ARG D 163 18.80 -22.53 10.00
N LYS D 164 19.01 -23.83 9.87
CA LYS D 164 18.05 -24.77 10.43
C LYS D 164 18.03 -24.70 11.95
N GLU D 165 19.21 -24.65 12.57
CA GLU D 165 19.26 -24.55 14.03
C GLU D 165 18.64 -23.25 14.50
N ALA D 166 18.79 -22.18 13.72
CA ALA D 166 18.17 -20.91 14.08
C ALA D 166 16.66 -21.02 14.14
N VAL D 167 16.06 -21.60 13.10
CA VAL D 167 14.60 -21.71 13.07
C VAL D 167 14.11 -22.61 14.19
N THR D 168 14.82 -23.72 14.45
CA THR D 168 14.38 -24.62 15.51
C THR D 168 14.47 -23.96 16.87
N ASP D 169 15.57 -23.24 17.13
CA ASP D 169 15.73 -22.58 18.41
C ASP D 169 14.66 -21.51 18.59
N GLY D 170 14.36 -20.76 17.54
CA GLY D 170 13.32 -19.74 17.63
C GLY D 170 11.97 -20.34 17.95
N LEU D 171 11.63 -21.45 17.30
CA LEU D 171 10.36 -22.12 17.58
C LEU D 171 10.29 -22.59 19.03
N LYS D 172 11.35 -23.22 19.52
CA LYS D 172 11.32 -23.70 20.90
C LYS D 172 11.17 -22.54 21.87
N ARG D 173 11.93 -21.47 21.66
CA ARG D 173 11.90 -20.36 22.60
C ARG D 173 10.58 -19.60 22.54
N ALA D 174 9.92 -19.59 21.38
CA ALA D 174 8.62 -18.94 21.29
C ALA D 174 7.53 -19.80 21.90
N LEU D 175 7.72 -21.13 21.88
CA LEU D 175 6.74 -22.00 22.51
C LEU D 175 6.91 -22.03 24.02
N ARG D 176 8.10 -21.68 24.52
CA ARG D 176 8.28 -21.56 25.96
C ARG D 176 7.26 -20.63 26.59
N SER D 177 6.87 -19.58 25.88
CA SER D 177 6.07 -18.51 26.47
C SER D 177 4.64 -18.94 26.75
N PHE D 178 4.22 -20.10 26.28
CA PHE D 178 2.85 -20.53 26.53
C PHE D 178 2.71 -21.23 27.87
N GLY D 179 3.80 -21.66 28.46
CA GLY D 179 3.72 -22.26 29.78
C GLY D 179 4.87 -23.23 30.00
N ASN D 180 4.82 -23.87 31.16
CA ASN D 180 5.87 -24.79 31.57
C ASN D 180 5.89 -26.04 30.70
N ALA D 181 4.71 -26.54 30.33
CA ALA D 181 4.63 -27.82 29.64
C ALA D 181 5.25 -27.79 28.26
N LEU D 182 5.69 -26.62 27.79
CA LEU D 182 6.28 -26.50 26.47
C LEU D 182 7.71 -25.98 26.52
N GLY D 183 8.35 -26.02 27.68
CA GLY D 183 9.77 -25.73 27.76
C GLY D 183 10.15 -24.53 28.60
N ASN D 184 9.23 -24.02 29.41
CA ASN D 184 9.53 -22.92 30.32
C ASN D 184 10.13 -23.42 31.63
N CYS D 185 10.34 -24.72 31.75
CA CYS D 185 10.95 -25.32 32.93
C CYS D 185 12.46 -25.40 32.84
N ILE D 186 13.01 -25.56 31.64
CA ILE D 186 14.44 -25.74 31.48
C ILE D 186 15.25 -24.51 31.86
N LEU D 187 14.58 -23.41 32.22
CA LEU D 187 15.27 -22.22 32.66
C LEU D 187 15.30 -22.07 34.17
N ASP D 188 14.43 -22.81 34.88
CA ASP D 188 14.39 -22.76 36.33
C ASP D 188 15.50 -23.63 36.89
N LYS D 189 16.35 -23.03 37.73
CA LYS D 189 17.47 -23.79 38.29
C LYS D 189 17.00 -24.78 39.35
N ASP D 190 15.91 -24.44 40.05
CA ASP D 190 15.34 -25.36 41.03
C ASP D 190 14.90 -26.66 40.38
N TYR D 191 14.16 -26.56 39.27
CA TYR D 191 13.68 -27.74 38.57
C TYR D 191 14.85 -28.54 37.99
N LEU D 192 15.89 -27.87 37.53
CA LEU D 192 17.05 -28.57 36.98
C LEU D 192 17.76 -29.38 38.06
N ARG D 193 18.03 -28.75 39.21
CA ARG D 193 18.73 -29.48 40.26
C ARG D 193 17.84 -30.53 40.89
N SER D 194 16.52 -30.37 40.78
CA SER D 194 15.62 -31.43 41.21
C SER D 194 15.58 -32.58 40.22
N LEU D 195 15.88 -32.31 38.95
CA LEU D 195 16.00 -33.38 37.97
C LEU D 195 17.30 -34.16 38.12
N ASN D 196 18.42 -33.46 38.32
CA ASN D 196 19.70 -34.16 38.45
C ASN D 196 19.75 -35.02 39.71
N LYS D 197 18.71 -34.96 40.54
CA LYS D 197 18.65 -35.76 41.75
C LYS D 197 17.73 -36.96 41.52
N LEU D 198 17.55 -37.35 40.27
CA LEU D 198 16.69 -38.46 39.92
C LEU D 198 17.52 -39.54 39.24
N PRO D 199 17.09 -40.81 39.30
CA PRO D 199 17.85 -41.88 38.66
C PRO D 199 17.81 -41.76 37.15
N ARG D 200 18.96 -42.02 36.53
CA ARG D 200 19.08 -41.96 35.07
C ARG D 200 18.40 -43.19 34.48
N GLN D 201 17.26 -42.98 33.83
CA GLN D 201 16.47 -44.08 33.30
C GLN D 201 17.00 -44.54 31.94
N LEU D 202 16.75 -45.81 31.63
CA LEU D 202 17.28 -46.40 30.41
C LEU D 202 16.62 -45.80 29.18
N PRO D 203 17.27 -45.85 28.02
CA PRO D 203 16.60 -45.43 26.78
C PRO D 203 15.42 -46.32 26.46
N LEU D 204 14.28 -45.69 26.18
CA LEU D 204 13.06 -46.43 25.89
C LEU D 204 13.15 -47.08 24.52
N GLU D 205 12.49 -48.22 24.35
CA GLU D 205 12.47 -48.95 23.09
C GLU D 205 11.11 -48.76 22.43
N VAL D 206 11.13 -48.28 21.20
CA VAL D 206 9.89 -47.92 20.50
C VAL D 206 9.29 -49.15 19.84
N ASP D 207 7.97 -49.26 19.91
CA ASP D 207 7.22 -50.37 19.34
C ASP D 207 6.85 -50.01 17.90
N LEU D 208 7.07 -50.96 16.98
CA LEU D 208 6.82 -50.75 15.56
C LEU D 208 5.92 -51.83 14.99
N THR D 209 5.04 -52.40 15.81
CA THR D 209 4.15 -53.44 15.35
C THR D 209 2.83 -52.91 14.82
N LYS D 210 2.46 -51.68 15.16
CA LYS D 210 1.30 -51.03 14.55
C LYS D 210 1.67 -49.72 13.87
N ALA D 211 2.91 -49.59 13.43
CA ALA D 211 3.32 -48.41 12.69
C ALA D 211 2.61 -48.35 11.34
N LYS D 212 2.54 -47.15 10.79
CA LYS D 212 1.86 -46.92 9.53
C LYS D 212 2.64 -47.58 8.40
N ARG D 213 1.96 -48.39 7.59
CA ARG D 213 2.61 -49.15 6.54
C ARG D 213 1.99 -48.96 5.16
N GLN D 214 0.77 -48.42 5.08
CA GLN D 214 0.14 -48.08 3.81
C GLN D 214 -0.45 -46.69 3.92
N ASP D 215 -0.48 -45.97 2.80
CA ASP D 215 -0.80 -44.55 2.83
C ASP D 215 -2.27 -44.32 3.12
N LEU D 216 -3.15 -45.11 2.52
CA LEU D 216 -4.58 -44.89 2.64
C LEU D 216 -5.03 -45.00 4.09
N GLU D 217 -5.98 -44.16 4.46
CA GLU D 217 -6.53 -44.13 5.82
C GLU D 217 -8.04 -44.19 5.75
N PRO D 218 -8.65 -45.37 5.95
CA PRO D 218 -10.11 -45.47 5.77
C PRO D 218 -10.91 -44.53 6.65
N SER D 219 -10.54 -44.39 7.92
CA SER D 219 -11.34 -43.58 8.84
C SER D 219 -11.32 -42.12 8.42
N VAL D 220 -10.14 -41.60 8.09
CA VAL D 220 -10.02 -40.19 7.72
C VAL D 220 -10.76 -39.92 6.42
N GLU D 221 -10.71 -40.86 5.47
CA GLU D 221 -11.42 -40.67 4.22
C GLU D 221 -12.92 -40.71 4.40
N GLU D 222 -13.42 -41.66 5.20
CA GLU D 222 -14.85 -41.75 5.43
C GLU D 222 -15.34 -40.54 6.20
N ALA D 223 -14.49 -39.98 7.05
CA ALA D 223 -14.86 -38.76 7.74
C ALA D 223 -14.90 -37.58 6.79
N ARG D 224 -13.94 -37.49 5.86
CA ARG D 224 -13.89 -36.36 4.96
C ARG D 224 -15.06 -36.39 3.99
N TYR D 225 -15.44 -37.58 3.53
CA TYR D 225 -16.51 -37.67 2.55
C TYR D 225 -17.83 -37.19 3.13
N ASN D 226 -18.01 -37.33 4.44
CA ASN D 226 -19.25 -36.89 5.07
C ASN D 226 -19.25 -35.41 5.41
N SER D 227 -18.12 -34.71 5.24
CA SER D 227 -18.07 -33.28 5.51
C SER D 227 -18.54 -32.47 4.31
N CYS D 228 -18.30 -32.98 3.11
CA CYS D 228 -18.72 -32.28 1.90
C CYS D 228 -20.21 -32.47 1.64
N CYS E 45 -14.64 -21.79 1.17
CA CYS E 45 -13.49 -21.99 0.30
C CYS E 45 -12.33 -22.65 1.03
N PHE E 46 -11.13 -22.46 0.50
CA PHE E 46 -9.92 -22.94 1.15
C PHE E 46 -9.38 -21.87 2.07
N GLY E 47 -9.05 -22.25 3.30
CA GLY E 47 -8.68 -21.31 4.32
C GLY E 47 -9.81 -20.89 5.22
N GLN E 48 -11.04 -21.25 4.87
CA GLN E 48 -12.21 -20.92 5.65
C GLN E 48 -13.10 -22.12 5.93
N CYS E 49 -12.63 -23.33 5.67
CA CYS E 49 -13.40 -24.51 6.02
C CYS E 49 -12.89 -25.11 7.32
N GLN E 50 -13.73 -25.08 8.35
CA GLN E 50 -13.40 -25.62 9.66
C GLN E 50 -13.67 -27.11 9.64
N TYR E 51 -12.79 -27.87 10.27
CA TYR E 51 -12.95 -29.31 10.31
C TYR E 51 -14.15 -29.69 11.14
N THR E 52 -14.77 -30.81 10.79
CA THR E 52 -15.83 -31.37 11.60
C THR E 52 -15.21 -32.20 12.70
N ALA E 53 -16.02 -32.54 13.71
CA ALA E 53 -15.51 -33.32 14.83
C ALA E 53 -14.91 -34.63 14.35
N GLU E 54 -15.61 -35.31 13.46
CA GLU E 54 -15.16 -36.62 12.99
C GLU E 54 -13.82 -36.53 12.28
N GLU E 55 -13.73 -35.62 11.31
CA GLU E 55 -12.49 -35.49 10.56
C GLU E 55 -11.33 -35.07 11.44
N TYR E 56 -11.58 -34.14 12.38
CA TYR E 56 -10.52 -33.71 13.27
C TYR E 56 -10.01 -34.87 14.11
N GLN E 57 -10.93 -35.60 14.74
CA GLN E 57 -10.54 -36.74 15.55
C GLN E 57 -9.73 -37.74 14.75
N ALA E 58 -10.20 -38.04 13.53
CA ALA E 58 -9.53 -39.03 12.70
C ALA E 58 -8.12 -38.58 12.32
N ILE E 59 -7.97 -37.32 11.92
CA ILE E 59 -6.65 -36.85 11.51
C ILE E 59 -5.70 -36.80 12.70
N GLN E 60 -6.21 -36.39 13.86
CA GLN E 60 -5.36 -36.33 15.04
C GLN E 60 -4.89 -37.72 15.45
N LYS E 61 -5.76 -38.72 15.35
CA LYS E 61 -5.32 -40.09 15.60
C LYS E 61 -4.29 -40.52 14.56
N ALA E 62 -4.53 -40.20 13.29
CA ALA E 62 -3.68 -40.70 12.23
C ALA E 62 -2.29 -40.08 12.26
N LEU E 63 -2.19 -38.85 12.77
CA LEU E 63 -0.90 -38.16 12.74
C LEU E 63 0.03 -38.61 13.84
N ARG E 64 -0.48 -39.34 14.83
CA ARG E 64 0.38 -39.79 15.92
C ARG E 64 1.17 -41.03 15.53
N GLN E 65 0.65 -41.83 14.61
CA GLN E 65 1.30 -43.07 14.24
C GLN E 65 2.66 -42.83 13.64
N ARG E 66 3.59 -43.73 13.91
CA ARG E 66 4.93 -43.65 13.37
C ARG E 66 4.99 -44.35 12.02
N LEU E 67 6.00 -43.98 11.22
CA LEU E 67 6.11 -44.55 9.89
C LEU E 67 6.92 -45.83 9.92
N GLY E 68 6.44 -46.82 9.16
CA GLY E 68 7.11 -48.09 9.08
C GLY E 68 8.40 -48.01 8.30
N PRO E 69 9.06 -49.16 8.17
CA PRO E 69 10.32 -49.20 7.42
C PRO E 69 10.15 -49.02 5.92
N GLU E 70 8.91 -49.11 5.43
CA GLU E 70 8.64 -48.92 4.01
C GLU E 70 9.07 -47.53 3.55
N TYR E 71 8.94 -46.54 4.42
CA TYR E 71 9.10 -45.15 4.03
C TYR E 71 10.51 -44.62 4.22
N ILE E 72 11.38 -45.36 4.90
CA ILE E 72 12.69 -44.82 5.23
C ILE E 72 13.70 -45.25 4.18
N SER E 73 14.61 -44.35 3.84
CA SER E 73 15.73 -44.60 2.95
C SER E 73 16.98 -44.06 3.61
N SER E 74 18.14 -44.46 3.10
CA SER E 74 19.40 -44.11 3.75
C SER E 74 20.35 -43.51 2.73
N ARG E 75 21.30 -42.72 3.25
CA ARG E 75 22.37 -42.15 2.47
C ARG E 75 23.67 -42.28 3.25
N MET E 76 24.77 -42.22 2.52
CA MET E 76 26.11 -42.15 3.11
C MET E 76 26.57 -40.71 3.02
N ALA E 77 26.44 -39.98 4.13
CA ALA E 77 26.77 -38.56 4.13
C ALA E 77 28.27 -38.35 3.93
N GLY E 78 28.61 -37.26 3.26
CA GLY E 78 30.01 -36.95 3.00
C GLY E 78 30.82 -36.79 4.27
N GLY E 79 31.67 -37.77 4.56
CA GLY E 79 32.43 -37.83 5.79
C GLY E 79 31.67 -38.49 6.93
N GLY E 80 30.34 -38.37 6.91
CA GLY E 80 29.51 -38.92 7.96
C GLY E 80 29.07 -40.34 7.67
N GLN E 81 28.29 -40.88 8.60
CA GLN E 81 27.78 -42.24 8.51
C GLN E 81 26.36 -42.25 7.94
N LYS E 82 25.71 -43.41 8.01
CA LYS E 82 24.34 -43.59 7.53
C LYS E 82 23.42 -42.50 8.09
N VAL E 83 22.72 -41.81 7.20
CA VAL E 83 21.68 -40.86 7.57
C VAL E 83 20.38 -41.32 6.96
N CYS E 84 19.31 -41.34 7.76
CA CYS E 84 18.01 -41.81 7.29
C CYS E 84 17.12 -40.63 6.95
N TYR E 85 16.21 -40.87 6.00
CA TYR E 85 15.33 -39.81 5.52
C TYR E 85 14.13 -40.41 4.81
N ILE E 86 13.25 -39.55 4.36
CA ILE E 86 12.06 -39.91 3.60
C ILE E 86 12.10 -39.15 2.29
N GLU E 87 11.90 -39.86 1.18
CA GLU E 87 11.92 -39.23 -0.13
C GLU E 87 10.74 -38.26 -0.26
N GLY E 88 10.92 -37.27 -1.12
CA GLY E 88 9.95 -36.19 -1.24
C GLY E 88 8.58 -36.62 -1.73
N HIS E 89 8.55 -37.47 -2.75
CA HIS E 89 7.26 -37.88 -3.29
C HIS E 89 6.48 -38.72 -2.29
N ARG E 90 7.18 -39.44 -1.42
CA ARG E 90 6.49 -40.19 -0.38
C ARG E 90 5.81 -39.25 0.60
N VAL E 91 6.46 -38.13 0.91
CA VAL E 91 5.85 -37.16 1.82
C VAL E 91 4.67 -36.48 1.16
N ILE E 92 4.78 -36.20 -0.14
CA ILE E 92 3.65 -35.63 -0.87
C ILE E 92 2.47 -36.59 -0.87
N ASN E 93 2.74 -37.88 -1.09
CA ASN E 93 1.67 -38.87 -1.08
C ASN E 93 1.03 -38.97 0.30
N LEU E 94 1.85 -38.96 1.36
CA LEU E 94 1.31 -39.02 2.71
C LEU E 94 0.45 -37.80 3.01
N ALA E 95 0.87 -36.64 2.57
CA ALA E 95 0.08 -35.43 2.80
C ALA E 95 -1.22 -35.47 2.00
N ASN E 96 -1.19 -36.09 0.82
CA ASN E 96 -2.39 -36.20 0.03
C ASN E 96 -3.39 -37.17 0.64
N GLU E 97 -2.90 -38.24 1.23
CA GLU E 97 -3.81 -39.21 1.83
C GLU E 97 -4.27 -38.77 3.23
N MET E 98 -3.47 -37.95 3.89
CA MET E 98 -3.89 -37.43 5.19
C MET E 98 -4.97 -36.37 5.04
N PHE E 99 -4.65 -35.27 4.36
CA PHE E 99 -5.52 -34.11 4.31
C PHE E 99 -6.36 -34.03 3.06
N GLY E 100 -6.18 -34.91 2.09
CA GLY E 100 -6.89 -34.81 0.84
C GLY E 100 -6.17 -33.89 -0.13
N TYR E 101 -6.42 -34.13 -1.41
CA TYR E 101 -5.80 -33.33 -2.45
C TYR E 101 -6.20 -31.87 -2.41
N ASN E 102 -7.34 -31.55 -1.81
CA ASN E 102 -7.80 -30.18 -1.71
C ASN E 102 -7.72 -29.68 -0.27
N GLY E 103 -6.94 -30.33 0.57
CA GLY E 103 -6.91 -29.99 1.97
C GLY E 103 -5.64 -29.32 2.43
N TRP E 104 -4.64 -29.26 1.56
CA TRP E 104 -3.38 -28.62 1.92
C TRP E 104 -2.79 -27.91 0.72
N ALA E 105 -2.00 -26.88 1.03
CA ALA E 105 -1.34 -26.06 0.03
C ALA E 105 0.05 -25.73 0.52
N HIS E 106 0.91 -25.28 -0.38
CA HIS E 106 2.24 -24.84 0.02
C HIS E 106 2.78 -23.81 -0.97
N SER E 107 3.57 -22.88 -0.41
CA SER E 107 4.13 -21.77 -1.15
C SER E 107 5.60 -21.64 -0.84
N ILE E 108 6.32 -20.97 -1.73
CA ILE E 108 7.71 -20.62 -1.54
C ILE E 108 7.78 -19.13 -1.30
N THR E 109 7.92 -18.73 -0.04
CA THR E 109 7.85 -17.32 0.31
C THR E 109 9.11 -16.58 -0.10
N GLN E 110 10.26 -17.26 -0.04
CA GLN E 110 11.52 -16.66 -0.40
C GLN E 110 12.46 -17.75 -0.87
N GLN E 111 13.41 -17.38 -1.71
CA GLN E 111 14.50 -18.27 -2.08
C GLN E 111 15.71 -17.44 -2.47
N ASN E 112 16.73 -17.43 -1.64
CA ASN E 112 17.93 -16.66 -1.89
C ASN E 112 19.08 -17.58 -2.23
N VAL E 113 19.82 -17.24 -3.27
CA VAL E 113 21.02 -18.00 -3.62
C VAL E 113 22.14 -17.52 -2.71
N ASP E 114 22.52 -18.34 -1.74
CA ASP E 114 23.51 -17.91 -0.76
C ASP E 114 24.86 -17.70 -1.40
N PHE E 115 25.38 -18.71 -2.10
CA PHE E 115 26.67 -18.48 -2.73
C PHE E 115 26.84 -19.40 -3.93
N VAL E 116 27.54 -18.87 -4.93
CA VAL E 116 27.95 -19.60 -6.12
C VAL E 116 29.44 -19.34 -6.35
N ASP E 117 30.31 -20.23 -5.90
CA ASP E 117 31.73 -19.98 -6.04
C ASP E 117 32.43 -21.12 -6.77
N LEU E 118 33.60 -20.82 -7.31
CA LEU E 118 34.32 -21.66 -8.25
C LEU E 118 35.71 -21.94 -7.70
N ASN E 119 36.07 -23.21 -7.59
CA ASN E 119 37.34 -23.61 -7.04
C ASN E 119 37.87 -24.78 -7.86
N ASN E 120 39.09 -24.63 -8.38
CA ASN E 120 39.75 -25.65 -9.19
C ASN E 120 38.85 -26.14 -10.32
N GLY E 121 38.05 -25.24 -10.86
CA GLY E 121 37.22 -25.58 -11.99
C GLY E 121 35.91 -26.23 -11.67
N LYS E 122 35.60 -26.45 -10.39
CA LYS E 122 34.35 -27.07 -9.99
C LYS E 122 33.53 -26.05 -9.21
N PHE E 123 32.21 -26.23 -9.22
CA PHE E 123 31.28 -25.25 -8.68
C PHE E 123 30.72 -25.70 -7.35
N TYR E 124 30.64 -24.79 -6.40
CA TYR E 124 30.01 -25.01 -5.10
C TYR E 124 28.89 -24.00 -4.96
N VAL E 125 27.67 -24.48 -4.80
CA VAL E 125 26.46 -23.65 -4.79
C VAL E 125 25.64 -24.00 -3.57
N GLY E 126 25.22 -22.97 -2.84
CA GLY E 126 24.33 -23.11 -1.72
C GLY E 126 23.15 -22.18 -1.82
N VAL E 127 21.94 -22.75 -1.73
CA VAL E 127 20.69 -22.04 -1.94
C VAL E 127 19.74 -22.32 -0.79
N CYS E 128 19.02 -21.29 -0.34
CA CYS E 128 18.07 -21.43 0.77
C CYS E 128 16.65 -21.28 0.26
N ALA E 129 15.70 -21.83 0.99
CA ALA E 129 14.30 -21.79 0.59
C ALA E 129 13.42 -21.75 1.82
N PHE E 130 12.42 -20.89 1.80
CA PHE E 130 11.45 -20.76 2.87
C PHE E 130 10.11 -21.24 2.35
N VAL E 131 9.59 -22.32 2.91
CA VAL E 131 8.40 -22.96 2.40
C VAL E 131 7.34 -22.97 3.48
N ARG E 132 6.11 -22.68 3.07
CA ARG E 132 4.99 -22.53 4.00
C ARG E 132 3.84 -23.43 3.56
N VAL E 133 3.43 -24.32 4.44
CA VAL E 133 2.32 -25.24 4.20
C VAL E 133 1.12 -24.73 4.97
N GLN E 134 -0.06 -24.87 4.37
CA GLN E 134 -1.29 -24.38 4.97
C GLN E 134 -2.39 -25.41 4.80
N LEU E 135 -3.16 -25.63 5.85
CA LEU E 135 -4.27 -26.56 5.78
C LEU E 135 -5.55 -25.82 5.41
N LYS E 136 -6.63 -26.56 5.30
CA LYS E 136 -7.85 -25.98 4.76
C LYS E 136 -8.63 -25.18 5.78
N ASP E 137 -8.21 -25.19 7.05
CA ASP E 137 -8.85 -24.36 8.05
C ASP E 137 -8.06 -23.10 8.39
N GLY E 138 -6.85 -22.97 7.86
CA GLY E 138 -6.01 -21.83 8.13
C GLY E 138 -4.73 -22.13 8.87
N SER E 139 -4.55 -23.34 9.36
CA SER E 139 -3.36 -23.72 10.09
C SER E 139 -2.17 -23.81 9.15
N TYR E 140 -1.04 -23.27 9.59
CA TYR E 140 0.12 -23.20 8.72
C TYR E 140 1.37 -23.55 9.49
N HIS E 141 2.41 -23.87 8.73
CA HIS E 141 3.74 -24.13 9.28
C HIS E 141 4.76 -23.78 8.21
N GLU E 142 5.76 -23.01 8.58
CA GLU E 142 6.76 -22.53 7.63
C GLU E 142 8.14 -22.89 8.12
N ASP E 143 8.96 -23.44 7.24
CA ASP E 143 10.31 -23.84 7.62
C ASP E 143 11.29 -23.51 6.50
N VAL E 144 12.55 -23.85 6.76
CA VAL E 144 13.67 -23.55 5.89
C VAL E 144 14.27 -24.84 5.37
N GLY E 145 14.58 -24.86 4.08
CA GLY E 145 15.33 -25.95 3.49
C GLY E 145 16.55 -25.39 2.79
N TYR E 146 17.55 -26.25 2.58
CA TYR E 146 18.81 -25.83 2.02
C TYR E 146 19.25 -26.83 0.97
N GLY E 147 19.64 -26.33 -0.20
CA GLY E 147 20.16 -27.16 -1.25
C GLY E 147 21.64 -26.87 -1.48
N VAL E 148 22.39 -27.93 -1.73
CA VAL E 148 23.84 -27.89 -1.84
C VAL E 148 24.25 -28.62 -3.10
N SER E 149 25.20 -28.06 -3.83
CA SER E 149 25.81 -28.75 -4.96
C SER E 149 27.30 -28.46 -4.95
N GLU E 150 28.11 -29.47 -4.65
CA GLU E 150 29.54 -29.26 -4.46
C GLU E 150 30.40 -30.05 -5.43
N GLY E 151 29.82 -30.56 -6.51
CA GLY E 151 30.48 -31.39 -7.50
C GLY E 151 30.65 -30.73 -8.84
N LEU E 152 29.62 -30.92 -9.66
CA LEU E 152 29.55 -30.70 -11.10
C LEU E 152 30.32 -29.51 -11.65
N LYS E 153 30.94 -29.70 -12.81
CA LYS E 153 31.68 -28.66 -13.52
C LYS E 153 30.80 -27.74 -14.34
N SER E 154 29.48 -27.88 -14.27
CA SER E 154 28.55 -27.04 -15.01
C SER E 154 27.73 -26.21 -14.04
N LYS E 155 27.69 -24.90 -14.26
CA LYS E 155 27.08 -24.00 -13.29
C LYS E 155 25.56 -24.16 -13.26
N ALA E 156 24.95 -24.30 -14.43
CA ALA E 156 23.51 -24.37 -14.51
C ALA E 156 22.97 -25.61 -13.81
N LEU E 157 23.60 -26.76 -14.04
CA LEU E 157 23.15 -27.98 -13.39
C LEU E 157 23.28 -27.88 -11.88
N SER E 158 24.36 -27.28 -11.39
CA SER E 158 24.55 -27.15 -9.95
C SER E 158 23.49 -26.23 -9.35
N LEU E 159 23.20 -25.11 -10.02
CA LEU E 159 22.17 -24.22 -9.51
C LEU E 159 20.79 -24.89 -9.52
N GLU E 160 20.51 -25.65 -10.57
CA GLU E 160 19.24 -26.37 -10.66
C GLU E 160 19.10 -27.35 -9.49
N LYS E 161 20.12 -28.17 -9.28
CA LYS E 161 20.09 -29.12 -8.18
C LYS E 161 19.90 -28.41 -6.85
N ALA E 162 20.64 -27.32 -6.63
CA ALA E 162 20.53 -26.59 -5.37
C ALA E 162 19.11 -26.10 -5.14
N ARG E 163 18.53 -25.42 -6.13
CA ARG E 163 17.21 -24.82 -5.95
C ARG E 163 16.13 -25.88 -5.71
N LYS E 164 16.15 -26.94 -6.53
CA LYS E 164 15.11 -27.96 -6.40
C LYS E 164 15.23 -28.70 -5.07
N GLU E 165 16.44 -29.10 -4.70
CA GLU E 165 16.63 -29.79 -3.43
C GLU E 165 16.24 -28.88 -2.27
N ALA E 166 16.48 -27.57 -2.42
CA ALA E 166 16.12 -26.63 -1.37
C ALA E 166 14.62 -26.61 -1.14
N VAL E 167 13.84 -26.48 -2.21
CA VAL E 167 12.39 -26.40 -2.04
C VAL E 167 11.85 -27.72 -1.49
N THR E 168 12.39 -28.84 -1.97
CA THR E 168 11.93 -30.13 -1.46
C THR E 168 12.23 -30.28 0.03
N ASP E 169 13.44 -29.91 0.45
CA ASP E 169 13.79 -30.01 1.86
C ASP E 169 12.90 -29.10 2.70
N GLY E 170 12.62 -27.90 2.21
CA GLY E 170 11.75 -27.01 2.96
C GLY E 170 10.36 -27.58 3.13
N LEU E 171 9.81 -28.17 2.07
CA LEU E 171 8.48 -28.76 2.15
C LEU E 171 8.45 -29.91 3.15
N LYS E 172 9.47 -30.78 3.11
CA LYS E 172 9.50 -31.89 4.06
C LYS E 172 9.60 -31.39 5.49
N ARG E 173 10.48 -30.41 5.73
CA ARG E 173 10.64 -29.89 7.08
C ARG E 173 9.39 -29.18 7.57
N ALA E 174 8.65 -28.55 6.66
CA ALA E 174 7.42 -27.88 7.06
C ALA E 174 6.31 -28.88 7.36
N LEU E 175 6.27 -29.97 6.63
CA LEU E 175 5.26 -30.98 6.89
C LEU E 175 5.58 -31.80 8.13
N ARG E 176 6.84 -31.84 8.56
CA ARG E 176 7.17 -32.49 9.82
C ARG E 176 6.35 -31.95 10.98
N SER E 177 6.07 -30.64 10.98
CA SER E 177 5.50 -29.99 12.15
C SER E 177 4.03 -30.33 12.37
N PHE E 178 3.45 -31.20 11.55
CA PHE E 178 2.08 -31.60 11.76
C PHE E 178 1.95 -32.87 12.56
N GLY E 179 3.00 -33.67 12.62
CA GLY E 179 2.94 -34.90 13.39
C GLY E 179 3.95 -35.90 12.91
N ASN E 180 3.94 -37.04 13.57
CA ASN E 180 4.89 -38.10 13.28
C ASN E 180 4.62 -38.74 11.92
N ALA E 181 3.37 -38.75 11.50
CA ALA E 181 2.97 -39.45 10.29
C ALA E 181 3.44 -38.74 9.03
N LEU E 182 4.10 -37.60 9.20
CA LEU E 182 4.57 -36.82 8.06
C LEU E 182 6.06 -36.55 8.11
N GLY E 183 6.81 -37.26 8.94
CA GLY E 183 8.24 -37.15 8.97
C GLY E 183 8.86 -36.63 10.25
N ASN E 184 8.09 -36.53 11.33
CA ASN E 184 8.64 -36.12 12.61
C ASN E 184 9.27 -37.29 13.38
N CYS E 185 9.21 -38.49 12.82
CA CYS E 185 9.84 -39.65 13.43
C CYS E 185 11.33 -39.75 13.13
N ILE E 186 11.76 -39.31 11.95
CA ILE E 186 13.14 -39.51 11.54
C ILE E 186 14.14 -38.74 12.37
N LEU E 187 13.68 -37.93 13.33
CA LEU E 187 14.57 -37.23 14.23
C LEU E 187 14.72 -37.91 15.58
N ASP E 188 13.82 -38.84 15.91
CA ASP E 188 13.86 -39.55 17.19
C ASP E 188 14.86 -40.69 17.06
N LYS E 189 15.94 -40.64 17.86
CA LYS E 189 16.98 -41.65 17.73
C LYS E 189 16.53 -42.99 18.28
N ASP E 190 15.58 -42.98 19.22
CA ASP E 190 15.01 -44.23 19.71
C ASP E 190 14.30 -44.98 18.60
N TYR E 191 13.47 -44.27 17.83
CA TYR E 191 12.75 -44.88 16.71
C TYR E 191 13.71 -45.33 15.62
N LEU E 192 14.81 -44.59 15.44
CA LEU E 192 15.80 -45.00 14.44
C LEU E 192 16.48 -46.30 14.86
N ARG E 193 16.90 -46.40 16.12
CA ARG E 193 17.45 -47.64 16.63
C ARG E 193 16.46 -48.79 16.48
N SER E 194 15.20 -48.54 16.82
CA SER E 194 14.18 -49.57 16.68
C SER E 194 13.96 -49.98 15.24
N LEU E 195 14.20 -49.08 14.29
CA LEU E 195 14.13 -49.44 12.88
C LEU E 195 15.31 -50.26 12.41
N ASN E 196 16.53 -49.89 12.82
CA ASN E 196 17.70 -50.59 12.31
C ASN E 196 17.77 -52.03 12.80
N LYS E 197 16.96 -52.39 13.79
CA LYS E 197 16.97 -53.76 14.29
C LYS E 197 15.79 -54.56 13.74
N LEU E 198 15.31 -54.18 12.55
CA LEU E 198 14.29 -54.93 11.85
C LEU E 198 14.89 -55.50 10.57
N PRO E 199 14.34 -56.59 10.04
CA PRO E 199 14.94 -57.23 8.86
C PRO E 199 14.89 -56.32 7.65
N ARG E 200 15.98 -56.35 6.88
CA ARG E 200 16.09 -55.57 5.65
C ARG E 200 15.22 -56.23 4.59
N GLN E 201 14.03 -55.66 4.36
CA GLN E 201 13.09 -56.27 3.44
C GLN E 201 13.38 -55.84 2.00
N LEU E 202 12.87 -56.64 1.06
CA LEU E 202 13.14 -56.49 -0.35
C LEU E 202 12.34 -55.33 -0.95
N PRO E 203 12.81 -54.76 -2.06
CA PRO E 203 12.02 -53.73 -2.74
C PRO E 203 10.76 -54.31 -3.35
N LEU E 204 9.63 -53.67 -3.06
CA LEU E 204 8.36 -54.14 -3.59
C LEU E 204 8.24 -53.78 -5.07
N GLU E 205 7.65 -54.68 -5.84
CA GLU E 205 7.44 -54.48 -7.28
C GLU E 205 6.02 -53.98 -7.49
N VAL E 206 5.89 -52.92 -8.29
CA VAL E 206 4.60 -52.26 -8.45
C VAL E 206 3.79 -52.93 -9.54
N ASP E 207 2.48 -53.03 -9.31
CA ASP E 207 1.54 -53.62 -10.26
C ASP E 207 1.06 -52.53 -11.20
N LEU E 208 1.16 -52.78 -12.51
CA LEU E 208 0.77 -51.81 -13.53
C LEU E 208 -0.41 -52.29 -14.36
N THR E 209 -1.26 -53.14 -13.80
CA THR E 209 -2.37 -53.70 -14.57
C THR E 209 -3.53 -52.72 -14.66
N LYS E 210 -3.75 -51.93 -13.61
CA LYS E 210 -4.82 -50.95 -13.59
C LYS E 210 -4.31 -49.52 -13.69
N ALA E 211 -3.16 -49.32 -14.34
CA ALA E 211 -2.60 -47.99 -14.50
C ALA E 211 -3.47 -47.15 -15.43
N LYS E 212 -3.33 -45.83 -15.32
CA LYS E 212 -4.08 -44.92 -16.15
C LYS E 212 -3.56 -44.96 -17.58
N ARG E 213 -4.46 -45.18 -18.54
CA ARG E 213 -4.07 -45.32 -19.94
C ARG E 213 -4.85 -44.43 -20.89
N GLN E 214 -5.82 -43.68 -20.38
CA GLN E 214 -6.53 -42.70 -21.20
C GLN E 214 -6.90 -41.53 -20.32
N ASP E 215 -6.85 -40.33 -20.90
CA ASP E 215 -6.95 -39.11 -20.10
C ASP E 215 -8.35 -38.92 -19.54
N LEU E 216 -9.37 -39.33 -20.29
CA LEU E 216 -10.74 -39.09 -19.87
C LEU E 216 -11.08 -39.89 -18.63
N GLU E 217 -11.92 -39.31 -17.77
CA GLU E 217 -12.27 -39.88 -16.48
C GLU E 217 -13.78 -39.86 -16.31
N PRO E 218 -14.50 -40.91 -16.68
CA PRO E 218 -15.97 -40.86 -16.69
C PRO E 218 -16.59 -40.38 -15.38
N SER E 219 -16.13 -40.92 -14.25
CA SER E 219 -16.75 -40.58 -12.97
C SER E 219 -16.53 -39.12 -12.61
N VAL E 220 -15.32 -38.63 -12.82
CA VAL E 220 -15.00 -37.25 -12.47
C VAL E 220 -15.80 -36.29 -13.33
N GLU E 221 -15.94 -36.61 -14.62
CA GLU E 221 -16.72 -35.76 -15.51
C GLU E 221 -18.20 -35.78 -15.16
N GLU E 222 -18.75 -36.94 -14.83
CA GLU E 222 -20.15 -36.99 -14.45
C GLU E 222 -20.40 -36.18 -13.19
N ALA E 223 -19.54 -36.35 -12.18
CA ALA E 223 -19.67 -35.60 -10.95
C ALA E 223 -19.57 -34.09 -11.22
N ARG E 224 -18.60 -33.68 -12.03
CA ARG E 224 -18.41 -32.26 -12.27
C ARG E 224 -19.59 -31.66 -13.02
N TYR E 225 -20.13 -32.41 -13.99
CA TYR E 225 -21.30 -31.92 -14.71
C TYR E 225 -22.49 -31.78 -13.78
N ASN E 226 -22.65 -32.71 -12.86
CA ASN E 226 -23.72 -32.60 -11.89
C ASN E 226 -23.46 -31.52 -10.84
N SER E 227 -22.22 -31.05 -10.70
CA SER E 227 -21.92 -29.97 -9.78
C SER E 227 -22.47 -28.63 -10.23
N CYS E 228 -22.59 -28.42 -11.54
CA CYS E 228 -23.04 -27.13 -12.07
C CYS E 228 -24.57 -27.06 -12.16
N CYS F 45 -17.39 -17.73 -8.02
CA CYS F 45 -16.36 -17.47 -9.01
C CYS F 45 -15.25 -18.53 -8.97
N PHE F 46 -14.01 -18.07 -9.06
CA PHE F 46 -12.86 -18.97 -8.98
C PHE F 46 -12.16 -18.77 -7.64
N GLY F 47 -11.73 -19.88 -7.04
CA GLY F 47 -11.20 -19.84 -5.70
C GLY F 47 -12.25 -19.77 -4.62
N GLN F 48 -13.53 -19.74 -5.00
CA GLN F 48 -14.62 -19.70 -4.04
C GLN F 48 -15.65 -20.78 -4.29
N CYS F 49 -15.31 -21.83 -5.02
CA CYS F 49 -16.22 -22.93 -5.31
C CYS F 49 -15.71 -24.18 -4.61
N GLN F 50 -16.43 -24.63 -3.60
CA GLN F 50 -16.08 -25.86 -2.91
C GLN F 50 -16.57 -27.07 -3.70
N TYR F 51 -15.79 -28.15 -3.66
CA TYR F 51 -16.15 -29.36 -4.38
C TYR F 51 -17.28 -30.08 -3.66
N THR F 52 -18.22 -30.60 -4.43
CA THR F 52 -19.24 -31.45 -3.83
C THR F 52 -18.62 -32.79 -3.48
N ALA F 53 -19.37 -33.57 -2.70
CA ALA F 53 -18.85 -34.84 -2.22
C ALA F 53 -18.50 -35.76 -3.38
N GLU F 54 -19.38 -35.82 -4.38
CA GLU F 54 -19.16 -36.71 -5.51
C GLU F 54 -17.90 -36.35 -6.27
N GLU F 55 -17.70 -35.06 -6.52
CA GLU F 55 -16.54 -34.63 -7.29
C GLU F 55 -15.26 -34.85 -6.51
N TYR F 56 -15.27 -34.55 -5.21
CA TYR F 56 -14.09 -34.74 -4.38
C TYR F 56 -13.70 -36.21 -4.36
N GLN F 57 -14.68 -37.09 -4.12
CA GLN F 57 -14.40 -38.51 -4.10
C GLN F 57 -13.84 -38.97 -5.44
N ALA F 58 -14.45 -38.51 -6.54
CA ALA F 58 -14.00 -38.92 -7.86
C ALA F 58 -12.55 -38.51 -8.10
N ILE F 59 -12.23 -37.25 -7.83
CA ILE F 59 -10.89 -36.75 -8.12
C ILE F 59 -9.86 -37.42 -7.22
N GLN F 60 -10.23 -37.66 -5.95
CA GLN F 60 -9.28 -38.27 -5.04
C GLN F 60 -8.98 -39.71 -5.43
N LYS F 61 -9.99 -40.45 -5.90
CA LYS F 61 -9.70 -41.77 -6.45
C LYS F 61 -8.82 -41.67 -7.68
N ALA F 62 -9.14 -40.73 -8.58
CA ALA F 62 -8.44 -40.66 -9.86
C ALA F 62 -6.99 -40.27 -9.69
N LEU F 63 -6.68 -39.44 -8.69
CA LEU F 63 -5.32 -38.94 -8.52
C LEU F 63 -4.37 -39.98 -7.96
N ARG F 64 -4.89 -41.06 -7.38
CA ARG F 64 -4.03 -42.11 -6.85
C ARG F 64 -3.48 -43.02 -7.93
N GLN F 65 -4.13 -43.08 -9.09
CA GLN F 65 -3.73 -44.00 -10.14
C GLN F 65 -2.38 -43.60 -10.71
N ARG F 66 -1.58 -44.59 -11.06
CA ARG F 66 -0.30 -44.34 -11.70
C ARG F 66 -0.47 -44.27 -13.21
N LEU F 67 0.49 -43.63 -13.87
CA LEU F 67 0.42 -43.48 -15.31
C LEU F 67 1.01 -44.70 -16.00
N GLY F 68 0.42 -45.04 -17.16
CA GLY F 68 0.90 -46.16 -17.92
C GLY F 68 2.15 -45.82 -18.70
N PRO F 69 2.62 -46.79 -19.48
CA PRO F 69 3.80 -46.54 -20.31
C PRO F 69 3.51 -45.58 -21.46
N GLU F 70 2.25 -45.29 -21.73
CA GLU F 70 1.85 -44.42 -22.81
C GLU F 70 2.24 -42.97 -22.56
N TYR F 71 2.58 -42.61 -21.33
CA TYR F 71 2.84 -41.24 -20.96
C TYR F 71 4.31 -40.94 -20.73
N ILE F 72 5.12 -41.96 -20.56
CA ILE F 72 6.52 -41.75 -20.19
C ILE F 72 7.38 -41.72 -21.44
N SER F 73 8.38 -40.84 -21.43
CA SER F 73 9.36 -40.76 -22.51
C SER F 73 10.73 -40.66 -21.89
N SER F 74 11.76 -40.80 -22.72
CA SER F 74 13.12 -40.96 -22.22
C SER F 74 14.04 -39.94 -22.86
N ARG F 75 15.14 -39.67 -22.16
CA ARG F 75 16.23 -38.82 -22.65
C ARG F 75 17.55 -39.44 -22.24
N MET F 76 18.60 -39.03 -22.94
CA MET F 76 19.99 -39.35 -22.58
C MET F 76 20.56 -38.11 -21.90
N ALA F 77 20.95 -38.27 -20.64
CA ALA F 77 21.44 -37.14 -19.86
C ALA F 77 22.80 -36.68 -20.35
N GLY F 78 23.18 -35.48 -19.94
CA GLY F 78 24.46 -34.91 -20.30
C GLY F 78 25.58 -35.44 -19.44
N GLY F 79 25.99 -36.68 -19.69
CA GLY F 79 26.95 -37.37 -18.86
C GLY F 79 26.38 -38.48 -18.01
N GLY F 80 25.11 -38.82 -18.18
CA GLY F 80 24.49 -39.86 -17.40
C GLY F 80 23.83 -40.93 -18.25
N GLN F 81 22.62 -41.34 -17.85
CA GLN F 81 21.90 -42.41 -18.54
C GLN F 81 20.43 -42.06 -18.73
N LYS F 82 19.63 -43.07 -19.06
CA LYS F 82 18.21 -42.90 -19.36
C LYS F 82 17.50 -42.16 -18.23
N VAL F 83 16.94 -41.00 -18.55
CA VAL F 83 16.08 -40.25 -17.64
C VAL F 83 14.67 -40.27 -18.19
N CYS F 84 13.71 -40.67 -17.36
CA CYS F 84 12.32 -40.74 -17.78
C CYS F 84 11.56 -39.51 -17.32
N TYR F 85 10.59 -39.09 -18.13
CA TYR F 85 9.84 -37.87 -17.84
C TYR F 85 8.52 -37.90 -18.59
N ILE F 86 7.71 -36.88 -18.33
CA ILE F 86 6.43 -36.69 -18.98
C ILE F 86 6.46 -35.34 -19.68
N GLU F 87 6.05 -35.32 -20.94
CA GLU F 87 6.08 -34.08 -21.70
C GLU F 87 5.05 -33.09 -21.18
N GLY F 88 5.32 -31.80 -21.39
CA GLY F 88 4.49 -30.74 -20.86
C GLY F 88 3.06 -30.74 -21.31
N HIS F 89 2.83 -30.89 -22.61
CA HIS F 89 1.46 -30.90 -23.10
C HIS F 89 0.68 -32.07 -22.54
N ARG F 90 1.37 -33.15 -22.19
CA ARG F 90 0.71 -34.31 -21.62
C ARG F 90 0.18 -34.00 -20.23
N VAL F 91 0.97 -33.31 -19.40
CA VAL F 91 0.47 -32.96 -18.08
C VAL F 91 -0.59 -31.88 -18.17
N ILE F 92 -0.49 -31.02 -19.19
CA ILE F 92 -1.56 -30.05 -19.41
C ILE F 92 -2.88 -30.75 -19.72
N ASN F 93 -2.83 -31.76 -20.58
CA ASN F 93 -4.03 -32.51 -20.91
C ASN F 93 -4.57 -33.27 -19.70
N LEU F 94 -3.67 -33.89 -18.93
CA LEU F 94 -4.09 -34.61 -17.74
C LEU F 94 -4.76 -33.68 -16.74
N ALA F 95 -4.22 -32.48 -16.57
CA ALA F 95 -4.85 -31.52 -15.66
C ALA F 95 -6.17 -31.03 -16.21
N ASN F 96 -6.27 -30.86 -17.53
CA ASN F 96 -7.52 -30.41 -18.11
C ASN F 96 -8.63 -31.43 -17.93
N GLU F 97 -8.29 -32.72 -18.01
CA GLU F 97 -9.35 -33.71 -17.92
C GLU F 97 -9.56 -34.21 -16.49
N MET F 98 -8.60 -33.98 -15.61
CA MET F 98 -8.85 -34.22 -14.18
C MET F 98 -9.74 -33.14 -13.59
N PHE F 99 -9.28 -31.90 -13.63
CA PHE F 99 -9.94 -30.82 -12.91
C PHE F 99 -10.92 -30.01 -13.75
N GLY F 100 -10.93 -30.19 -15.06
CA GLY F 100 -11.74 -29.37 -15.94
C GLY F 100 -10.97 -28.16 -16.44
N TYR F 101 -11.42 -27.64 -17.58
CA TYR F 101 -10.76 -26.49 -18.15
C TYR F 101 -10.95 -25.23 -17.31
N ASN F 102 -11.98 -25.20 -16.49
CA ASN F 102 -12.25 -24.07 -15.60
C ASN F 102 -11.98 -24.44 -14.15
N GLY F 103 -11.13 -25.42 -13.92
CA GLY F 103 -10.94 -25.94 -12.58
C GLY F 103 -9.55 -25.74 -12.03
N TRP F 104 -8.63 -25.30 -12.87
CA TRP F 104 -7.26 -25.06 -12.42
C TRP F 104 -6.67 -23.89 -13.17
N ALA F 105 -5.71 -23.23 -12.53
CA ALA F 105 -5.06 -22.05 -13.08
C ALA F 105 -3.61 -22.07 -12.67
N HIS F 106 -2.78 -21.30 -13.37
CA HIS F 106 -1.38 -21.24 -13.01
C HIS F 106 -0.76 -19.93 -13.44
N SER F 107 0.17 -19.45 -12.63
CA SER F 107 0.86 -18.19 -12.84
C SER F 107 2.35 -18.38 -12.67
N ILE F 108 3.11 -17.45 -13.22
CA ILE F 108 4.55 -17.37 -13.01
C ILE F 108 4.81 -16.24 -12.03
N THR F 109 5.03 -16.58 -10.76
CA THR F 109 5.19 -15.56 -9.74
C THR F 109 6.52 -14.82 -9.88
N GLN F 110 7.54 -15.50 -10.38
CA GLN F 110 8.84 -14.87 -10.56
C GLN F 110 9.72 -15.66 -11.51
N GLN F 111 10.38 -14.97 -12.43
CA GLN F 111 11.39 -15.56 -13.30
C GLN F 111 12.64 -14.72 -13.23
N ASN F 112 13.76 -15.37 -12.91
CA ASN F 112 15.03 -14.70 -12.70
C ASN F 112 16.06 -15.38 -13.60
N VAL F 113 16.75 -14.59 -14.41
CA VAL F 113 17.82 -15.11 -15.25
C VAL F 113 19.07 -15.24 -14.40
N ASP F 114 19.46 -16.47 -14.08
CA ASP F 114 20.58 -16.68 -13.19
C ASP F 114 21.89 -16.27 -13.85
N PHE F 115 22.19 -16.83 -15.02
CA PHE F 115 23.44 -16.41 -15.63
C PHE F 115 23.37 -16.56 -17.15
N VAL F 116 24.12 -15.68 -17.82
CA VAL F 116 24.38 -15.73 -19.26
C VAL F 116 25.87 -15.56 -19.48
N ASP F 117 26.57 -16.64 -19.79
CA ASP F 117 28.01 -16.62 -19.96
C ASP F 117 28.39 -16.95 -21.40
N LEU F 118 29.53 -16.42 -21.82
CA LEU F 118 30.08 -16.67 -23.16
C LEU F 118 31.44 -17.33 -23.00
N ASN F 119 31.58 -18.54 -23.52
CA ASN F 119 32.82 -19.29 -23.42
C ASN F 119 33.12 -19.89 -24.79
N ASN F 120 34.28 -19.56 -25.34
CA ASN F 120 34.75 -20.10 -26.61
C ASN F 120 33.70 -19.88 -27.70
N GLY F 121 33.06 -18.72 -27.66
CA GLY F 121 32.10 -18.36 -28.67
C GLY F 121 30.73 -18.98 -28.53
N LYS F 122 30.50 -19.79 -27.51
CA LYS F 122 29.22 -20.43 -27.30
C LYS F 122 28.58 -19.88 -26.02
N PHE F 123 27.27 -19.96 -25.95
CA PHE F 123 26.50 -19.33 -24.88
C PHE F 123 25.96 -20.35 -23.91
N TYR F 124 26.15 -20.09 -22.62
CA TYR F 124 25.65 -20.93 -21.53
C TYR F 124 24.69 -20.08 -20.70
N VAL F 125 23.41 -20.46 -20.71
CA VAL F 125 22.35 -19.69 -20.07
C VAL F 125 21.62 -20.57 -19.07
N GLY F 126 21.34 -20.01 -17.90
CA GLY F 126 20.57 -20.70 -16.89
C GLY F 126 19.55 -19.77 -16.26
N VAL F 127 18.29 -20.20 -16.26
CA VAL F 127 17.14 -19.35 -15.90
C VAL F 127 16.23 -20.10 -14.94
N CYS F 128 15.72 -19.38 -13.94
CA CYS F 128 14.86 -19.94 -12.91
C CYS F 128 13.47 -19.37 -13.03
N ALA F 129 12.47 -20.18 -12.65
CA ALA F 129 11.09 -19.74 -12.69
C ALA F 129 10.33 -20.32 -11.52
N PHE F 130 9.37 -19.57 -11.01
CA PHE F 130 8.52 -19.99 -9.91
C PHE F 130 7.09 -20.06 -10.41
N VAL F 131 6.52 -21.25 -10.43
CA VAL F 131 5.19 -21.46 -10.99
C VAL F 131 4.24 -21.88 -9.88
N ARG F 132 3.06 -21.29 -9.88
CA ARG F 132 2.05 -21.54 -8.86
C ARG F 132 0.77 -22.00 -9.52
N VAL F 133 0.27 -23.16 -9.08
CA VAL F 133 -0.95 -23.76 -9.59
C VAL F 133 -2.02 -23.63 -8.52
N GLN F 134 -3.25 -23.40 -8.93
CA GLN F 134 -4.35 -23.18 -8.01
C GLN F 134 -5.61 -23.84 -8.53
N LEU F 135 -6.29 -24.56 -7.65
CA LEU F 135 -7.54 -25.21 -7.99
C LEU F 135 -8.71 -24.29 -7.70
N LYS F 136 -9.90 -24.73 -8.06
CA LYS F 136 -11.07 -23.87 -8.02
C LYS F 136 -11.66 -23.72 -6.64
N ASP F 137 -11.15 -24.47 -5.66
CA ASP F 137 -11.57 -24.29 -4.27
C ASP F 137 -10.59 -23.46 -3.47
N GLY F 138 -9.46 -23.09 -4.05
CA GLY F 138 -8.45 -22.32 -3.36
C GLY F 138 -7.16 -23.05 -3.07
N SER F 139 -7.11 -24.36 -3.28
CA SER F 139 -5.90 -25.11 -3.05
C SER F 139 -4.84 -24.73 -4.08
N TYR F 140 -3.59 -24.72 -3.64
CA TYR F 140 -2.52 -24.27 -4.51
C TYR F 140 -1.24 -25.01 -4.18
N HIS F 141 -0.33 -25.02 -5.14
CA HIS F 141 1.00 -25.56 -4.96
C HIS F 141 1.99 -24.79 -5.81
N GLU F 142 3.13 -24.46 -5.23
CA GLU F 142 4.11 -23.61 -5.90
C GLU F 142 5.45 -24.31 -5.94
N ASP F 143 6.05 -24.38 -7.12
CA ASP F 143 7.35 -25.03 -7.25
C ASP F 143 8.26 -24.23 -8.15
N VAL F 144 9.50 -24.71 -8.24
CA VAL F 144 10.59 -24.08 -8.97
C VAL F 144 10.93 -24.92 -10.17
N GLY F 145 11.16 -24.26 -11.30
CA GLY F 145 11.65 -24.91 -12.48
C GLY F 145 12.92 -24.25 -12.97
N TYR F 146 13.78 -25.01 -13.65
CA TYR F 146 15.03 -24.47 -14.15
C TYR F 146 15.18 -24.81 -15.62
N GLY F 147 15.64 -23.84 -16.39
CA GLY F 147 15.92 -24.03 -17.80
C GLY F 147 17.38 -23.77 -18.10
N VAL F 148 17.96 -24.65 -18.91
CA VAL F 148 19.39 -24.65 -19.20
C VAL F 148 19.59 -24.62 -20.71
N SER F 149 20.66 -23.95 -21.14
CA SER F 149 21.07 -23.99 -22.53
C SER F 149 22.59 -23.90 -22.57
N GLU F 150 23.26 -24.96 -23.01
CA GLU F 150 24.71 -25.04 -22.94
C GLU F 150 25.29 -25.20 -24.34
N GLY F 151 24.51 -24.84 -25.34
CA GLY F 151 24.82 -25.11 -26.73
C GLY F 151 25.06 -23.89 -27.60
N LEU F 152 23.96 -23.45 -28.20
CA LEU F 152 23.85 -22.57 -29.35
C LEU F 152 24.76 -21.35 -29.35
N LYS F 153 25.13 -20.88 -30.55
CA LYS F 153 25.95 -19.70 -30.72
C LYS F 153 25.15 -18.41 -30.79
N SER F 154 23.83 -18.46 -30.62
CA SER F 154 22.98 -17.28 -30.66
C SER F 154 22.39 -17.04 -29.28
N LYS F 155 22.56 -15.82 -28.77
CA LYS F 155 22.16 -15.52 -27.40
C LYS F 155 20.64 -15.53 -27.25
N ALA F 156 19.93 -14.99 -28.24
CA ALA F 156 18.49 -14.89 -28.15
C ALA F 156 17.84 -16.26 -28.08
N LEU F 157 18.29 -17.19 -28.94
CA LEU F 157 17.73 -18.53 -28.92
C LEU F 157 18.01 -19.23 -27.60
N SER F 158 19.20 -19.01 -27.04
CA SER F 158 19.55 -19.61 -25.77
C SER F 158 18.63 -19.11 -24.66
N LEU F 159 18.45 -17.80 -24.56
CA LEU F 159 17.56 -17.27 -23.52
C LEU F 159 16.13 -17.74 -23.74
N GLU F 160 15.70 -17.82 -25.00
CA GLU F 160 14.36 -18.30 -25.30
C GLU F 160 14.14 -19.71 -24.77
N LYS F 161 15.03 -20.63 -25.17
CA LYS F 161 14.93 -22.01 -24.69
C LYS F 161 14.95 -22.07 -23.18
N ALA F 162 15.87 -21.32 -22.55
CA ALA F 162 15.97 -21.35 -21.10
C ALA F 162 14.67 -20.92 -20.43
N ARG F 163 14.12 -19.78 -20.84
CA ARG F 163 12.92 -19.26 -20.17
C ARG F 163 11.74 -20.18 -20.36
N LYS F 164 11.52 -20.65 -21.60
CA LYS F 164 10.36 -21.50 -21.85
C LYS F 164 10.48 -22.83 -21.10
N GLU F 165 11.67 -23.45 -21.15
CA GLU F 165 11.86 -24.70 -20.44
C GLU F 165 11.69 -24.52 -18.94
N ALA F 166 12.11 -23.36 -18.42
CA ALA F 166 11.95 -23.10 -17.00
C ALA F 166 10.49 -23.07 -16.60
N VAL F 167 9.68 -22.33 -17.36
CA VAL F 167 8.26 -22.24 -17.00
C VAL F 167 7.58 -23.60 -17.11
N THR F 168 7.94 -24.37 -18.15
CA THR F 168 7.32 -25.67 -18.30
C THR F 168 7.70 -26.62 -17.17
N ASP F 169 8.98 -26.64 -16.80
CA ASP F 169 9.42 -27.50 -15.70
C ASP F 169 8.76 -27.09 -14.40
N GLY F 170 8.60 -25.79 -14.17
CA GLY F 170 7.92 -25.33 -12.98
C GLY F 170 6.48 -25.79 -12.92
N LEU F 171 5.77 -25.69 -14.05
CA LEU F 171 4.39 -26.15 -14.09
C LEU F 171 4.30 -27.64 -13.80
N LYS F 172 5.17 -28.44 -14.41
CA LYS F 172 5.12 -29.88 -14.18
C LYS F 172 5.39 -30.22 -12.73
N ARG F 173 6.44 -29.63 -12.16
CA ARG F 173 6.78 -29.93 -10.76
C ARG F 173 5.68 -29.47 -9.82
N ALA F 174 5.00 -28.36 -10.14
CA ALA F 174 3.92 -27.90 -9.28
C ALA F 174 2.71 -28.81 -9.37
N LEU F 175 2.46 -29.38 -10.56
CA LEU F 175 1.34 -30.30 -10.69
C LEU F 175 1.64 -31.67 -10.11
N ARG F 176 2.92 -32.02 -9.92
CA ARG F 176 3.25 -33.27 -9.26
C ARG F 176 2.59 -33.39 -7.89
N SER F 177 2.49 -32.28 -7.15
CA SER F 177 2.10 -32.33 -5.75
C SER F 177 0.64 -32.68 -5.56
N PHE F 178 -0.15 -32.76 -6.63
CA PHE F 178 -1.56 -33.09 -6.47
C PHE F 178 -1.78 -34.59 -6.42
N GLY F 179 -0.83 -35.36 -6.91
CA GLY F 179 -0.97 -36.81 -6.84
C GLY F 179 -0.16 -37.50 -7.92
N ASN F 180 -0.31 -38.81 -7.94
CA ASN F 180 0.44 -39.65 -8.87
C ASN F 180 -0.02 -39.44 -10.29
N ALA F 181 -1.31 -39.27 -10.51
CA ALA F 181 -1.87 -39.21 -11.85
C ALA F 181 -1.41 -37.98 -12.63
N LEU F 182 -0.61 -37.12 -12.03
CA LEU F 182 -0.12 -35.93 -12.70
C LEU F 182 1.41 -35.87 -12.75
N GLY F 183 2.09 -36.95 -12.39
CA GLY F 183 3.53 -37.02 -12.54
C GLY F 183 4.32 -37.23 -11.28
N ASN F 184 3.68 -37.64 -10.18
CA ASN F 184 4.38 -37.94 -8.94
C ASN F 184 4.88 -39.38 -8.92
N CYS F 185 4.75 -40.08 -10.04
CA CYS F 185 5.26 -41.43 -10.19
C CYS F 185 6.63 -41.49 -10.82
N ILE F 186 7.01 -40.50 -11.63
CA ILE F 186 8.30 -40.55 -12.29
C ILE F 186 9.46 -40.39 -11.32
N LEU F 187 9.18 -40.23 -10.03
CA LEU F 187 10.23 -40.15 -9.03
C LEU F 187 10.39 -41.43 -8.23
N ASP F 188 9.39 -42.31 -8.23
CA ASP F 188 9.47 -43.57 -7.51
C ASP F 188 10.30 -44.54 -8.34
N LYS F 189 11.39 -45.05 -7.77
CA LYS F 189 12.27 -45.93 -8.52
C LYS F 189 11.65 -47.30 -8.71
N ASP F 190 10.76 -47.71 -7.82
CA ASP F 190 10.07 -48.98 -7.99
C ASP F 190 9.19 -48.96 -9.23
N TYR F 191 8.42 -47.88 -9.40
CA TYR F 191 7.57 -47.74 -10.58
C TYR F 191 8.40 -47.65 -11.85
N LEU F 192 9.56 -46.98 -11.80
CA LEU F 192 10.42 -46.91 -12.98
C LEU F 192 10.99 -48.28 -13.33
N ARG F 193 11.38 -49.06 -12.32
CA ARG F 193 11.81 -50.42 -12.59
C ARG F 193 10.68 -51.25 -13.20
N SER F 194 9.47 -51.12 -12.66
CA SER F 194 8.36 -51.90 -13.18
C SER F 194 7.95 -51.48 -14.58
N LEU F 195 8.26 -50.25 -14.98
CA LEU F 195 7.99 -49.84 -16.35
C LEU F 195 8.90 -50.53 -17.36
N ASN F 196 10.20 -50.60 -17.07
CA ASN F 196 11.15 -51.12 -18.05
C ASN F 196 10.97 -52.63 -18.26
N LYS F 197 10.31 -53.31 -17.34
CA LYS F 197 10.07 -54.74 -17.52
C LYS F 197 8.73 -55.00 -18.20
N LEU F 198 8.25 -54.02 -18.96
CA LEU F 198 7.00 -54.15 -19.69
C LEU F 198 7.30 -53.85 -21.15
N PRO F 199 6.71 -54.59 -22.08
CA PRO F 199 7.11 -54.46 -23.49
C PRO F 199 6.94 -53.05 -24.03
N ARG F 200 7.81 -52.69 -24.97
CA ARG F 200 7.86 -51.35 -25.55
C ARG F 200 6.89 -51.31 -26.73
N GLN F 201 5.82 -50.52 -26.59
CA GLN F 201 4.81 -50.42 -27.63
C GLN F 201 5.20 -49.35 -28.64
N LEU F 202 4.91 -49.61 -29.91
CA LEU F 202 5.25 -48.65 -30.95
C LEU F 202 4.31 -47.46 -30.91
N PRO F 203 4.75 -46.29 -31.37
CA PRO F 203 3.90 -45.09 -31.25
C PRO F 203 2.58 -45.23 -31.99
N LEU F 204 1.51 -44.79 -31.33
CA LEU F 204 0.18 -44.87 -31.90
C LEU F 204 -0.03 -43.75 -32.92
N GLU F 205 -0.85 -44.02 -33.93
CA GLU F 205 -1.20 -43.04 -34.95
C GLU F 205 -2.53 -42.40 -34.60
N VAL F 206 -2.64 -41.11 -34.89
CA VAL F 206 -3.74 -40.27 -34.41
C VAL F 206 -4.78 -40.16 -35.52
N ASP F 207 -6.02 -40.53 -35.19
CA ASP F 207 -7.12 -40.34 -36.12
C ASP F 207 -7.36 -38.84 -36.34
N LEU F 208 -7.56 -38.46 -37.60
CA LEU F 208 -7.65 -37.05 -37.94
C LEU F 208 -8.83 -36.85 -38.91
N THR F 209 -9.90 -37.62 -38.69
CA THR F 209 -11.07 -37.55 -39.55
C THR F 209 -12.25 -36.87 -38.88
N LYS F 210 -12.16 -36.61 -37.57
CA LYS F 210 -13.14 -35.75 -36.93
C LYS F 210 -12.49 -34.51 -36.32
N ALA F 211 -11.35 -34.08 -36.85
CA ALA F 211 -10.67 -32.91 -36.33
C ALA F 211 -11.48 -31.65 -36.62
N LYS F 212 -11.19 -30.60 -35.86
CA LYS F 212 -11.91 -29.35 -36.03
C LYS F 212 -11.49 -28.66 -37.33
N ARG F 213 -12.49 -28.32 -38.14
CA ARG F 213 -12.20 -27.73 -39.45
C ARG F 213 -12.95 -26.42 -39.69
N GLN F 214 -13.63 -25.88 -38.70
CA GLN F 214 -14.28 -24.58 -38.81
C GLN F 214 -14.32 -23.97 -37.42
N ASP F 215 -14.32 -22.64 -37.36
CA ASP F 215 -14.24 -21.96 -36.07
C ASP F 215 -15.55 -22.13 -35.30
N LEU F 216 -16.67 -22.12 -36.00
CA LEU F 216 -17.98 -22.16 -35.36
C LEU F 216 -18.15 -23.45 -34.55
N GLU F 217 -18.76 -23.31 -33.37
CA GLU F 217 -19.03 -24.44 -32.49
C GLU F 217 -20.47 -24.37 -32.04
N PRO F 218 -21.42 -24.86 -32.86
CA PRO F 218 -22.83 -24.54 -32.63
C PRO F 218 -23.35 -24.81 -31.22
N SER F 219 -22.96 -25.94 -30.62
CA SER F 219 -23.45 -26.26 -29.28
C SER F 219 -22.97 -25.24 -28.26
N VAL F 220 -21.73 -24.80 -28.40
CA VAL F 220 -21.16 -23.84 -27.45
C VAL F 220 -21.91 -22.52 -27.54
N GLU F 221 -22.21 -22.05 -28.75
CA GLU F 221 -22.92 -20.79 -28.87
C GLU F 221 -24.37 -20.90 -28.42
N GLU F 222 -25.00 -22.04 -28.68
CA GLU F 222 -26.36 -22.24 -28.18
C GLU F 222 -26.39 -22.16 -26.66
N ALA F 223 -25.48 -22.88 -26.01
CA ALA F 223 -25.42 -22.84 -24.56
C ALA F 223 -25.07 -21.45 -24.05
N ARG F 224 -24.15 -20.75 -24.71
CA ARG F 224 -23.74 -19.43 -24.26
C ARG F 224 -24.88 -18.44 -24.37
N TYR F 225 -25.68 -18.56 -25.44
CA TYR F 225 -26.82 -17.65 -25.60
C TYR F 225 -27.89 -17.96 -24.57
N ASN F 226 -28.15 -19.23 -24.32
CA ASN F 226 -29.12 -19.58 -23.28
C ASN F 226 -28.62 -19.25 -21.89
N SER F 227 -27.32 -19.05 -21.71
CA SER F 227 -26.74 -18.70 -20.42
C SER F 227 -26.80 -17.21 -20.12
N CYS F 228 -27.52 -16.43 -20.91
CA CYS F 228 -27.64 -15.00 -20.68
C CYS F 228 -29.08 -14.60 -20.40
N CYS G 45 -20.75 -9.57 -13.66
CA CYS G 45 -19.52 -8.91 -14.09
C CYS G 45 -18.60 -9.87 -14.83
N PHE G 46 -17.32 -9.52 -14.86
CA PHE G 46 -16.31 -10.38 -15.46
C PHE G 46 -15.33 -10.84 -14.41
N GLY G 47 -15.11 -12.15 -14.33
CA GLY G 47 -14.35 -12.76 -13.28
C GLY G 47 -15.21 -13.34 -12.18
N GLN G 48 -16.51 -13.08 -12.21
CA GLN G 48 -17.43 -13.64 -11.24
C GLN G 48 -18.67 -14.26 -11.89
N CYS G 49 -18.58 -14.69 -13.14
CA CYS G 49 -19.70 -15.31 -13.84
C CYS G 49 -19.39 -16.78 -14.05
N GLN G 50 -19.99 -17.63 -13.22
CA GLN G 50 -19.77 -19.06 -13.33
C GLN G 50 -20.52 -19.62 -14.52
N TYR G 51 -19.93 -20.63 -15.15
CA TYR G 51 -20.54 -21.26 -16.32
C TYR G 51 -21.70 -22.13 -15.91
N THR G 52 -22.75 -22.15 -16.72
CA THR G 52 -23.81 -23.09 -16.49
C THR G 52 -23.35 -24.48 -16.90
N ALA G 53 -24.18 -25.48 -16.59
CA ALA G 53 -23.80 -26.86 -16.87
C ALA G 53 -23.66 -27.10 -18.36
N GLU G 54 -24.61 -26.60 -19.13
CA GLU G 54 -24.63 -26.84 -20.56
C GLU G 54 -23.40 -26.25 -21.23
N GLU G 55 -23.07 -25.02 -20.87
CA GLU G 55 -21.94 -24.35 -21.49
C GLU G 55 -20.62 -24.99 -21.08
N TYR G 56 -20.50 -25.40 -19.81
CA TYR G 56 -19.30 -26.10 -19.37
C TYR G 56 -19.11 -27.38 -20.16
N GLN G 57 -20.17 -28.19 -20.26
CA GLN G 57 -20.08 -29.42 -21.02
C GLN G 57 -19.67 -29.16 -22.46
N ALA G 58 -20.29 -28.15 -23.08
CA ALA G 58 -20.01 -27.86 -24.48
C ALA G 58 -18.56 -27.47 -24.67
N ILE G 59 -18.05 -26.55 -23.86
CA ILE G 59 -16.68 -26.07 -24.03
C ILE G 59 -15.68 -27.20 -23.75
N GLN G 60 -15.97 -28.03 -22.74
CA GLN G 60 -15.06 -29.12 -22.41
C GLN G 60 -15.00 -30.13 -23.55
N LYS G 61 -16.14 -30.43 -24.16
CA LYS G 61 -16.11 -31.30 -25.32
C LYS G 61 -15.34 -30.67 -26.47
N ALA G 62 -15.54 -29.39 -26.71
CA ALA G 62 -14.96 -28.75 -27.90
C ALA G 62 -13.47 -28.51 -27.73
N LEU G 63 -12.99 -28.46 -26.49
CA LEU G 63 -11.57 -28.18 -26.29
C LEU G 63 -10.70 -29.41 -26.48
N ARG G 64 -11.30 -30.59 -26.54
CA ARG G 64 -10.56 -31.83 -26.74
C ARG G 64 -10.29 -32.12 -28.19
N GLN G 65 -11.00 -31.46 -29.11
CA GLN G 65 -10.86 -31.74 -30.53
C GLN G 65 -9.54 -31.18 -31.04
N ARG G 66 -8.80 -32.00 -31.77
CA ARG G 66 -7.57 -31.56 -32.38
C ARG G 66 -7.85 -30.69 -33.60
N LEU G 67 -6.93 -29.79 -33.89
CA LEU G 67 -7.10 -28.89 -35.02
C LEU G 67 -6.76 -29.61 -36.32
N GLY G 68 -7.43 -29.18 -37.39
CA GLY G 68 -7.22 -29.78 -38.69
C GLY G 68 -6.05 -29.15 -39.40
N PRO G 69 -5.77 -29.62 -40.62
CA PRO G 69 -4.64 -29.08 -41.37
C PRO G 69 -4.85 -27.66 -41.85
N GLU G 70 -6.10 -27.17 -41.86
CA GLU G 70 -6.39 -25.82 -42.30
C GLU G 70 -5.84 -24.76 -41.37
N TYR G 71 -5.43 -25.15 -40.17
CA TYR G 71 -4.94 -24.21 -39.17
C TYR G 71 -3.42 -24.21 -39.07
N ILE G 72 -2.76 -25.24 -39.55
CA ILE G 72 -1.32 -25.36 -39.34
C ILE G 72 -0.58 -24.63 -40.46
N SER G 73 0.56 -24.08 -40.11
CA SER G 73 1.44 -23.41 -41.06
C SER G 73 2.86 -23.82 -40.75
N SER G 74 3.77 -23.54 -41.68
CA SER G 74 5.11 -24.09 -41.57
C SER G 74 6.14 -23.00 -41.78
N ARG G 75 7.31 -23.23 -41.19
CA ARG G 75 8.46 -22.37 -41.37
C ARG G 75 9.71 -23.22 -41.56
N MET G 76 10.74 -22.59 -42.13
CA MET G 76 12.05 -23.20 -42.32
C MET G 76 13.01 -22.54 -41.35
N ALA G 77 13.28 -23.22 -40.24
CA ALA G 77 14.10 -22.61 -39.19
C ALA G 77 15.56 -22.54 -39.61
N GLY G 78 16.28 -21.58 -39.00
CA GLY G 78 17.69 -21.41 -39.27
C GLY G 78 18.54 -22.46 -38.57
N GLY G 79 19.19 -23.30 -39.36
CA GLY G 79 19.95 -24.42 -38.83
C GLY G 79 19.13 -25.64 -38.51
N GLY G 80 17.81 -25.57 -38.64
CA GLY G 80 16.95 -26.71 -38.36
C GLY G 80 16.11 -27.13 -39.54
N GLN G 81 14.91 -27.61 -39.28
CA GLN G 81 14.03 -28.13 -40.33
C GLN G 81 12.62 -27.57 -40.21
N LYS G 82 11.69 -28.19 -40.93
CA LYS G 82 10.29 -27.80 -40.95
C LYS G 82 9.75 -27.68 -39.53
N VAL G 83 9.31 -26.48 -39.15
CA VAL G 83 8.66 -26.26 -37.86
C VAL G 83 7.21 -25.87 -38.12
N CYS G 84 6.30 -26.47 -37.37
CA CYS G 84 4.88 -26.22 -37.54
C CYS G 84 4.35 -25.33 -36.42
N TYR G 85 3.37 -24.49 -36.77
CA TYR G 85 2.83 -23.54 -35.81
C TYR G 85 1.44 -23.12 -36.26
N ILE G 86 0.82 -22.25 -35.46
CA ILE G 86 -0.48 -21.67 -35.75
C ILE G 86 -0.31 -20.15 -35.71
N GLU G 87 -0.76 -19.48 -36.77
CA GLU G 87 -0.65 -18.04 -36.83
C GLU G 87 -1.51 -17.40 -35.75
N GLY G 88 -1.07 -16.24 -35.27
CA GLY G 88 -1.68 -15.58 -34.13
C GLY G 88 -3.16 -15.27 -34.27
N HIS G 89 -3.54 -14.71 -35.42
CA HIS G 89 -4.94 -14.36 -35.61
C HIS G 89 -5.83 -15.58 -35.62
N ARG G 90 -5.31 -16.72 -36.06
CA ARG G 90 -6.06 -17.97 -35.98
C ARG G 90 -6.38 -18.33 -34.55
N VAL G 91 -5.41 -18.15 -33.66
CA VAL G 91 -5.62 -18.50 -32.26
C VAL G 91 -6.58 -17.51 -31.63
N ILE G 92 -6.50 -16.24 -32.03
CA ILE G 92 -7.43 -15.24 -31.50
C ILE G 92 -8.86 -15.56 -31.94
N ASN G 93 -9.02 -15.97 -33.20
CA ASN G 93 -10.35 -16.35 -33.68
C ASN G 93 -10.88 -17.59 -32.97
N LEU G 94 -10.01 -18.57 -32.74
CA LEU G 94 -10.42 -19.76 -32.02
C LEU G 94 -10.86 -19.42 -30.60
N ALA G 95 -10.14 -18.51 -29.96
CA ALA G 95 -10.52 -18.09 -28.62
C ALA G 95 -11.83 -17.33 -28.63
N ASN G 96 -12.03 -16.49 -29.64
CA ASN G 96 -13.29 -15.74 -29.74
C ASN G 96 -14.46 -16.66 -29.97
N GLU G 97 -14.27 -17.74 -30.71
CA GLU G 97 -15.42 -18.57 -31.02
C GLU G 97 -15.63 -19.65 -29.97
N MET G 98 -14.59 -20.00 -29.21
CA MET G 98 -14.77 -20.90 -28.08
C MET G 98 -15.46 -20.20 -26.92
N PHE G 99 -14.90 -19.09 -26.46
CA PHE G 99 -15.36 -18.46 -25.24
C PHE G 99 -16.26 -17.25 -25.45
N GLY G 100 -16.35 -16.73 -26.67
CA GLY G 100 -17.08 -15.51 -26.92
C GLY G 100 -16.20 -14.28 -26.81
N TYR G 101 -16.64 -13.21 -27.45
CA TYR G 101 -15.88 -11.97 -27.40
C TYR G 101 -15.81 -11.40 -25.99
N ASN G 102 -16.70 -11.81 -25.10
CA ASN G 102 -16.71 -11.33 -23.73
C ASN G 102 -16.36 -12.42 -22.73
N GLY G 103 -15.84 -13.55 -23.19
CA GLY G 103 -15.58 -14.67 -22.32
C GLY G 103 -14.13 -14.81 -21.92
N TRP G 104 -13.25 -14.04 -22.55
CA TRP G 104 -11.83 -14.16 -22.25
C TRP G 104 -11.16 -12.79 -22.38
N ALA G 105 -10.10 -12.62 -21.60
CA ALA G 105 -9.34 -11.38 -21.57
C ALA G 105 -7.87 -11.75 -21.44
N HIS G 106 -6.99 -10.81 -21.80
CA HIS G 106 -5.58 -11.10 -21.68
C HIS G 106 -4.79 -9.81 -21.47
N SER G 107 -3.70 -9.94 -20.73
CA SER G 107 -2.90 -8.80 -20.31
C SER G 107 -1.42 -9.14 -20.40
N ILE G 108 -0.60 -8.10 -20.48
CA ILE G 108 0.85 -8.23 -20.46
C ILE G 108 1.33 -7.84 -19.08
N THR G 109 1.72 -8.83 -18.28
CA THR G 109 2.16 -8.56 -16.92
C THR G 109 3.52 -7.88 -16.91
N GLN G 110 4.41 -8.29 -17.81
CA GLN G 110 5.76 -7.75 -17.82
C GLN G 110 6.37 -7.96 -19.19
N GLN G 111 7.14 -6.98 -19.65
CA GLN G 111 7.95 -7.12 -20.84
C GLN G 111 9.32 -6.53 -20.58
N ASN G 112 10.35 -7.33 -20.79
CA ASN G 112 11.72 -6.96 -20.50
C ASN G 112 12.56 -7.15 -21.76
N VAL G 113 13.27 -6.10 -22.16
CA VAL G 113 14.19 -6.21 -23.30
C VAL G 113 15.45 -6.90 -22.78
N ASP G 114 15.65 -8.15 -23.18
CA ASP G 114 16.78 -8.91 -22.71
C ASP G 114 18.09 -8.32 -23.22
N PHE G 115 18.21 -8.12 -24.52
CA PHE G 115 19.45 -7.54 -25.00
C PHE G 115 19.25 -6.89 -26.36
N VAL G 116 20.04 -5.84 -26.59
CA VAL G 116 20.14 -5.17 -27.87
C VAL G 116 21.62 -5.01 -28.22
N ASP G 117 22.15 -5.92 -29.03
CA ASP G 117 23.56 -5.92 -29.38
C ASP G 117 23.76 -5.47 -30.82
N LEU G 118 24.96 -4.99 -31.10
CA LEU G 118 25.33 -4.51 -32.44
C LEU G 118 26.61 -5.21 -32.86
N ASN G 119 26.53 -5.97 -33.94
CA ASN G 119 27.67 -6.76 -34.43
C ASN G 119 27.76 -6.54 -35.93
N ASN G 120 28.91 -6.04 -36.37
CA ASN G 120 29.20 -5.86 -37.79
C ASN G 120 28.10 -5.04 -38.46
N GLY G 121 27.64 -4.01 -37.77
CA GLY G 121 26.63 -3.14 -38.33
C GLY G 121 25.24 -3.72 -38.42
N LYS G 122 24.97 -4.83 -37.75
CA LYS G 122 23.65 -5.43 -37.75
C LYS G 122 23.18 -5.60 -36.31
N PHE G 123 21.87 -5.51 -36.10
CA PHE G 123 21.31 -5.47 -34.75
C PHE G 123 20.73 -6.83 -34.36
N TYR G 124 21.00 -7.25 -33.14
CA TYR G 124 20.51 -8.50 -32.59
C TYR G 124 19.72 -8.17 -31.33
N VAL G 125 18.41 -8.36 -31.36
CA VAL G 125 17.53 -7.97 -30.29
C VAL G 125 16.77 -9.20 -29.79
N GLY G 126 16.68 -9.31 -28.47
CA GLY G 126 15.88 -10.33 -27.83
C GLY G 126 15.08 -9.76 -26.69
N VAL G 127 13.75 -9.99 -26.69
CA VAL G 127 12.85 -9.44 -25.70
C VAL G 127 11.93 -10.54 -25.17
N CYS G 128 11.49 -10.37 -23.93
CA CYS G 128 10.67 -11.33 -23.21
C CYS G 128 9.30 -10.74 -22.94
N ALA G 129 8.30 -11.59 -22.77
CA ALA G 129 6.96 -11.14 -22.45
C ALA G 129 6.24 -12.16 -21.60
N PHE G 130 5.48 -11.70 -20.64
CA PHE G 130 4.64 -12.54 -19.81
C PHE G 130 3.19 -12.18 -20.08
N VAL G 131 2.44 -13.11 -20.64
CA VAL G 131 1.06 -12.85 -21.04
C VAL G 131 0.14 -13.73 -20.23
N ARG G 132 -0.93 -13.13 -19.72
CA ARG G 132 -1.86 -13.79 -18.82
C ARG G 132 -3.26 -13.74 -19.42
N VAL G 133 -3.86 -14.90 -19.63
CA VAL G 133 -5.19 -15.03 -20.18
C VAL G 133 -6.12 -15.43 -19.05
N GLN G 134 -7.36 -14.97 -19.10
CA GLN G 134 -8.32 -15.16 -18.03
C GLN G 134 -9.70 -15.36 -18.63
N LEU G 135 -10.45 -16.33 -18.11
CA LEU G 135 -11.80 -16.54 -18.55
C LEU G 135 -12.78 -15.78 -17.68
N LYS G 136 -14.06 -15.98 -17.92
CA LYS G 136 -15.07 -15.16 -17.27
C LYS G 136 -15.50 -15.70 -15.92
N ASP G 137 -14.94 -16.82 -15.48
CA ASP G 137 -15.17 -17.32 -14.15
C ASP G 137 -13.96 -17.17 -13.24
N GLY G 138 -12.89 -16.55 -13.71
CA GLY G 138 -11.70 -16.35 -12.93
C GLY G 138 -10.53 -17.25 -13.28
N SER G 139 -10.71 -18.20 -14.18
CA SER G 139 -9.65 -19.14 -14.53
C SER G 139 -8.61 -18.44 -15.38
N TYR G 140 -7.34 -18.63 -15.02
CA TYR G 140 -6.26 -17.92 -15.68
C TYR G 140 -5.15 -18.88 -16.06
N HIS G 141 -4.35 -18.47 -17.03
CA HIS G 141 -3.12 -19.14 -17.37
C HIS G 141 -2.12 -18.10 -17.87
N GLU G 142 -0.89 -18.20 -17.40
CA GLU G 142 0.12 -17.20 -17.68
C GLU G 142 1.35 -17.89 -18.24
N ASP G 143 1.85 -17.39 -19.37
CA ASP G 143 3.00 -18.03 -19.99
C ASP G 143 3.94 -16.97 -20.57
N VAL G 144 5.15 -17.41 -20.84
CA VAL G 144 6.23 -16.56 -21.33
C VAL G 144 6.36 -16.73 -22.84
N GLY G 145 6.67 -15.64 -23.52
CA GLY G 145 6.94 -15.67 -24.94
C GLY G 145 8.18 -14.85 -25.25
N TYR G 146 8.85 -15.19 -26.34
CA TYR G 146 10.12 -14.56 -26.65
C TYR G 146 10.11 -14.05 -28.08
N GLY G 147 10.70 -12.87 -28.27
CA GLY G 147 10.83 -12.29 -29.59
C GLY G 147 12.29 -12.08 -29.95
N VAL G 148 12.64 -12.47 -31.17
CA VAL G 148 14.00 -12.44 -31.67
C VAL G 148 14.05 -11.61 -32.94
N SER G 149 15.18 -10.92 -33.13
CA SER G 149 15.42 -10.22 -34.39
C SER G 149 16.93 -10.14 -34.60
N GLU G 150 17.46 -10.94 -35.52
CA GLU G 150 18.90 -11.00 -35.74
C GLU G 150 19.31 -10.53 -37.12
N GLY G 151 18.50 -9.73 -37.78
CA GLY G 151 18.70 -9.28 -39.13
C GLY G 151 19.02 -7.81 -39.27
N LEU G 152 17.94 -7.03 -39.41
CA LEU G 152 17.85 -5.66 -39.88
C LEU G 152 18.95 -4.72 -39.40
N LYS G 153 19.29 -3.73 -40.24
CA LYS G 153 20.27 -2.70 -39.94
C LYS G 153 19.69 -1.54 -39.14
N SER G 154 18.44 -1.60 -38.70
CA SER G 154 17.79 -0.51 -38.01
C SER G 154 17.32 -0.96 -36.64
N LYS G 155 17.63 -0.17 -35.61
CA LYS G 155 17.35 -0.60 -34.25
C LYS G 155 15.86 -0.54 -33.94
N ALA G 156 15.19 0.50 -34.43
CA ALA G 156 13.78 0.69 -34.15
C ALA G 156 12.96 -0.47 -34.68
N LEU G 157 13.20 -0.85 -35.94
CA LEU G 157 12.45 -1.95 -36.52
C LEU G 157 12.74 -3.26 -35.81
N SER G 158 13.99 -3.45 -35.37
CA SER G 158 14.34 -4.65 -34.63
C SER G 158 13.58 -4.75 -33.32
N LEU G 159 13.59 -3.67 -32.53
CA LEU G 159 12.84 -3.69 -31.28
C LEU G 159 11.35 -3.87 -31.52
N GLU G 160 10.83 -3.27 -32.59
CA GLU G 160 9.43 -3.43 -32.92
C GLU G 160 9.07 -4.87 -33.16
N LYS G 161 9.81 -5.52 -34.07
CA LYS G 161 9.55 -6.92 -34.37
C LYS G 161 9.67 -7.77 -33.12
N ALA G 162 10.72 -7.55 -32.33
CA ALA G 162 10.93 -8.34 -31.13
C ALA G 162 9.75 -8.23 -30.18
N ARG G 163 9.35 -7.01 -29.84
CA ARG G 163 8.31 -6.83 -28.83
C ARG G 163 6.98 -7.39 -29.31
N LYS G 164 6.61 -7.11 -30.55
CA LYS G 164 5.32 -7.60 -31.03
C LYS G 164 5.30 -9.12 -31.11
N GLU G 165 6.37 -9.72 -31.65
CA GLU G 165 6.43 -11.17 -31.72
C GLU G 165 6.41 -11.79 -30.33
N ALA G 166 7.02 -11.12 -29.35
CA ALA G 166 7.04 -11.65 -28.00
C ALA G 166 5.63 -11.71 -27.42
N VAL G 167 4.87 -10.62 -27.57
CA VAL G 167 3.51 -10.61 -27.03
C VAL G 167 2.66 -11.66 -27.70
N THR G 168 2.80 -11.80 -29.02
CA THR G 168 2.00 -12.79 -29.73
C THR G 168 2.35 -14.21 -29.30
N ASP G 169 3.65 -14.51 -29.16
CA ASP G 169 4.06 -15.83 -28.73
C ASP G 169 3.56 -16.13 -27.33
N GLY G 170 3.62 -15.15 -26.43
CA GLY G 170 3.12 -15.36 -25.10
C GLY G 170 1.63 -15.67 -25.08
N LEU G 171 0.86 -14.92 -25.86
CA LEU G 171 -0.58 -15.17 -25.93
C LEU G 171 -0.87 -16.57 -26.44
N LYS G 172 -0.16 -16.99 -27.49
CA LYS G 172 -0.40 -18.33 -28.03
C LYS G 172 -0.05 -19.41 -27.01
N ARG G 173 1.11 -19.28 -26.36
CA ARG G 173 1.52 -20.28 -25.40
C ARG G 173 0.59 -20.31 -24.20
N ALA G 174 0.03 -19.17 -23.81
CA ALA G 174 -0.88 -19.14 -22.67
C ALA G 174 -2.23 -19.73 -23.04
N LEU G 175 -2.63 -19.58 -24.30
CA LEU G 175 -3.90 -20.16 -24.72
C LEU G 175 -3.78 -21.66 -24.97
N ARG G 176 -2.56 -22.14 -25.19
CA ARG G 176 -2.37 -23.59 -25.32
C ARG G 176 -2.91 -24.35 -24.13
N SER G 177 -2.77 -23.79 -22.93
CA SER G 177 -3.03 -24.52 -21.70
C SER G 177 -4.51 -24.82 -21.49
N PHE G 178 -5.38 -24.33 -22.36
CA PHE G 178 -6.82 -24.59 -22.18
C PHE G 178 -7.23 -25.87 -22.89
N GLY G 179 -6.43 -26.33 -23.83
CA GLY G 179 -6.74 -27.59 -24.49
C GLY G 179 -6.12 -27.66 -25.87
N ASN G 180 -6.45 -28.74 -26.56
CA ASN G 180 -5.89 -28.97 -27.90
C ASN G 180 -6.50 -28.02 -28.90
N ALA G 181 -7.76 -27.66 -28.73
CA ALA G 181 -8.46 -26.83 -29.70
C ALA G 181 -7.87 -25.44 -29.79
N LEU G 182 -6.90 -25.10 -28.95
CA LEU G 182 -6.28 -23.78 -29.00
C LEU G 182 -4.77 -23.85 -29.18
N GLY G 183 -4.24 -24.96 -29.69
CA GLY G 183 -2.86 -25.06 -30.05
C GLY G 183 -1.97 -25.93 -29.18
N ASN G 184 -2.55 -26.85 -28.41
CA ASN G 184 -1.73 -27.77 -27.64
C ASN G 184 -1.25 -28.94 -28.48
N CYS G 185 -2.14 -29.46 -29.33
CA CYS G 185 -1.82 -30.54 -30.25
C CYS G 185 -0.65 -30.23 -31.16
N ILE G 186 -0.30 -28.95 -31.32
CA ILE G 186 0.84 -28.60 -32.17
C ILE G 186 2.14 -29.08 -31.57
N LEU G 187 2.12 -29.56 -30.33
CA LEU G 187 3.33 -30.07 -29.71
C LEU G 187 3.40 -31.59 -29.73
N ASP G 188 2.27 -32.28 -29.89
CA ASP G 188 2.24 -33.74 -29.92
C ASP G 188 2.86 -34.21 -31.24
N LYS G 189 3.93 -34.99 -31.15
CA LYS G 189 4.63 -35.41 -32.36
C LYS G 189 3.84 -36.45 -33.14
N ASP G 190 2.97 -37.20 -32.46
CA ASP G 190 2.10 -38.13 -33.17
C ASP G 190 1.15 -37.38 -34.10
N TYR G 191 0.53 -36.31 -33.60
CA TYR G 191 -0.37 -35.51 -34.42
C TYR G 191 0.38 -34.85 -35.57
N LEU G 192 1.61 -34.40 -35.34
CA LEU G 192 2.39 -33.79 -36.40
C LEU G 192 2.75 -34.79 -37.48
N ARG G 193 3.11 -36.01 -37.08
CA ARG G 193 3.36 -37.04 -38.09
C ARG G 193 2.10 -37.39 -38.85
N SER G 194 0.97 -37.48 -38.15
CA SER G 194 -0.29 -37.80 -38.81
C SER G 194 -0.76 -36.69 -39.75
N LEU G 195 -0.31 -35.46 -39.53
CA LEU G 195 -0.66 -34.38 -40.45
C LEU G 195 0.00 -34.54 -41.80
N ASN G 196 1.30 -34.85 -41.81
CA ASN G 196 2.01 -34.94 -43.08
C ASN G 196 1.57 -36.16 -43.90
N LYS G 197 0.89 -37.10 -43.26
CA LYS G 197 0.37 -38.27 -43.96
C LYS G 197 -1.00 -37.98 -44.56
N LEU G 198 -1.34 -36.71 -44.70
CA LEU G 198 -2.65 -36.29 -45.17
C LEU G 198 -2.46 -35.36 -46.35
N PRO G 199 -3.35 -35.44 -47.35
CA PRO G 199 -3.14 -34.67 -48.59
C PRO G 199 -2.99 -33.17 -48.34
N ARG G 200 -2.10 -32.56 -49.10
CA ARG G 200 -1.79 -31.13 -48.99
C ARG G 200 -2.86 -30.34 -49.74
N GLN G 201 -3.84 -29.83 -49.00
CA GLN G 201 -4.94 -29.08 -49.61
C GLN G 201 -4.55 -27.63 -49.79
N LEU G 202 -5.12 -27.02 -50.83
CA LEU G 202 -4.75 -25.66 -51.20
C LEU G 202 -5.47 -24.65 -50.30
N PRO G 203 -4.85 -23.50 -50.01
CA PRO G 203 -5.51 -22.49 -49.19
C PRO G 203 -6.79 -21.99 -49.84
N LEU G 204 -7.79 -21.71 -49.00
CA LEU G 204 -9.11 -21.31 -49.50
C LEU G 204 -9.08 -19.86 -49.97
N GLU G 205 -10.06 -19.52 -50.82
CA GLU G 205 -10.28 -18.15 -51.26
C GLU G 205 -11.45 -17.57 -50.49
N VAL G 206 -11.28 -16.34 -50.00
CA VAL G 206 -12.26 -15.75 -49.10
C VAL G 206 -13.31 -14.99 -49.91
N ASP G 207 -14.57 -15.13 -49.51
CA ASP G 207 -15.67 -14.42 -50.14
C ASP G 207 -15.77 -13.02 -49.54
N LEU G 208 -16.06 -12.04 -50.39
CA LEU G 208 -16.10 -10.64 -49.96
C LEU G 208 -17.38 -9.97 -50.43
N THR G 209 -18.43 -10.75 -50.63
CA THR G 209 -19.71 -10.20 -51.07
C THR G 209 -20.65 -9.90 -49.91
N LYS G 210 -20.39 -10.45 -48.73
CA LYS G 210 -21.14 -10.07 -47.53
C LYS G 210 -20.25 -9.35 -46.52
N ALA G 211 -19.15 -8.74 -46.97
CA ALA G 211 -18.26 -8.04 -46.07
C ALA G 211 -18.90 -6.77 -45.55
N LYS G 212 -18.42 -6.29 -44.41
CA LYS G 212 -18.95 -5.09 -43.80
C LYS G 212 -18.53 -3.87 -44.59
N ARG G 213 -19.52 -3.07 -44.99
CA ARG G 213 -19.27 -1.93 -45.87
C ARG G 213 -19.91 -0.66 -45.34
N GLN G 214 -20.43 -0.72 -44.11
CA GLN G 214 -20.93 0.47 -43.43
C GLN G 214 -20.73 0.25 -41.93
N ASP G 215 -20.43 1.35 -41.22
CA ASP G 215 -20.14 1.22 -39.80
C ASP G 215 -21.41 0.89 -39.01
N LEU G 216 -22.52 1.53 -39.35
CA LEU G 216 -23.76 1.37 -38.59
C LEU G 216 -24.19 -0.10 -38.54
N GLU G 217 -24.59 -0.54 -37.37
CA GLU G 217 -25.06 -1.91 -37.15
C GLU G 217 -26.46 -1.89 -36.55
N PRO G 218 -27.50 -2.11 -37.36
CA PRO G 218 -28.87 -1.98 -36.83
C PRO G 218 -29.20 -2.92 -35.70
N SER G 219 -28.81 -4.20 -35.81
CA SER G 219 -29.16 -5.18 -34.78
C SER G 219 -28.52 -4.81 -33.45
N VAL G 220 -27.23 -4.46 -33.49
CA VAL G 220 -26.51 -4.11 -32.27
C VAL G 220 -27.13 -2.88 -31.63
N GLU G 221 -27.48 -1.88 -32.43
CA GLU G 221 -28.05 -0.65 -31.90
C GLU G 221 -29.43 -0.89 -31.29
N GLU G 222 -30.27 -1.68 -31.95
CA GLU G 222 -31.58 -2.00 -31.38
C GLU G 222 -31.43 -2.74 -30.06
N ALA G 223 -30.54 -3.73 -30.02
CA ALA G 223 -30.32 -4.48 -28.78
C ALA G 223 -29.81 -3.57 -27.67
N ARG G 224 -28.87 -2.69 -27.98
CA ARG G 224 -28.30 -1.83 -26.96
C ARG G 224 -29.31 -0.82 -26.46
N TYR G 225 -30.18 -0.33 -27.35
CA TYR G 225 -31.21 0.59 -26.90
C TYR G 225 -32.21 -0.12 -26.00
N ASN G 226 -32.54 -1.36 -26.31
CA ASN G 226 -33.45 -2.09 -25.46
C ASN G 226 -32.80 -2.60 -24.18
N SER G 227 -31.47 -2.57 -24.09
CA SER G 227 -30.77 -2.99 -22.89
C SER G 227 -30.53 -1.87 -21.90
N CYS G 228 -31.15 -0.71 -22.09
CA CYS G 228 -31.01 0.40 -21.15
C CYS G 228 -32.34 0.73 -20.49
N CYS H 45 -22.89 0.33 -13.60
CA CYS H 45 -22.04 1.28 -14.31
C CYS H 45 -21.04 0.58 -15.22
N PHE H 46 -19.97 1.28 -15.57
CA PHE H 46 -18.93 0.69 -16.40
C PHE H 46 -18.12 -0.32 -15.62
N GLY H 47 -17.69 -1.37 -16.30
CA GLY H 47 -16.98 -2.44 -15.66
C GLY H 47 -17.85 -3.37 -14.84
N GLN H 48 -19.15 -3.12 -14.77
CA GLN H 48 -20.03 -3.95 -13.96
C GLN H 48 -21.36 -4.26 -14.63
N CYS H 49 -21.57 -3.83 -15.86
CA CYS H 49 -22.73 -4.28 -16.62
C CYS H 49 -22.46 -5.66 -17.19
N GLN H 50 -23.53 -6.30 -17.65
CA GLN H 50 -23.43 -7.60 -18.30
C GLN H 50 -24.34 -7.57 -19.50
N TYR H 51 -23.84 -8.02 -20.64
CA TYR H 51 -24.61 -7.94 -21.88
C TYR H 51 -25.82 -8.85 -21.78
N THR H 52 -26.99 -8.31 -22.12
CA THR H 52 -28.16 -9.16 -22.27
C THR H 52 -27.96 -10.12 -23.43
N ALA H 53 -28.84 -11.11 -23.52
CA ALA H 53 -28.68 -12.13 -24.55
C ALA H 53 -28.70 -11.52 -25.93
N GLU H 54 -29.62 -10.59 -26.17
CA GLU H 54 -29.78 -10.02 -27.51
C GLU H 54 -28.54 -9.25 -27.92
N GLU H 55 -28.03 -8.40 -27.04
CA GLU H 55 -26.86 -7.61 -27.39
C GLU H 55 -25.63 -8.47 -27.58
N TYR H 56 -25.44 -9.47 -26.71
CA TYR H 56 -24.29 -10.36 -26.85
C TYR H 56 -24.35 -11.08 -28.19
N GLN H 57 -25.51 -11.63 -28.52
CA GLN H 57 -25.66 -12.33 -29.79
C GLN H 57 -25.38 -11.42 -30.96
N ALA H 58 -25.94 -10.20 -30.92
CA ALA H 58 -25.74 -9.26 -32.03
C ALA H 58 -24.27 -8.92 -32.21
N ILE H 59 -23.55 -8.66 -31.11
CA ILE H 59 -22.16 -8.28 -31.22
C ILE H 59 -21.31 -9.45 -31.68
N GLN H 60 -21.63 -10.66 -31.22
CA GLN H 60 -20.86 -11.83 -31.64
C GLN H 60 -21.04 -12.10 -33.11
N LYS H 61 -22.25 -11.89 -33.64
CA LYS H 61 -22.44 -11.99 -35.09
C LYS H 61 -21.69 -10.89 -35.82
N ALA H 62 -21.72 -9.67 -35.29
CA ALA H 62 -21.15 -8.54 -35.99
C ALA H 62 -19.63 -8.61 -36.05
N LEU H 63 -19.01 -9.22 -35.04
CA LEU H 63 -17.56 -9.21 -34.96
C LEU H 63 -16.92 -10.22 -35.90
N ARG H 64 -17.69 -11.18 -36.40
CA ARG H 64 -17.13 -12.16 -37.32
C ARG H 64 -17.03 -11.65 -38.75
N GLN H 65 -17.75 -10.59 -39.07
CA GLN H 65 -17.77 -10.07 -40.43
C GLN H 65 -16.43 -9.47 -40.80
N ARG H 66 -16.03 -9.65 -42.05
CA ARG H 66 -14.78 -9.12 -42.56
C ARG H 66 -15.01 -7.73 -43.16
N LEU H 67 -13.96 -6.92 -43.10
CA LEU H 67 -14.07 -5.56 -43.59
C LEU H 67 -13.87 -5.50 -45.09
N GLY H 68 -14.63 -4.62 -45.73
CA GLY H 68 -14.57 -4.46 -47.16
C GLY H 68 -13.36 -3.66 -47.57
N PRO H 69 -13.24 -3.37 -48.87
CA PRO H 69 -12.09 -2.60 -49.36
C PRO H 69 -12.13 -1.14 -48.98
N GLU H 70 -13.26 -0.66 -48.46
CA GLU H 70 -13.39 0.73 -48.06
C GLU H 70 -12.41 1.07 -46.94
N TYR H 71 -12.19 0.13 -46.03
CA TYR H 71 -11.45 0.43 -44.82
C TYR H 71 -9.95 0.24 -44.99
N ILE H 72 -9.52 -0.42 -46.05
CA ILE H 72 -8.11 -0.77 -46.19
C ILE H 72 -7.36 0.32 -46.94
N SER H 73 -6.15 0.62 -46.47
CA SER H 73 -5.24 1.54 -47.12
C SER H 73 -3.89 0.84 -47.26
N SER H 74 -3.01 1.42 -48.07
CA SER H 74 -1.75 0.77 -48.36
C SER H 74 -0.60 1.75 -48.20
N ARG H 75 0.55 1.21 -47.83
CA ARG H 75 1.79 1.96 -47.71
C ARG H 75 2.87 1.25 -48.50
N MET H 76 3.89 2.01 -48.88
CA MET H 76 5.07 1.47 -49.54
C MET H 76 6.18 1.46 -48.50
N ALA H 77 6.50 0.28 -47.98
CA ALA H 77 7.51 0.16 -46.94
C ALA H 77 8.91 0.39 -47.52
N GLY H 78 9.81 0.87 -46.67
CA GLY H 78 11.17 1.13 -47.10
C GLY H 78 11.89 -0.17 -47.42
N GLY H 79 12.18 -0.38 -48.71
CA GLY H 79 12.81 -1.60 -49.15
C GLY H 79 11.86 -2.76 -49.37
N GLY H 80 10.66 -2.71 -48.79
CA GLY H 80 9.69 -3.77 -48.91
C GLY H 80 8.67 -3.51 -49.98
N GLN H 81 7.47 -4.05 -49.76
CA GLN H 81 6.39 -3.92 -50.73
C GLN H 81 5.14 -3.38 -50.07
N LYS H 82 4.02 -3.41 -50.79
CA LYS H 82 2.76 -2.83 -50.33
C LYS H 82 2.30 -3.50 -49.05
N VAL H 83 2.10 -2.70 -48.01
CA VAL H 83 1.60 -3.18 -46.72
C VAL H 83 0.21 -2.61 -46.52
N CYS H 84 -0.77 -3.47 -46.24
CA CYS H 84 -2.13 -3.02 -46.04
C CYS H 84 -2.40 -2.80 -44.56
N TYR H 85 -3.24 -1.80 -44.27
CA TYR H 85 -3.54 -1.43 -42.89
C TYR H 85 -4.86 -0.69 -42.83
N ILE H 86 -5.25 -0.36 -41.61
CA ILE H 86 -6.46 0.41 -41.33
C ILE H 86 -6.07 1.64 -40.53
N GLU H 87 -6.59 2.80 -40.94
CA GLU H 87 -6.25 4.03 -40.24
C GLU H 87 -6.89 4.08 -38.86
N GLY H 88 -6.30 4.85 -37.97
CA GLY H 88 -6.72 4.92 -36.59
C GLY H 88 -8.13 5.40 -36.37
N HIS H 89 -8.52 6.50 -37.03
CA HIS H 89 -9.86 7.00 -36.84
C HIS H 89 -10.90 6.00 -37.33
N ARG H 90 -10.54 5.18 -38.30
CA ARG H 90 -11.47 4.17 -38.79
C ARG H 90 -11.74 3.12 -37.72
N VAL H 91 -10.69 2.65 -37.03
CA VAL H 91 -10.92 1.64 -36.02
C VAL H 91 -11.61 2.26 -34.80
N ILE H 92 -11.37 3.54 -34.54
CA ILE H 92 -12.09 4.22 -33.46
C ILE H 92 -13.59 4.28 -33.78
N ASN H 93 -13.92 4.63 -35.03
CA ASN H 93 -15.32 4.67 -35.43
C ASN H 93 -15.95 3.29 -35.38
N LEU H 94 -15.21 2.27 -35.81
CA LEU H 94 -15.74 0.91 -35.76
C LEU H 94 -16.01 0.47 -34.33
N ALA H 95 -15.13 0.84 -33.40
CA ALA H 95 -15.36 0.48 -32.00
C ALA H 95 -16.53 1.27 -31.42
N ASN H 96 -16.66 2.55 -31.80
CA ASN H 96 -17.77 3.35 -31.31
C ASN H 96 -19.11 2.85 -31.82
N GLU H 97 -19.14 2.26 -33.01
CA GLU H 97 -20.40 1.78 -33.52
C GLU H 97 -20.68 0.34 -33.13
N MET H 98 -19.63 -0.44 -32.86
CA MET H 98 -19.85 -1.78 -32.32
C MET H 98 -20.38 -1.73 -30.90
N PHE H 99 -19.61 -1.15 -29.97
CA PHE H 99 -19.95 -1.22 -28.56
C PHE H 99 -20.68 0.00 -28.03
N GLY H 100 -20.66 1.12 -28.73
CA GLY H 100 -21.24 2.35 -28.24
C GLY H 100 -20.20 3.25 -27.61
N TYR H 101 -20.56 4.53 -27.50
CA TYR H 101 -19.61 5.50 -26.97
C TYR H 101 -19.31 5.25 -25.50
N ASN H 102 -20.16 4.48 -24.82
CA ASN H 102 -19.98 4.19 -23.40
C ASN H 102 -19.62 2.74 -23.13
N GLY H 103 -19.53 1.92 -24.16
CA GLY H 103 -19.29 0.51 -24.01
C GLY H 103 -17.86 0.06 -24.11
N TRP H 104 -16.92 0.98 -24.27
CA TRP H 104 -15.51 0.61 -24.31
C TRP H 104 -14.65 1.76 -23.83
N ALA H 105 -13.51 1.41 -23.26
CA ALA H 105 -12.55 2.35 -22.73
C ALA H 105 -11.16 1.88 -23.11
N HIS H 106 -10.19 2.79 -23.06
CA HIS H 106 -8.81 2.36 -23.28
C HIS H 106 -7.87 3.29 -22.53
N SER H 107 -6.81 2.69 -22.02
CA SER H 107 -5.81 3.41 -21.24
C SER H 107 -4.42 3.00 -21.71
N ILE H 108 -3.45 3.86 -21.40
CA ILE H 108 -2.04 3.61 -21.68
C ILE H 108 -1.40 3.19 -20.37
N THR H 109 -1.07 1.91 -20.24
CA THR H 109 -0.53 1.43 -18.97
C THR H 109 0.94 1.78 -18.82
N GLN H 110 1.65 1.94 -19.92
CA GLN H 110 3.07 2.26 -19.88
C GLN H 110 3.50 2.74 -21.25
N GLN H 111 4.36 3.76 -21.28
CA GLN H 111 5.02 4.19 -22.49
C GLN H 111 6.45 4.54 -22.18
N ASN H 112 7.38 3.88 -22.86
CA ASN H 112 8.80 4.00 -22.59
C ASN H 112 9.53 4.34 -23.86
N VAL H 113 10.38 5.36 -23.82
CA VAL H 113 11.17 5.75 -24.97
C VAL H 113 12.36 4.81 -25.06
N ASP H 114 12.35 3.94 -26.07
CA ASP H 114 13.42 2.96 -26.21
C ASP H 114 14.74 3.64 -26.56
N PHE H 115 14.77 4.44 -27.61
CA PHE H 115 16.05 5.08 -27.91
C PHE H 115 15.84 6.37 -28.66
N VAL H 116 16.76 7.30 -28.45
CA VAL H 116 16.85 8.57 -29.17
C VAL H 116 18.29 8.76 -29.62
N ASP H 117 18.59 8.48 -30.88
CA ASP H 117 19.94 8.53 -31.38
C ASP H 117 20.11 9.63 -32.42
N LEU H 118 21.33 10.14 -32.54
CA LEU H 118 21.67 11.22 -33.46
C LEU H 118 22.81 10.75 -34.34
N ASN H 119 22.54 10.56 -35.62
CA ASN H 119 23.53 10.08 -36.57
C ASN H 119 23.50 10.98 -37.79
N ASN H 120 24.67 11.52 -38.14
CA ASN H 120 24.85 12.34 -39.34
C ASN H 120 23.87 13.51 -39.32
N GLY H 121 23.62 14.05 -38.14
CA GLY H 121 22.77 15.20 -37.98
C GLY H 121 21.30 14.92 -37.97
N LYS H 122 20.89 13.67 -38.15
CA LYS H 122 19.47 13.32 -38.18
C LYS H 122 19.13 12.45 -36.97
N PHE H 123 17.85 12.40 -36.64
CA PHE H 123 17.39 11.77 -35.42
C PHE H 123 16.64 10.47 -35.72
N TYR H 124 16.94 9.44 -34.93
CA TYR H 124 16.26 8.16 -35.01
C TYR H 124 15.69 7.87 -33.63
N VAL H 125 14.36 7.81 -33.54
CA VAL H 125 13.67 7.66 -32.27
C VAL H 125 12.78 6.44 -32.34
N GLY H 126 12.79 5.65 -31.27
CA GLY H 126 11.91 4.49 -31.15
C GLY H 126 11.26 4.43 -29.79
N VAL H 127 9.93 4.33 -29.76
CA VAL H 127 9.13 4.43 -28.54
C VAL H 127 8.13 3.28 -28.50
N CYS H 128 7.87 2.76 -27.31
CA CYS H 128 6.92 1.67 -27.13
C CYS H 128 5.74 2.14 -26.29
N ALA H 129 4.60 1.48 -26.46
CA ALA H 129 3.40 1.81 -25.72
C ALA H 129 2.59 0.56 -25.46
N PHE H 130 2.01 0.46 -24.27
CA PHE H 130 1.13 -0.64 -23.90
C PHE H 130 -0.27 -0.09 -23.72
N VAL H 131 -1.20 -0.53 -24.55
CA VAL H 131 -2.56 -0.01 -24.54
C VAL H 131 -3.50 -1.12 -24.13
N ARG H 132 -4.44 -0.79 -23.25
CA ARG H 132 -5.40 -1.74 -22.73
C ARG H 132 -6.80 -1.25 -22.99
N VAL H 133 -7.58 -2.04 -23.73
CA VAL H 133 -8.97 -1.75 -24.04
C VAL H 133 -9.83 -2.60 -23.13
N GLN H 134 -10.97 -2.06 -22.73
CA GLN H 134 -11.87 -2.73 -21.80
C GLN H 134 -13.30 -2.53 -22.25
N LEU H 135 -14.08 -3.60 -22.26
CA LEU H 135 -15.50 -3.50 -22.55
C LEU H 135 -16.27 -3.25 -21.28
N LYS H 136 -17.57 -3.04 -21.43
CA LYS H 136 -18.37 -2.61 -20.29
C LYS H 136 -18.74 -3.76 -19.36
N ASP H 137 -18.55 -5.00 -19.80
CA ASP H 137 -18.76 -6.14 -18.91
C ASP H 137 -17.55 -6.50 -18.10
N GLY H 138 -16.38 -5.93 -18.43
CA GLY H 138 -15.17 -6.23 -17.70
C GLY H 138 -14.12 -6.91 -18.57
N SER H 139 -14.48 -7.23 -19.80
CA SER H 139 -13.54 -7.86 -20.71
C SER H 139 -12.50 -6.85 -21.17
N TYR H 140 -11.29 -7.34 -21.36
CA TYR H 140 -10.18 -6.45 -21.70
C TYR H 140 -9.18 -7.16 -22.58
N HIS H 141 -8.39 -6.36 -23.28
CA HIS H 141 -7.27 -6.86 -24.06
C HIS H 141 -6.18 -5.81 -24.06
N GLU H 142 -4.96 -6.23 -23.77
CA GLU H 142 -3.82 -5.33 -23.69
C GLU H 142 -2.77 -5.78 -24.69
N ASP H 143 -2.25 -4.83 -25.46
CA ASP H 143 -1.26 -5.17 -26.47
C ASP H 143 -0.28 -4.02 -26.62
N VAL H 144 0.84 -4.31 -27.26
CA VAL H 144 1.95 -3.38 -27.41
C VAL H 144 1.92 -2.77 -28.80
N GLY H 145 2.34 -1.51 -28.89
CA GLY H 145 2.50 -0.82 -30.15
C GLY H 145 3.81 -0.09 -30.16
N TYR H 146 4.33 0.20 -31.34
CA TYR H 146 5.66 0.79 -31.48
C TYR H 146 5.60 1.95 -32.46
N GLY H 147 6.26 3.04 -32.09
CA GLY H 147 6.36 4.21 -32.94
C GLY H 147 7.80 4.47 -33.30
N VAL H 148 8.03 4.83 -34.56
CA VAL H 148 9.36 4.96 -35.14
C VAL H 148 9.44 6.29 -35.87
N SER H 149 10.59 6.94 -35.75
CA SER H 149 10.94 8.06 -36.63
C SER H 149 12.39 7.89 -37.03
N GLU H 150 12.67 8.05 -38.33
CA GLU H 150 13.98 7.77 -38.87
C GLU H 150 14.55 8.93 -39.68
N GLY H 151 13.84 10.04 -39.75
CA GLY H 151 14.10 11.12 -40.67
C GLY H 151 14.54 12.42 -40.00
N LEU H 152 13.51 13.18 -39.65
CA LEU H 152 13.50 14.60 -39.30
C LEU H 152 14.71 15.10 -38.52
N LYS H 153 15.12 16.33 -38.82
CA LYS H 153 16.26 16.98 -38.18
C LYS H 153 15.89 17.70 -36.88
N SER H 154 14.68 17.51 -36.36
CA SER H 154 14.25 18.15 -35.13
C SER H 154 13.83 17.10 -34.12
N LYS H 155 14.41 17.16 -32.92
CA LYS H 155 14.23 16.09 -31.95
C LYS H 155 12.79 16.06 -31.43
N ALA H 156 12.23 17.23 -31.14
CA ALA H 156 10.90 17.28 -30.56
C ALA H 156 9.87 16.68 -31.50
N LEU H 157 9.96 16.99 -32.78
CA LEU H 157 8.99 16.47 -33.73
C LEU H 157 9.12 14.96 -33.86
N SER H 158 10.35 14.44 -33.81
CA SER H 158 10.54 13.01 -33.92
C SER H 158 9.97 12.28 -32.72
N LEU H 159 10.23 12.79 -31.52
CA LEU H 159 9.63 12.20 -30.32
C LEU H 159 8.11 12.26 -30.37
N GLU H 160 7.57 13.38 -30.87
CA GLU H 160 6.12 13.51 -30.99
C GLU H 160 5.55 12.44 -31.90
N LYS H 161 6.10 12.31 -33.11
CA LYS H 161 5.62 11.31 -34.05
C LYS H 161 5.72 9.92 -33.45
N ALA H 162 6.86 9.63 -32.80
CA ALA H 162 7.05 8.30 -32.22
C ALA H 162 5.99 8.00 -31.18
N ARG H 163 5.78 8.91 -30.23
CA ARG H 163 4.85 8.66 -29.15
C ARG H 163 3.42 8.49 -29.67
N LYS H 164 2.99 9.38 -30.55
CA LYS H 164 1.62 9.33 -31.02
C LYS H 164 1.38 8.08 -31.87
N GLU H 165 2.31 7.76 -32.77
CA GLU H 165 2.17 6.55 -33.57
C GLU H 165 2.16 5.31 -32.68
N ALA H 166 2.94 5.34 -31.60
CA ALA H 166 2.97 4.20 -30.69
C ALA H 166 1.62 3.97 -30.03
N VAL H 167 1.02 5.04 -29.50
CA VAL H 167 -0.27 4.88 -28.84
C VAL H 167 -1.33 4.41 -29.82
N THR H 168 -1.31 4.97 -31.04
CA THR H 168 -2.31 4.55 -32.02
C THR H 168 -2.13 3.10 -32.43
N ASP H 169 -0.89 2.67 -32.66
CA ASP H 169 -0.65 1.29 -33.06
C ASP H 169 -1.04 0.33 -31.95
N GLY H 170 -0.75 0.69 -30.70
CA GLY H 170 -1.17 -0.15 -29.60
C GLY H 170 -2.67 -0.29 -29.50
N LEU H 171 -3.39 0.82 -29.69
CA LEU H 171 -4.84 0.76 -29.65
C LEU H 171 -5.39 -0.14 -30.74
N LYS H 172 -4.85 -0.02 -31.95
CA LYS H 172 -5.32 -0.86 -33.05
C LYS H 172 -5.05 -2.33 -32.77
N ARG H 173 -3.84 -2.65 -32.32
CA ARG H 173 -3.49 -4.04 -32.08
C ARG H 173 -4.27 -4.62 -30.92
N ALA H 174 -4.66 -3.79 -29.96
CA ALA H 174 -5.49 -4.29 -28.86
C ALA H 174 -6.92 -4.50 -29.31
N LEU H 175 -7.41 -3.67 -30.22
CA LEU H 175 -8.78 -3.83 -30.70
C LEU H 175 -8.89 -4.99 -31.67
N ARG H 176 -7.78 -5.41 -32.29
CA ARG H 176 -7.83 -6.57 -33.15
C ARG H 176 -8.34 -7.81 -32.44
N SER H 177 -8.05 -7.93 -31.14
CA SER H 177 -8.29 -9.18 -30.43
C SER H 177 -9.76 -9.44 -30.17
N PHE H 178 -10.65 -8.53 -30.54
CA PHE H 178 -12.07 -8.75 -30.37
C PHE H 178 -12.70 -9.46 -31.54
N GLY H 179 -12.05 -9.49 -32.69
CA GLY H 179 -12.59 -10.17 -33.83
C GLY H 179 -12.16 -9.49 -35.12
N ASN H 180 -12.66 -10.05 -36.23
CA ASN H 180 -12.23 -9.58 -37.54
C ASN H 180 -12.75 -8.18 -37.83
N ALA H 181 -13.91 -7.84 -37.28
CA ALA H 181 -14.58 -6.59 -37.61
C ALA H 181 -13.85 -5.38 -37.05
N LEU H 182 -12.78 -5.62 -36.29
CA LEU H 182 -12.01 -4.53 -35.71
C LEU H 182 -10.55 -4.57 -36.17
N GLY H 183 -10.25 -5.31 -37.23
CA GLY H 183 -8.93 -5.29 -37.81
C GLY H 183 -8.11 -6.55 -37.60
N ASN H 184 -8.77 -7.68 -37.34
CA ASN H 184 -8.09 -8.95 -37.22
C ASN H 184 -7.97 -9.66 -38.56
N CYS H 185 -8.57 -9.12 -39.61
CA CYS H 185 -8.51 -9.71 -40.93
C CYS H 185 -7.35 -9.20 -41.76
N ILE H 186 -6.79 -8.04 -41.40
CA ILE H 186 -5.68 -7.49 -42.17
C ILE H 186 -4.43 -8.35 -42.05
N LEU H 187 -4.43 -9.34 -41.18
CA LEU H 187 -3.28 -10.23 -41.03
C LEU H 187 -3.44 -11.50 -41.84
N ASP H 188 -4.65 -11.82 -42.30
CA ASP H 188 -4.88 -13.03 -43.07
C ASP H 188 -4.40 -12.82 -44.49
N LYS H 189 -3.52 -13.73 -44.95
CA LYS H 189 -3.00 -13.61 -46.30
C LYS H 189 -4.06 -13.92 -47.35
N ASP H 190 -4.99 -14.81 -47.02
CA ASP H 190 -6.05 -15.16 -47.96
C ASP H 190 -6.98 -13.98 -48.19
N TYR H 191 -7.39 -13.31 -47.13
CA TYR H 191 -8.27 -12.15 -47.24
C TYR H 191 -7.57 -11.00 -47.96
N LEU H 192 -6.27 -10.82 -47.69
CA LEU H 192 -5.53 -9.77 -48.38
C LEU H 192 -5.42 -10.05 -49.87
N ARG H 193 -5.21 -11.32 -50.24
CA ARG H 193 -5.14 -11.66 -51.65
C ARG H 193 -6.50 -11.51 -52.31
N SER H 194 -7.58 -11.82 -51.59
CA SER H 194 -8.91 -11.62 -52.14
C SER H 194 -9.25 -10.15 -52.30
N LEU H 195 -8.67 -9.28 -51.47
CA LEU H 195 -8.90 -7.85 -51.63
C LEU H 195 -8.30 -7.32 -52.93
N ASN H 196 -7.08 -7.74 -53.27
CA ASN H 196 -6.39 -7.13 -54.40
C ASN H 196 -7.02 -7.54 -55.73
N LYS H 197 -7.79 -8.62 -55.75
CA LYS H 197 -8.45 -9.03 -56.98
C LYS H 197 -9.85 -8.45 -57.05
N LEU H 198 -10.06 -7.30 -56.43
CA LEU H 198 -11.35 -6.63 -56.44
C LEU H 198 -11.16 -5.22 -56.99
N PRO H 199 -12.13 -4.68 -57.73
CA PRO H 199 -11.93 -3.37 -58.37
C PRO H 199 -11.64 -2.27 -57.35
N ARG H 200 -10.78 -1.35 -57.74
CA ARG H 200 -10.34 -0.25 -56.87
C ARG H 200 -11.34 0.90 -57.02
N GLN H 201 -12.21 1.04 -56.02
CA GLN H 201 -13.23 2.08 -56.06
C GLN H 201 -12.64 3.43 -55.65
N LEU H 202 -13.14 4.49 -56.28
CA LEU H 202 -12.66 5.83 -56.01
C LEU H 202 -13.00 6.23 -54.57
N PRO H 203 -12.16 7.05 -53.93
CA PRO H 203 -12.45 7.49 -52.56
C PRO H 203 -13.78 8.21 -52.48
N LEU H 204 -14.62 7.77 -51.55
CA LEU H 204 -15.93 8.37 -51.36
C LEU H 204 -15.79 9.81 -50.87
N GLU H 205 -16.61 10.69 -51.44
CA GLU H 205 -16.66 12.09 -51.03
C GLU H 205 -17.70 12.23 -49.93
N VAL H 206 -17.40 13.08 -48.95
CA VAL H 206 -18.25 13.27 -47.78
C VAL H 206 -19.13 14.48 -48.01
N ASP H 207 -20.41 14.35 -47.64
CA ASP H 207 -21.38 15.42 -47.78
C ASP H 207 -21.44 16.23 -46.48
N LEU H 208 -21.59 17.55 -46.60
CA LEU H 208 -21.53 18.44 -45.45
C LEU H 208 -22.77 19.30 -45.32
N THR H 209 -23.90 18.88 -45.89
CA THR H 209 -25.12 19.69 -45.79
C THR H 209 -25.84 19.47 -44.47
N LYS H 210 -25.65 18.33 -43.82
CA LYS H 210 -26.22 18.10 -42.49
C LYS H 210 -25.16 18.04 -41.41
N ALA H 211 -24.04 18.73 -41.60
CA ALA H 211 -22.98 18.74 -40.60
C ALA H 211 -23.41 19.57 -39.39
N LYS H 212 -22.73 19.33 -38.27
CA LYS H 212 -23.02 20.04 -37.04
C LYS H 212 -22.49 21.46 -37.12
N ARG H 213 -23.36 22.44 -36.91
CA ARG H 213 -22.99 23.85 -37.04
C ARG H 213 -23.26 24.65 -35.78
N GLN H 214 -23.76 24.03 -34.72
CA GLN H 214 -23.97 24.73 -33.46
C GLN H 214 -23.64 23.78 -32.32
N ASP H 215 -23.29 24.36 -31.16
CA ASP H 215 -22.87 23.53 -30.04
C ASP H 215 -24.06 22.88 -29.35
N LEU H 216 -25.17 23.60 -29.22
CA LEU H 216 -26.32 23.09 -28.50
C LEU H 216 -26.95 21.93 -29.27
N GLU H 217 -27.50 20.98 -28.53
CA GLU H 217 -28.14 19.80 -29.12
C GLU H 217 -29.42 19.49 -28.38
N PRO H 218 -30.55 20.02 -28.85
CA PRO H 218 -31.79 19.97 -28.04
C PRO H 218 -32.14 18.59 -27.51
N SER H 219 -31.92 17.55 -28.31
CA SER H 219 -32.33 16.20 -27.93
C SER H 219 -31.58 15.75 -26.69
N VAL H 220 -30.27 15.94 -26.66
CA VAL H 220 -29.48 15.40 -25.55
C VAL H 220 -29.74 16.21 -24.29
N GLU H 221 -29.95 17.53 -24.42
CA GLU H 221 -30.27 18.31 -23.22
C GLU H 221 -31.63 17.95 -22.66
N GLU H 222 -32.62 17.70 -23.51
CA GLU H 222 -33.92 17.32 -23.00
C GLU H 222 -33.86 15.96 -22.32
N ALA H 223 -33.19 15.00 -22.96
CA ALA H 223 -33.03 13.69 -22.35
C ALA H 223 -32.28 13.77 -21.03
N ARG H 224 -31.25 14.61 -20.96
CA ARG H 224 -30.47 14.71 -19.73
C ARG H 224 -31.26 15.38 -18.63
N TYR H 225 -32.05 16.39 -18.97
CA TYR H 225 -32.90 17.02 -17.96
C TYR H 225 -33.93 16.03 -17.43
N ASN H 226 -34.42 15.15 -18.29
CA ASN H 226 -35.31 14.11 -17.80
C ASN H 226 -34.58 13.00 -17.06
N SER H 227 -33.27 12.89 -17.23
CA SER H 227 -32.47 11.88 -16.53
C SER H 227 -32.13 12.27 -15.10
N CYS H 228 -32.50 13.46 -14.66
CA CYS H 228 -32.20 13.90 -13.30
C CYS H 228 -33.44 13.88 -12.42
N CYS I 45 -23.53 9.39 -7.82
CA CYS I 45 -22.25 10.06 -7.81
C CYS I 45 -21.74 10.28 -9.23
N PHE I 46 -20.43 10.42 -9.36
CA PHE I 46 -19.78 10.47 -10.66
C PHE I 46 -18.96 9.21 -10.85
N GLY I 47 -19.13 8.55 -11.99
CA GLY I 47 -18.60 7.24 -12.20
C GLY I 47 -19.53 6.12 -11.82
N GLN I 48 -20.73 6.45 -11.35
CA GLN I 48 -21.72 5.46 -10.96
C GLN I 48 -23.08 5.72 -11.57
N CYS I 49 -23.29 6.85 -12.24
CA CYS I 49 -24.52 7.06 -12.97
C CYS I 49 -24.50 6.29 -14.29
N GLN I 50 -25.63 5.71 -14.64
CA GLN I 50 -25.78 4.95 -15.87
C GLN I 50 -26.74 5.69 -16.78
N TYR I 51 -26.34 5.87 -18.04
CA TYR I 51 -27.15 6.63 -18.98
C TYR I 51 -28.49 5.96 -19.20
N THR I 52 -29.54 6.76 -19.20
CA THR I 52 -30.86 6.30 -19.56
C THR I 52 -30.89 5.98 -21.05
N ALA I 53 -31.89 5.21 -21.47
CA ALA I 53 -32.03 4.86 -22.87
C ALA I 53 -32.10 6.11 -23.74
N GLU I 54 -32.89 7.09 -23.33
CA GLU I 54 -33.08 8.28 -24.14
C GLU I 54 -31.79 9.07 -24.28
N GLU I 55 -31.08 9.27 -23.17
CA GLU I 55 -29.85 10.04 -23.22
C GLU I 55 -28.78 9.31 -24.03
N TYR I 56 -28.68 8.00 -23.87
CA TYR I 56 -27.69 7.23 -24.61
C TYR I 56 -27.98 7.30 -26.11
N GLN I 57 -29.24 7.11 -26.48
CA GLN I 57 -29.62 7.21 -27.89
C GLN I 57 -29.27 8.58 -28.45
N ALA I 58 -29.60 9.64 -27.70
CA ALA I 58 -29.35 10.98 -28.18
C ALA I 58 -27.86 11.24 -28.37
N ILE I 59 -27.05 10.84 -27.40
CA ILE I 59 -25.61 11.09 -27.50
C ILE I 59 -24.99 10.29 -28.63
N GLN I 60 -25.44 9.05 -28.82
CA GLN I 60 -24.88 8.21 -29.87
C GLN I 60 -25.24 8.75 -31.25
N LYS I 61 -26.45 9.31 -31.38
CA LYS I 61 -26.80 9.99 -32.63
C LYS I 61 -25.94 11.23 -32.83
N ALA I 62 -25.76 12.02 -31.77
CA ALA I 62 -25.09 13.31 -31.92
C ALA I 62 -23.61 13.15 -32.20
N LEU I 63 -23.00 12.08 -31.70
CA LEU I 63 -21.55 11.94 -31.85
C LEU I 63 -21.15 11.45 -33.22
N ARG I 64 -22.09 10.98 -34.03
CA ARG I 64 -21.77 10.55 -35.38
C ARG I 64 -21.66 11.72 -36.34
N GLN I 65 -22.31 12.83 -36.05
CA GLN I 65 -22.29 13.97 -36.96
C GLN I 65 -20.89 14.56 -37.05
N ARG I 66 -20.59 15.14 -38.20
CA ARG I 66 -19.30 15.74 -38.48
C ARG I 66 -19.34 17.23 -38.19
N LEU I 67 -18.16 17.81 -38.01
CA LEU I 67 -18.04 19.22 -37.69
C LEU I 67 -18.11 20.05 -38.95
N GLY I 68 -18.87 21.14 -38.88
CA GLY I 68 -18.97 22.05 -40.00
C GLY I 68 -17.69 22.83 -40.16
N PRO I 69 -17.65 23.72 -41.15
CA PRO I 69 -16.44 24.52 -41.39
C PRO I 69 -16.24 25.61 -40.35
N GLU I 70 -17.23 25.87 -39.50
CA GLU I 70 -17.10 26.85 -38.44
C GLU I 70 -16.08 26.44 -37.39
N TYR I 71 -15.85 25.14 -37.22
CA TYR I 71 -15.01 24.66 -36.14
C TYR I 71 -13.58 24.40 -36.56
N ILE I 72 -13.28 24.48 -37.83
CA ILE I 72 -11.96 24.09 -38.32
C ILE I 72 -11.13 25.34 -38.58
N SER I 73 -9.85 25.28 -38.21
CA SER I 73 -8.92 26.34 -38.51
C SER I 73 -7.66 25.72 -39.08
N SER I 74 -6.80 26.56 -39.66
CA SER I 74 -5.65 26.06 -40.37
C SER I 74 -4.37 26.68 -39.81
N ARG I 75 -3.26 26.01 -40.06
CA ARG I 75 -1.94 26.48 -39.66
C ARG I 75 -0.95 26.13 -40.76
N MET I 76 0.10 26.94 -40.88
CA MET I 76 1.15 26.71 -41.85
C MET I 76 2.32 26.06 -41.12
N ALA I 77 2.45 24.75 -41.26
CA ALA I 77 3.41 23.99 -40.46
C ALA I 77 4.84 24.22 -40.96
N GLY I 78 5.77 24.17 -40.03
CA GLY I 78 7.18 24.28 -40.34
C GLY I 78 7.68 23.12 -41.17
N GLY I 79 8.08 23.41 -42.41
CA GLY I 79 8.47 22.40 -43.36
C GLY I 79 7.32 21.76 -44.09
N GLY I 80 6.15 21.68 -43.46
CA GLY I 80 4.96 21.15 -44.08
C GLY I 80 4.09 22.25 -44.68
N GLN I 81 2.83 21.90 -44.88
CA GLN I 81 1.83 22.78 -45.47
C GLN I 81 0.61 22.87 -44.57
N LYS I 82 -0.48 23.42 -45.13
CA LYS I 82 -1.74 23.64 -44.41
C LYS I 82 -2.14 22.41 -43.60
N VAL I 83 -2.20 22.58 -42.28
CA VAL I 83 -2.69 21.55 -41.36
C VAL I 83 -3.95 22.08 -40.70
N CYS I 84 -5.02 21.29 -40.74
CA CYS I 84 -6.28 21.70 -40.14
C CYS I 84 -6.41 21.12 -38.74
N TYR I 85 -7.07 21.87 -37.87
CA TYR I 85 -7.25 21.46 -36.48
C TYR I 85 -8.47 22.16 -35.90
N ILE I 86 -8.81 21.75 -34.68
CA ILE I 86 -9.88 22.36 -33.91
C ILE I 86 -9.26 22.97 -32.66
N GLU I 87 -9.55 24.23 -32.41
CA GLU I 87 -8.99 24.93 -31.26
C GLU I 87 -9.48 24.29 -29.96
N GLY I 88 -8.69 24.46 -28.90
CA GLY I 88 -8.95 23.74 -27.67
C GLY I 88 -10.26 24.14 -27.01
N HIS I 89 -10.52 25.46 -26.94
CA HIS I 89 -11.73 25.90 -26.27
C HIS I 89 -12.98 25.45 -27.00
N ARG I 90 -12.89 25.28 -28.32
CA ARG I 90 -14.02 24.76 -29.08
C ARG I 90 -14.31 23.32 -28.72
N VAL I 91 -13.25 22.53 -28.52
CA VAL I 91 -13.45 21.14 -28.10
C VAL I 91 -14.02 21.09 -26.70
N ILE I 92 -13.61 22.01 -25.83
CA ILE I 92 -14.16 22.06 -24.48
C ILE I 92 -15.65 22.39 -24.53
N ASN I 93 -16.02 23.35 -25.38
CA ASN I 93 -17.44 23.70 -25.52
C ASN I 93 -18.23 22.53 -26.08
N LEU I 94 -17.68 21.83 -27.06
CA LEU I 94 -18.38 20.67 -27.61
C LEU I 94 -18.58 19.60 -26.55
N ALA I 95 -17.57 19.36 -25.72
CA ALA I 95 -17.71 18.39 -24.64
C ALA I 95 -18.75 18.83 -23.63
N ASN I 96 -18.80 20.13 -23.34
CA ASN I 96 -19.75 20.63 -22.36
C ASN I 96 -21.18 20.55 -22.86
N GLU I 97 -21.41 20.76 -24.15
CA GLU I 97 -22.77 20.66 -24.67
C GLU I 97 -23.17 19.21 -24.95
N MET I 98 -22.21 18.35 -25.28
CA MET I 98 -22.52 16.94 -25.48
C MET I 98 -22.89 16.27 -24.16
N PHE I 99 -21.99 16.33 -23.19
CA PHE I 99 -22.13 15.55 -21.97
C PHE I 99 -22.63 16.33 -20.77
N GLY I 100 -22.66 17.66 -20.83
CA GLY I 100 -23.02 18.45 -19.68
C GLY I 100 -21.79 18.80 -18.84
N TYR I 101 -21.91 19.90 -18.10
CA TYR I 101 -20.82 20.35 -17.25
C TYR I 101 -20.46 19.32 -16.18
N ASN I 102 -21.40 18.45 -15.82
CA ASN I 102 -21.18 17.44 -14.82
C ASN I 102 -21.05 16.04 -15.40
N GLY I 103 -20.99 15.91 -16.72
CA GLY I 103 -20.99 14.62 -17.35
C GLY I 103 -19.66 14.12 -17.81
N TRP I 104 -18.62 14.95 -17.79
CA TRP I 104 -17.30 14.52 -18.21
C TRP I 104 -16.26 15.14 -17.29
N ALA I 105 -15.10 14.49 -17.24
CA ALA I 105 -14.00 14.92 -16.39
C ALA I 105 -12.70 14.56 -17.09
N HIS I 106 -11.63 15.23 -16.71
CA HIS I 106 -10.34 14.90 -17.28
C HIS I 106 -9.22 15.19 -16.30
N SER I 107 -8.15 14.41 -16.41
CA SER I 107 -7.01 14.52 -15.52
C SER I 107 -5.73 14.31 -16.29
N ILE I 108 -4.61 14.70 -15.68
CA ILE I 108 -3.29 14.51 -16.23
C ILE I 108 -2.63 13.40 -15.43
N THR I 109 -2.43 12.24 -16.04
CA THR I 109 -1.86 11.12 -15.32
C THR I 109 -0.36 11.30 -15.11
N GLN I 110 0.34 11.78 -16.12
CA GLN I 110 1.75 12.12 -15.94
C GLN I 110 2.15 13.11 -17.02
N GLN I 111 3.06 14.00 -16.65
CA GLN I 111 3.66 14.95 -17.59
C GLN I 111 5.16 14.95 -17.38
N ASN I 112 5.89 14.65 -18.44
CA ASN I 112 7.34 14.47 -18.39
C ASN I 112 7.99 15.39 -19.39
N VAL I 113 9.00 16.13 -18.95
CA VAL I 113 9.74 17.03 -19.82
C VAL I 113 10.78 16.22 -20.57
N ASP I 114 10.58 16.07 -21.88
CA ASP I 114 11.45 15.19 -22.65
C ASP I 114 12.83 15.78 -22.80
N PHE I 115 12.92 17.04 -23.24
CA PHE I 115 14.25 17.62 -23.33
C PHE I 115 14.18 19.14 -23.32
N VAL I 116 15.25 19.74 -22.79
CA VAL I 116 15.46 21.19 -22.81
C VAL I 116 16.88 21.45 -23.29
N ASP I 117 17.02 21.90 -24.53
CA ASP I 117 18.33 22.10 -25.14
C ASP I 117 18.56 23.56 -25.49
N LEU I 118 19.82 23.97 -25.48
CA LEU I 118 20.23 25.33 -25.82
C LEU I 118 21.18 25.26 -27.00
N ASN I 119 20.80 25.87 -28.11
CA ASN I 119 21.61 25.89 -29.31
C ASN I 119 21.63 27.32 -29.85
N ASN I 120 22.83 27.87 -30.00
CA ASN I 120 23.03 29.20 -30.56
C ASN I 120 22.18 30.23 -29.84
N GLY I 121 22.12 30.10 -28.51
CA GLY I 121 21.42 31.07 -27.71
C GLY I 121 19.91 30.93 -27.69
N LYS I 122 19.36 29.93 -28.38
CA LYS I 122 17.92 29.73 -28.43
C LYS I 122 17.55 28.39 -27.82
N PHE I 123 16.35 28.30 -27.27
CA PHE I 123 15.91 27.16 -26.49
C PHE I 123 14.97 26.27 -27.30
N TYR I 124 15.22 24.96 -27.24
CA TYR I 124 14.38 23.95 -27.90
C TYR I 124 13.88 23.03 -26.80
N VAL I 125 12.57 23.05 -26.56
CA VAL I 125 11.94 22.35 -25.45
C VAL I 125 10.88 21.42 -25.99
N GLY I 126 10.85 20.20 -25.45
CA GLY I 126 9.85 19.23 -25.80
C GLY I 126 9.30 18.54 -24.57
N VAL I 127 7.98 18.58 -24.40
CA VAL I 127 7.30 18.10 -23.21
C VAL I 127 6.17 17.16 -23.61
N CYS I 128 5.96 16.11 -22.82
CA CYS I 128 4.93 15.11 -23.05
C CYS I 128 3.87 15.18 -21.96
N ALA I 129 2.66 14.74 -22.30
CA ALA I 129 1.57 14.72 -21.34
C ALA I 129 0.62 13.58 -21.64
N PHE I 130 0.13 12.92 -20.61
CA PHE I 130 -0.86 11.86 -20.74
C PHE I 130 -2.15 12.35 -20.09
N VAL I 131 -3.21 12.47 -20.88
CA VAL I 131 -4.47 13.02 -20.41
C VAL I 131 -5.55 11.96 -20.51
N ARG I 132 -6.37 11.87 -19.49
CA ARG I 132 -7.40 10.85 -19.38
C ARG I 132 -8.75 11.51 -19.20
N VAL I 133 -9.70 11.19 -20.06
CA VAL I 133 -11.05 11.73 -20.01
C VAL I 133 -11.99 10.62 -19.60
N GLN I 134 -12.92 10.95 -18.70
CA GLN I 134 -13.87 10.00 -18.16
C GLN I 134 -15.27 10.55 -18.24
N LEU I 135 -16.23 9.68 -18.52
CA LEU I 135 -17.63 10.05 -18.56
C LEU I 135 -18.29 9.69 -17.23
N LYS I 136 -19.57 10.01 -17.13
CA LYS I 136 -20.24 9.84 -15.85
C LYS I 136 -20.70 8.41 -15.62
N ASP I 137 -20.57 7.54 -16.60
CA ASP I 137 -20.85 6.12 -16.39
C ASP I 137 -19.60 5.32 -16.09
N GLY I 138 -18.43 5.91 -16.17
CA GLY I 138 -17.18 5.21 -15.99
C GLY I 138 -16.37 5.00 -17.24
N SER I 139 -16.85 5.44 -18.39
CA SER I 139 -16.14 5.26 -19.64
C SER I 139 -14.98 6.25 -19.74
N TYR I 140 -13.83 5.75 -20.18
CA TYR I 140 -12.65 6.59 -20.21
C TYR I 140 -11.87 6.36 -21.49
N HIS I 141 -11.08 7.37 -21.84
CA HIS I 141 -10.14 7.30 -22.95
C HIS I 141 -8.93 8.13 -22.59
N GLU I 142 -7.75 7.56 -22.77
CA GLU I 142 -6.51 8.18 -22.37
C GLU I 142 -5.61 8.31 -23.59
N ASP I 143 -4.97 9.47 -23.74
CA ASP I 143 -4.10 9.67 -24.89
C ASP I 143 -2.91 10.53 -24.50
N VAL I 144 -1.99 10.65 -25.44
CA VAL I 144 -0.76 11.41 -25.28
C VAL I 144 -0.82 12.67 -26.11
N GLY I 145 -0.22 13.74 -25.60
CA GLY I 145 -0.08 14.96 -26.34
C GLY I 145 1.31 15.52 -26.15
N TYR I 146 1.78 16.24 -27.15
CA TYR I 146 3.15 16.69 -27.16
C TYR I 146 3.21 18.20 -27.40
N GLY I 147 4.10 18.87 -26.67
CA GLY I 147 4.25 20.31 -26.78
C GLY I 147 5.69 20.67 -27.12
N VAL I 148 5.83 21.59 -28.07
CA VAL I 148 7.12 21.92 -28.67
C VAL I 148 7.33 23.42 -28.58
N SER I 149 8.58 23.82 -28.36
CA SER I 149 8.99 25.22 -28.46
C SER I 149 10.36 25.25 -29.11
N GLU I 150 10.47 25.91 -30.26
CA GLU I 150 11.68 25.88 -31.07
C GLU I 150 12.31 27.26 -31.23
N GLY I 151 11.78 28.27 -30.57
CA GLY I 151 12.04 29.68 -30.83
C GLY I 151 12.73 30.32 -29.65
N LEU I 152 11.90 30.83 -28.74
CA LEU I 152 12.15 31.83 -27.72
C LEU I 152 13.51 31.76 -27.03
N LYS I 153 14.06 32.94 -26.72
CA LYS I 153 15.34 33.08 -26.04
C LYS I 153 15.21 33.01 -24.52
N SER I 154 14.04 32.66 -24.00
CA SER I 154 13.82 32.59 -22.57
C SER I 154 13.34 31.20 -22.19
N LYS I 155 13.98 30.60 -21.20
CA LYS I 155 13.70 29.19 -20.88
C LYS I 155 12.31 29.04 -20.27
N ALA I 156 11.92 30.00 -19.43
CA ALA I 156 10.65 29.88 -18.73
C ALA I 156 9.48 29.90 -19.70
N LEU I 157 9.50 30.85 -20.65
CA LEU I 157 8.42 30.92 -21.63
C LEU I 157 8.36 29.67 -22.47
N SER I 158 9.51 29.12 -22.84
CA SER I 158 9.55 27.90 -23.63
C SER I 158 8.91 26.74 -22.88
N LEU I 159 9.32 26.52 -21.62
CA LEU I 159 8.72 25.45 -20.85
C LEU I 159 7.23 25.66 -20.67
N GLU I 160 6.80 26.90 -20.44
CA GLU I 160 5.39 27.19 -20.26
C GLU I 160 4.60 26.80 -21.50
N LYS I 161 5.04 27.28 -22.66
CA LYS I 161 4.35 26.97 -23.90
C LYS I 161 4.30 25.47 -24.13
N ALA I 162 5.43 24.78 -23.89
CA ALA I 162 5.47 23.35 -24.12
C ALA I 162 4.48 22.60 -23.25
N ARG I 163 4.47 22.89 -21.94
CA ARG I 163 3.61 22.16 -21.03
C ARG I 163 2.14 22.41 -21.33
N LYS I 164 1.78 23.66 -21.61
CA LYS I 164 0.37 23.97 -21.85
C LYS I 164 -0.10 23.36 -23.17
N GLU I 165 0.72 23.47 -24.22
CA GLU I 165 0.36 22.81 -25.48
C GLU I 165 0.25 21.31 -25.28
N ALA I 166 1.08 20.74 -24.40
CA ALA I 166 1.04 19.30 -24.17
C ALA I 166 -0.30 18.89 -23.58
N VAL I 167 -0.72 19.55 -22.51
CA VAL I 167 -1.97 19.15 -21.86
C VAL I 167 -3.16 19.40 -22.80
N THR I 168 -3.11 20.48 -23.57
CA THR I 168 -4.24 20.76 -24.47
C THR I 168 -4.32 19.74 -25.60
N ASP I 169 -3.18 19.42 -26.23
CA ASP I 169 -3.20 18.44 -27.30
C ASP I 169 -3.61 17.07 -26.77
N GLY I 170 -3.20 16.73 -25.56
CA GLY I 170 -3.62 15.47 -24.98
C GLY I 170 -5.12 15.41 -24.74
N LEU I 171 -5.69 16.50 -24.21
CA LEU I 171 -7.13 16.56 -24.02
C LEU I 171 -7.87 16.38 -25.32
N LYS I 172 -7.42 17.07 -26.38
CA LYS I 172 -8.12 16.98 -27.65
C LYS I 172 -8.01 15.57 -28.23
N ARG I 173 -6.81 14.98 -28.19
CA ARG I 173 -6.64 13.64 -28.74
C ARG I 173 -7.42 12.61 -27.95
N ALA I 174 -7.58 12.81 -26.65
CA ALA I 174 -8.36 11.87 -25.85
C ALA I 174 -9.85 12.03 -26.10
N LEU I 175 -10.29 13.26 -26.38
CA LEU I 175 -11.71 13.46 -26.68
C LEU I 175 -12.06 12.95 -28.07
N ARG I 176 -11.09 12.87 -28.97
CA ARG I 176 -11.37 12.35 -30.31
C ARG I 176 -11.99 10.96 -30.26
N SER I 177 -11.61 10.14 -29.28
CA SER I 177 -12.00 8.74 -29.27
C SER I 177 -13.48 8.53 -29.00
N PHE I 178 -14.20 9.56 -28.56
CA PHE I 178 -15.61 9.40 -28.29
C PHE I 178 -16.47 9.50 -29.53
N GLY I 179 -15.96 10.11 -30.59
CA GLY I 179 -16.71 10.14 -31.83
C GLY I 179 -16.27 11.29 -32.72
N ASN I 180 -16.94 11.37 -33.87
CA ASN I 180 -16.62 12.38 -34.87
C ASN I 180 -16.91 13.78 -34.35
N ALA I 181 -18.01 13.95 -33.62
CA ALA I 181 -18.44 15.26 -33.18
C ALA I 181 -17.48 15.91 -32.20
N LEU I 182 -16.40 15.23 -31.81
CA LEU I 182 -15.43 15.77 -30.88
C LEU I 182 -14.03 15.86 -31.49
N GLY I 183 -13.91 15.76 -32.81
CA GLY I 183 -12.65 15.97 -33.47
C GLY I 183 -12.04 14.74 -34.11
N ASN I 184 -12.82 13.68 -34.26
CA ASN I 184 -12.33 12.47 -34.91
C ASN I 184 -12.41 12.57 -36.42
N CYS I 185 -12.98 13.65 -36.95
CA CYS I 185 -13.13 13.82 -38.38
C CYS I 185 -11.96 14.54 -39.01
N ILE I 186 -11.17 15.27 -38.23
CA ILE I 186 -10.09 16.06 -38.81
C ILE I 186 -8.97 15.16 -39.29
N LEU I 187 -9.05 13.86 -39.02
CA LEU I 187 -8.06 12.91 -39.48
C LEU I 187 -8.48 12.23 -40.79
N ASP I 188 -9.68 12.50 -41.27
CA ASP I 188 -10.19 11.85 -42.48
C ASP I 188 -9.89 12.74 -43.68
N LYS I 189 -9.14 12.21 -44.64
CA LYS I 189 -8.76 13.00 -45.81
C LYS I 189 -9.96 13.31 -46.67
N ASP I 190 -11.00 12.47 -46.60
CA ASP I 190 -12.20 12.71 -47.38
C ASP I 190 -12.94 13.96 -46.88
N TYR I 191 -13.22 14.01 -45.58
CA TYR I 191 -13.88 15.17 -45.00
C TYR I 191 -13.02 16.42 -45.15
N LEU I 192 -11.71 16.27 -45.05
CA LEU I 192 -10.81 17.41 -45.20
C LEU I 192 -10.85 17.95 -46.62
N ARG I 193 -10.86 17.07 -47.61
CA ARG I 193 -10.93 17.52 -48.99
C ARG I 193 -12.29 18.15 -49.29
N SER I 194 -13.35 17.60 -48.71
CA SER I 194 -14.68 18.16 -48.93
C SER I 194 -14.85 19.50 -48.23
N LEU I 195 -14.08 19.77 -47.18
CA LEU I 195 -14.14 21.08 -46.54
C LEU I 195 -13.52 22.17 -47.41
N ASN I 196 -12.39 21.87 -48.06
CA ASN I 196 -11.69 22.89 -48.82
C ASN I 196 -12.47 23.30 -50.07
N LYS I 197 -13.39 22.46 -50.53
CA LYS I 197 -14.20 22.81 -51.68
C LYS I 197 -15.51 23.47 -51.26
N LEU I 198 -15.50 24.11 -50.10
CA LEU I 198 -16.68 24.78 -49.58
C LEU I 198 -16.34 26.26 -49.44
N PRO I 199 -17.32 27.15 -49.65
CA PRO I 199 -17.02 28.59 -49.64
C PRO I 199 -16.37 29.03 -48.33
N ARG I 200 -15.36 29.88 -48.46
CA ARG I 200 -14.61 30.39 -47.30
C ARG I 200 -15.46 31.49 -46.64
N GLN I 201 -16.32 31.09 -45.71
CA GLN I 201 -17.22 32.04 -45.07
C GLN I 201 -16.46 32.87 -44.03
N LEU I 202 -16.94 34.09 -43.81
CA LEU I 202 -16.29 35.00 -42.87
C LEU I 202 -16.41 34.47 -41.45
N PRO I 203 -15.39 34.67 -40.60
CA PRO I 203 -15.54 34.34 -39.18
C PRO I 203 -16.67 35.12 -38.53
N LEU I 204 -17.51 34.45 -37.74
CA LEU I 204 -18.68 35.08 -37.18
C LEU I 204 -18.31 36.05 -36.06
N GLU I 205 -19.24 36.95 -35.76
CA GLU I 205 -19.06 37.94 -34.71
C GLU I 205 -19.81 37.51 -33.46
N VAL I 206 -19.40 38.05 -32.32
CA VAL I 206 -20.02 37.72 -31.04
C VAL I 206 -20.83 38.92 -30.55
N ASP I 207 -22.04 38.65 -30.08
CA ASP I 207 -22.91 39.67 -29.53
C ASP I 207 -22.67 39.80 -28.03
N LEU I 208 -22.67 41.05 -27.55
CA LEU I 208 -22.28 41.34 -26.18
C LEU I 208 -23.31 42.24 -25.48
N THR I 209 -24.58 41.91 -25.66
CA THR I 209 -25.64 42.65 -25.00
C THR I 209 -26.31 41.88 -23.87
N LYS I 210 -26.27 40.55 -23.90
CA LYS I 210 -26.81 39.75 -22.80
C LYS I 210 -25.71 39.01 -22.07
N ALA I 211 -24.48 39.51 -22.10
CA ALA I 211 -23.37 38.86 -21.41
C ALA I 211 -23.52 39.01 -19.90
N LYS I 212 -22.77 38.19 -19.17
CA LYS I 212 -22.83 38.19 -17.72
C LYS I 212 -22.08 39.40 -17.18
N ARG I 213 -22.76 40.23 -16.40
CA ARG I 213 -22.19 41.46 -15.88
C ARG I 213 -22.25 41.54 -14.35
N GLN I 214 -22.86 40.56 -13.69
CA GLN I 214 -22.88 40.50 -12.24
C GLN I 214 -22.66 39.07 -11.82
N ASP I 215 -22.13 38.89 -10.60
CA ASP I 215 -21.76 37.55 -10.14
C ASP I 215 -22.98 36.74 -9.73
N LEU I 216 -23.99 37.40 -9.17
CA LEU I 216 -25.14 36.68 -8.65
C LEU I 216 -25.94 36.05 -9.79
N GLU I 217 -26.40 34.82 -9.55
CA GLU I 217 -27.17 34.06 -10.54
C GLU I 217 -28.46 33.59 -9.89
N PRO I 218 -29.50 34.44 -9.88
CA PRO I 218 -30.69 34.16 -9.05
C PRO I 218 -31.26 32.75 -9.19
N SER I 219 -31.37 32.25 -10.42
CA SER I 219 -31.96 30.93 -10.64
C SER I 219 -31.10 29.85 -9.99
N VAL I 220 -29.79 29.98 -10.10
CA VAL I 220 -28.89 28.97 -9.56
C VAL I 220 -28.99 28.93 -8.04
N GLU I 221 -29.02 30.10 -7.39
CA GLU I 221 -29.14 30.11 -5.94
C GLU I 221 -30.49 29.61 -5.48
N GLU I 222 -31.55 29.97 -6.19
CA GLU I 222 -32.87 29.48 -5.78
C GLU I 222 -32.93 27.97 -5.87
N ALA I 223 -32.46 27.41 -6.98
CA ALA I 223 -32.43 25.97 -7.13
C ALA I 223 -31.54 25.31 -6.08
N ARG I 224 -30.39 25.90 -5.77
CA ARG I 224 -29.49 25.30 -4.79
C ARG I 224 -30.10 25.31 -3.41
N TYR I 225 -30.77 26.40 -3.04
CA TYR I 225 -31.42 26.45 -1.75
C TYR I 225 -32.56 25.45 -1.66
N ASN I 226 -33.26 25.23 -2.77
CA ASN I 226 -34.29 24.21 -2.76
C ASN I 226 -33.73 22.79 -2.82
N SER I 227 -32.47 22.62 -3.21
CA SER I 227 -31.85 21.30 -3.26
C SER I 227 -31.26 20.86 -1.93
N CYS I 228 -31.44 21.62 -0.86
CA CYS I 228 -30.94 21.24 0.45
C CYS I 228 -32.08 20.95 1.42
N CYS J 45 -22.47 14.14 1.49
CA CYS J 45 -21.06 14.53 1.59
C CYS J 45 -20.63 15.33 0.38
N PHE J 46 -19.34 15.57 0.30
CA PHE J 46 -18.73 16.08 -0.93
C PHE J 46 -18.31 14.91 -1.80
N GLY J 47 -18.51 15.06 -3.11
CA GLY J 47 -18.19 14.01 -4.04
C GLY J 47 -19.25 12.95 -4.20
N GLN J 48 -20.26 12.93 -3.33
CA GLN J 48 -21.35 11.99 -3.46
C GLN J 48 -22.72 12.64 -3.44
N CYS J 49 -22.80 13.96 -3.44
CA CYS J 49 -24.07 14.60 -3.73
C CYS J 49 -24.30 14.60 -5.22
N GLN J 50 -25.56 14.75 -5.62
CA GLN J 50 -25.91 14.72 -7.03
C GLN J 50 -26.86 15.87 -7.31
N TYR J 51 -26.61 16.57 -8.41
CA TYR J 51 -27.41 17.75 -8.74
C TYR J 51 -28.82 17.35 -9.10
N THR J 52 -29.77 18.08 -8.56
CA THR J 52 -31.15 17.88 -8.97
C THR J 52 -31.37 18.48 -10.35
N ALA J 53 -32.54 18.22 -10.92
CA ALA J 53 -32.81 18.68 -12.27
C ALA J 53 -32.76 20.19 -12.35
N GLU J 54 -33.36 20.87 -11.37
CA GLU J 54 -33.43 22.33 -11.40
C GLU J 54 -32.04 22.94 -11.33
N GLU J 55 -31.23 22.48 -10.38
CA GLU J 55 -29.89 23.02 -10.22
C GLU J 55 -29.03 22.74 -11.45
N TYR J 56 -29.14 21.54 -12.01
CA TYR J 56 -28.34 21.20 -13.19
C TYR J 56 -28.72 22.08 -14.36
N GLN J 57 -30.02 22.22 -14.63
CA GLN J 57 -30.47 23.10 -15.69
C GLN J 57 -29.98 24.52 -15.49
N ALA J 58 -30.11 25.03 -14.26
CA ALA J 58 -29.69 26.40 -13.98
C ALA J 58 -28.21 26.59 -14.25
N ILE J 59 -27.37 25.69 -13.75
CA ILE J 59 -25.92 25.84 -13.92
C ILE J 59 -25.53 25.70 -15.38
N GLN J 60 -26.17 24.77 -16.09
CA GLN J 60 -25.83 24.57 -17.51
C GLN J 60 -26.18 25.80 -18.33
N LYS J 61 -27.33 26.43 -18.05
CA LYS J 61 -27.65 27.68 -18.71
C LYS J 61 -26.64 28.76 -18.36
N ALA J 62 -26.29 28.86 -17.07
CA ALA J 62 -25.46 29.97 -16.60
C ALA J 62 -24.02 29.84 -17.07
N LEU J 63 -23.58 28.63 -17.41
CA LEU J 63 -22.20 28.45 -17.82
C LEU J 63 -21.97 28.78 -19.28
N ARG J 64 -23.04 28.90 -20.08
CA ARG J 64 -22.88 29.21 -21.49
C ARG J 64 -22.67 30.70 -21.71
N GLN J 65 -23.13 31.53 -20.78
CA GLN J 65 -23.00 32.97 -20.93
C GLN J 65 -21.54 33.38 -21.00
N ARG J 66 -21.29 34.52 -21.63
CA ARG J 66 -19.95 35.06 -21.78
C ARG J 66 -19.73 36.19 -20.79
N LEU J 67 -18.47 36.40 -20.41
CA LEU J 67 -18.15 37.44 -19.47
C LEU J 67 -18.20 38.80 -20.14
N GLY J 68 -18.74 39.78 -19.43
CA GLY J 68 -18.78 41.13 -19.92
C GLY J 68 -17.44 41.80 -19.81
N PRO J 69 -17.35 43.07 -20.19
CA PRO J 69 -16.06 43.78 -20.10
C PRO J 69 -15.68 44.13 -18.68
N GLU J 70 -16.59 43.96 -17.72
CA GLU J 70 -16.28 44.23 -16.32
C GLU J 70 -15.17 43.32 -15.82
N TYR J 71 -15.09 42.11 -16.39
CA TYR J 71 -14.22 41.08 -15.84
C TYR J 71 -12.86 41.04 -16.53
N ILE J 72 -12.72 41.66 -17.68
CA ILE J 72 -11.50 41.51 -18.46
C ILE J 72 -10.51 42.61 -18.12
N SER J 73 -9.25 42.23 -18.02
CA SER J 73 -8.16 43.16 -17.79
C SER J 73 -7.06 42.84 -18.79
N SER J 74 -6.05 43.69 -18.87
CA SER J 74 -5.08 43.58 -19.95
C SER J 74 -3.68 43.82 -19.44
N ARG J 75 -2.71 43.30 -20.19
CA ARG J 75 -1.30 43.47 -19.88
C ARG J 75 -0.52 43.73 -21.16
N MET J 76 0.69 44.26 -20.99
CA MET J 76 1.64 44.40 -22.08
C MET J 76 2.68 43.29 -21.92
N ALA J 77 2.67 42.35 -22.86
CA ALA J 77 3.55 41.18 -22.75
C ALA J 77 5.01 41.58 -22.87
N GLY J 78 5.89 40.62 -22.61
CA GLY J 78 7.32 40.84 -22.70
C GLY J 78 7.81 40.77 -24.12
N GLY J 79 7.51 41.81 -24.91
CA GLY J 79 7.78 41.82 -26.32
C GLY J 79 6.57 41.60 -27.20
N GLY J 80 5.39 41.47 -26.61
CA GLY J 80 4.17 41.23 -27.35
C GLY J 80 3.23 42.42 -27.32
N GLN J 81 1.96 42.15 -27.58
CA GLN J 81 0.91 43.15 -27.64
C GLN J 81 -0.07 42.92 -26.49
N LYS J 82 -1.18 43.66 -26.48
CA LYS J 82 -2.20 43.61 -25.46
C LYS J 82 -2.68 42.17 -25.26
N VAL J 83 -2.44 41.63 -24.06
CA VAL J 83 -2.92 40.29 -23.71
C VAL J 83 -4.04 40.45 -22.68
N CYS J 84 -5.20 39.86 -22.97
CA CYS J 84 -6.37 39.97 -22.11
C CYS J 84 -6.50 38.74 -21.22
N TYR J 85 -7.02 38.97 -20.02
CA TYR J 85 -7.15 37.90 -19.03
C TYR J 85 -8.16 38.32 -17.97
N ILE J 86 -8.38 37.41 -17.02
CA ILE J 86 -9.26 37.63 -15.88
C ILE J 86 -8.44 37.45 -14.62
N GLU J 87 -8.57 38.38 -13.67
CA GLU J 87 -7.86 38.28 -12.40
C GLU J 87 -8.29 37.03 -11.64
N GLY J 88 -7.44 36.59 -10.74
CA GLY J 88 -7.68 35.36 -10.00
C GLY J 88 -8.82 35.45 -9.02
N HIS J 89 -8.88 36.54 -8.25
CA HIS J 89 -9.98 36.71 -7.32
C HIS J 89 -11.31 36.78 -8.05
N ARG J 90 -11.31 37.28 -9.28
CA ARG J 90 -12.54 37.34 -10.06
C ARG J 90 -13.06 35.95 -10.38
N VAL J 91 -12.16 35.05 -10.78
CA VAL J 91 -12.62 33.71 -11.12
C VAL J 91 -12.98 32.94 -9.86
N ILE J 92 -12.33 33.24 -8.74
CA ILE J 92 -12.73 32.62 -7.47
C ILE J 92 -14.14 33.05 -7.09
N ASN J 93 -14.44 34.34 -7.24
CA ASN J 93 -15.79 34.82 -6.96
C ASN J 93 -16.81 34.21 -7.91
N LEU J 94 -16.46 34.10 -9.19
CA LEU J 94 -17.38 33.50 -10.15
C LEU J 94 -17.65 32.05 -9.81
N ALA J 95 -16.64 31.33 -9.35
CA ALA J 95 -16.85 29.94 -8.94
C ALA J 95 -17.71 29.87 -7.69
N ASN J 96 -17.52 30.80 -6.75
CA ASN J 96 -18.31 30.79 -5.52
C ASN J 96 -19.76 31.13 -5.79
N GLU J 97 -20.03 31.91 -6.83
CA GLU J 97 -21.42 32.25 -7.14
C GLU J 97 -22.06 31.24 -8.08
N MET J 98 -21.25 30.53 -8.87
CA MET J 98 -21.80 29.48 -9.72
C MET J 98 -22.18 28.25 -8.92
N PHE J 99 -21.22 27.67 -8.20
CA PHE J 99 -21.43 26.40 -7.53
C PHE J 99 -21.66 26.50 -6.04
N GLY J 100 -21.41 27.66 -5.43
CA GLY J 100 -21.55 27.81 -4.01
C GLY J 100 -20.25 27.56 -3.28
N TYR J 101 -20.15 28.14 -2.07
CA TYR J 101 -18.96 27.98 -1.26
C TYR J 101 -18.70 26.53 -0.89
N ASN J 102 -19.68 25.66 -1.05
CA ASN J 102 -19.58 24.25 -0.71
C ASN J 102 -19.71 23.37 -1.94
N GLY J 103 -19.76 23.98 -3.11
CA GLY J 103 -20.02 23.24 -4.32
C GLY J 103 -18.78 22.81 -5.04
N TRP J 104 -17.65 23.44 -4.76
CA TRP J 104 -16.43 23.14 -5.48
C TRP J 104 -15.25 23.11 -4.53
N ALA J 105 -14.20 22.40 -4.98
CA ALA J 105 -12.96 22.28 -4.25
C ALA J 105 -11.81 22.30 -5.25
N HIS J 106 -10.60 22.49 -4.74
CA HIS J 106 -9.43 22.45 -5.61
C HIS J 106 -8.19 22.13 -4.80
N SER J 107 -7.29 21.37 -5.41
CA SER J 107 -6.07 20.93 -4.75
C SER J 107 -4.90 21.04 -5.70
N ILE J 108 -3.71 21.12 -5.13
CA ILE J 108 -2.46 21.15 -5.88
C ILE J 108 -1.88 19.74 -5.84
N THR J 109 -1.97 19.03 -6.97
CA THR J 109 -1.49 17.66 -7.01
C THR J 109 0.03 17.60 -6.98
N GLN J 110 0.68 18.57 -7.60
CA GLN J 110 2.14 18.55 -7.73
C GLN J 110 2.61 19.94 -8.09
N GLN J 111 3.80 20.29 -7.60
CA GLN J 111 4.44 21.55 -7.96
C GLN J 111 5.94 21.33 -8.03
N ASN J 112 6.51 21.55 -9.20
CA ASN J 112 7.93 21.36 -9.42
C ASN J 112 8.55 22.70 -9.81
N VAL J 113 9.69 23.02 -9.21
CA VAL J 113 10.47 24.19 -9.59
C VAL J 113 11.30 23.79 -10.79
N ASP J 114 10.93 24.30 -11.97
CA ASP J 114 11.64 23.90 -13.18
C ASP J 114 13.07 24.40 -13.18
N PHE J 115 13.28 25.67 -12.90
CA PHE J 115 14.66 26.13 -12.84
C PHE J 115 14.76 27.42 -12.04
N VAL J 116 15.93 27.59 -11.40
CA VAL J 116 16.30 28.83 -10.75
C VAL J 116 17.74 29.19 -11.15
N ASP J 117 17.88 30.06 -12.12
CA ASP J 117 19.18 30.40 -12.69
C ASP J 117 19.57 31.83 -12.31
N LEU J 118 20.87 32.09 -12.36
CA LEU J 118 21.44 33.39 -12.01
C LEU J 118 22.26 33.88 -13.18
N ASN J 119 21.90 35.04 -13.72
CA ASN J 119 22.59 35.63 -14.87
C ASN J 119 22.76 37.11 -14.60
N ASN J 120 24.01 37.56 -14.64
CA ASN J 120 24.33 38.99 -14.50
C ASN J 120 23.74 39.55 -13.22
N GLY J 121 23.76 38.75 -12.16
CA GLY J 121 23.28 39.19 -10.88
C GLY J 121 21.80 39.10 -10.65
N LYS J 122 21.02 38.70 -11.66
CA LYS J 122 19.58 38.66 -11.55
C LYS J 122 19.07 37.23 -11.68
N PHE J 123 17.93 36.97 -11.06
CA PHE J 123 17.40 35.62 -10.93
C PHE J 123 16.28 35.37 -11.92
N TYR J 124 16.33 34.20 -12.57
CA TYR J 124 15.32 33.77 -13.51
C TYR J 124 14.73 32.46 -12.99
N VAL J 125 13.45 32.46 -12.67
CA VAL J 125 12.82 31.34 -12.00
C VAL J 125 11.58 30.90 -12.78
N GLY J 126 11.45 29.60 -12.98
CA GLY J 126 10.28 29.03 -13.61
C GLY J 126 9.77 27.84 -12.84
N VAL J 127 8.49 27.87 -12.47
CA VAL J 127 7.87 26.91 -11.57
C VAL J 127 6.56 26.42 -12.17
N CYS J 128 6.28 25.12 -12.02
CA CYS J 128 5.11 24.47 -12.58
C CYS J 128 4.14 24.05 -11.48
N ALA J 129 2.86 24.00 -11.81
CA ALA J 129 1.85 23.58 -10.85
C ALA J 129 0.73 22.83 -11.56
N PHE J 130 0.26 21.78 -10.91
CA PHE J 130 -0.89 21.01 -11.40
C PHE J 130 -2.03 21.19 -10.41
N VAL J 131 -3.12 21.77 -10.87
CA VAL J 131 -4.26 22.07 -10.02
C VAL J 131 -5.46 21.28 -10.51
N ARG J 132 -6.19 20.69 -9.57
CA ARG J 132 -7.36 19.88 -9.87
C ARG J 132 -8.56 20.44 -9.13
N VAL J 133 -9.58 20.81 -9.88
CA VAL J 133 -10.83 21.33 -9.34
C VAL J 133 -11.87 20.22 -9.40
N GLN J 134 -12.72 20.17 -8.40
CA GLN J 134 -13.75 19.14 -8.27
C GLN J 134 -15.06 19.79 -7.90
N LEU J 135 -16.15 19.20 -8.37
CA LEU J 135 -17.49 19.65 -8.02
C LEU J 135 -18.08 18.72 -6.98
N LYS J 136 -19.31 19.03 -6.58
CA LYS J 136 -19.90 18.28 -5.49
C LYS J 136 -20.56 16.99 -5.94
N ASP J 137 -20.59 16.72 -7.25
CA ASP J 137 -21.07 15.45 -7.75
C ASP J 137 -19.95 14.49 -8.12
N GLY J 138 -18.70 14.95 -8.13
CA GLY J 138 -17.57 14.13 -8.53
C GLY J 138 -16.88 14.59 -9.79
N SER J 139 -17.46 15.52 -10.54
CA SER J 139 -16.83 16.02 -11.74
C SER J 139 -15.55 16.78 -11.40
N TYR J 140 -14.54 16.62 -12.25
CA TYR J 140 -13.26 17.23 -11.96
C TYR J 140 -12.57 17.63 -13.24
N HIS J 141 -11.66 18.59 -13.10
CA HIS J 141 -10.81 19.01 -14.21
C HIS J 141 -9.47 19.44 -13.66
N GLU J 142 -8.41 18.93 -14.25
CA GLU J 142 -7.05 19.18 -13.81
C GLU J 142 -6.24 19.80 -14.92
N ASP J 143 -5.57 20.90 -14.63
CA ASP J 143 -4.76 21.59 -15.62
C ASP J 143 -3.44 22.03 -15.00
N VAL J 144 -2.62 22.66 -15.82
CA VAL J 144 -1.26 23.05 -15.44
C VAL J 144 -1.14 24.55 -15.55
N GLY J 145 -0.39 25.15 -14.64
CA GLY J 145 -0.10 26.56 -14.66
C GLY J 145 1.38 26.79 -14.46
N TYR J 146 1.89 27.92 -14.94
CA TYR J 146 3.32 28.15 -14.90
C TYR J 146 3.57 29.55 -14.38
N GLY J 147 4.49 29.66 -13.43
CA GLY J 147 4.86 30.94 -12.84
C GLY J 147 6.28 31.28 -13.19
N VAL J 148 6.50 32.52 -13.60
CA VAL J 148 7.77 32.99 -14.11
C VAL J 148 8.19 34.25 -13.39
N SER J 149 9.48 34.35 -13.08
CA SER J 149 10.06 35.58 -12.54
C SER J 149 11.34 35.84 -13.32
N GLU J 150 11.55 37.09 -13.72
CA GLU J 150 12.61 37.44 -14.66
C GLU J 150 13.69 38.34 -14.10
N GLY J 151 13.34 39.42 -13.42
CA GLY J 151 14.32 40.46 -13.18
C GLY J 151 14.88 40.60 -11.78
N LEU J 152 14.06 40.31 -10.77
CA LEU J 152 14.36 40.61 -9.37
C LEU J 152 15.74 40.14 -8.93
N LYS J 153 16.32 40.81 -7.95
CA LYS J 153 17.65 40.51 -7.45
C LYS J 153 17.65 39.66 -6.20
N SER J 154 16.50 39.14 -5.79
CA SER J 154 16.38 38.34 -4.58
C SER J 154 15.75 37.00 -4.90
N LYS J 155 16.44 35.92 -4.54
CA LYS J 155 15.97 34.59 -4.90
C LYS J 155 14.67 34.25 -4.20
N ALA J 156 14.52 34.69 -2.95
CA ALA J 156 13.32 34.37 -2.19
C ALA J 156 12.08 34.98 -2.83
N LEU J 157 12.16 36.25 -3.21
CA LEU J 157 11.01 36.91 -3.80
C LEU J 157 10.66 36.32 -5.16
N SER J 158 11.67 35.97 -5.95
CA SER J 158 11.42 35.33 -7.24
C SER J 158 10.73 34.00 -7.06
N LEU J 159 11.23 33.17 -6.15
CA LEU J 159 10.60 31.88 -5.89
C LEU J 159 9.18 32.07 -5.40
N GLU J 160 8.95 33.07 -4.55
CA GLU J 160 7.61 33.34 -4.05
C GLU J 160 6.65 33.66 -5.18
N LYS J 161 7.03 34.63 -6.01
CA LYS J 161 6.19 35.03 -7.14
C LYS J 161 5.90 33.84 -8.04
N ALA J 162 6.92 33.01 -8.31
CA ALA J 162 6.72 31.87 -9.19
C ALA J 162 5.75 30.86 -8.58
N ARG J 163 6.00 30.45 -7.33
CA ARG J 163 5.14 29.45 -6.70
C ARG J 163 3.70 29.90 -6.65
N LYS J 164 3.46 31.20 -6.43
CA LYS J 164 2.10 31.67 -6.27
C LYS J 164 1.39 31.83 -7.61
N GLU J 165 2.07 32.45 -8.57
CA GLU J 165 1.48 32.62 -9.89
C GLU J 165 1.19 31.27 -10.53
N ALA J 166 2.00 30.25 -10.21
CA ALA J 166 1.76 28.93 -10.76
C ALA J 166 0.40 28.39 -10.34
N VAL J 167 0.10 28.46 -9.04
CA VAL J 167 -1.16 27.92 -8.54
C VAL J 167 -2.33 28.74 -9.07
N THR J 168 -2.16 30.06 -9.12
CA THR J 168 -3.25 30.89 -9.64
C THR J 168 -3.56 30.53 -11.09
N ASP J 169 -2.52 30.42 -11.92
CA ASP J 169 -2.73 30.08 -13.33
C ASP J 169 -3.35 28.71 -13.48
N GLY J 170 -2.90 27.75 -12.67
CA GLY J 170 -3.47 26.41 -12.75
C GLY J 170 -4.94 26.39 -12.39
N LEU J 171 -5.31 27.12 -11.34
CA LEU J 171 -6.72 27.20 -10.94
C LEU J 171 -7.56 27.83 -12.03
N LYS J 172 -7.10 28.93 -12.61
CA LYS J 172 -7.86 29.58 -13.66
C LYS J 172 -8.04 28.66 -14.86
N ARG J 173 -6.96 28.00 -15.27
CA ARG J 173 -7.04 27.13 -16.45
C ARG J 173 -7.91 25.92 -16.19
N ALA J 174 -7.90 25.40 -14.97
CA ALA J 174 -8.77 24.26 -14.64
C ALA J 174 -10.23 24.68 -14.59
N LEU J 175 -10.50 25.91 -14.14
CA LEU J 175 -11.87 26.38 -14.08
C LEU J 175 -12.40 26.74 -15.46
N ARG J 176 -11.51 27.06 -16.40
CA ARG J 176 -11.95 27.30 -17.77
C ARG J 176 -12.74 26.13 -18.32
N SER J 177 -12.42 24.91 -17.90
CA SER J 177 -12.97 23.72 -18.51
C SER J 177 -14.44 23.51 -18.22
N PHE J 178 -15.04 24.33 -17.36
CA PHE J 178 -16.45 24.15 -17.04
C PHE J 178 -17.36 24.95 -17.94
N GLY J 179 -16.85 25.93 -18.65
CA GLY J 179 -17.68 26.71 -19.55
C GLY J 179 -17.13 28.11 -19.69
N ASN J 180 -17.83 28.89 -20.51
CA ASN J 180 -17.39 30.25 -20.81
C ASN J 180 -17.49 31.14 -19.58
N ALA J 181 -18.46 30.89 -18.72
CA ALA J 181 -18.71 31.78 -17.58
C ALA J 181 -17.58 31.77 -16.57
N LEU J 182 -16.59 30.89 -16.73
CA LEU J 182 -15.46 30.84 -15.82
C LEU J 182 -14.14 31.05 -16.54
N GLY J 183 -14.16 31.67 -17.72
CA GLY J 183 -12.95 32.07 -18.39
C GLY J 183 -12.58 31.30 -19.64
N ASN J 184 -13.50 30.55 -20.22
CA ASN J 184 -13.23 29.85 -21.47
C ASN J 184 -13.44 30.74 -22.68
N CYS J 185 -13.92 31.95 -22.49
CA CYS J 185 -14.18 32.89 -23.56
C CYS J 185 -12.99 33.79 -23.87
N ILE J 186 -12.08 33.98 -22.92
CA ILE J 186 -10.95 34.86 -23.15
C ILE J 186 -9.99 34.29 -24.18
N LEU J 187 -10.22 33.07 -24.64
CA LEU J 187 -9.39 32.50 -25.70
C LEU J 187 -10.02 32.67 -27.07
N ASP J 188 -11.33 32.83 -27.13
CA ASP J 188 -12.02 33.05 -28.39
C ASP J 188 -11.64 34.41 -28.94
N LYS J 189 -10.95 34.44 -30.08
CA LYS J 189 -10.48 35.70 -30.62
C LYS J 189 -11.63 36.52 -31.18
N ASP J 190 -12.70 35.87 -31.62
CA ASP J 190 -13.89 36.59 -32.04
C ASP J 190 -14.46 37.40 -30.88
N TYR J 191 -14.64 36.75 -29.73
CA TYR J 191 -15.08 37.43 -28.52
C TYR J 191 -14.14 38.57 -28.15
N LEU J 192 -12.84 38.37 -28.32
CA LEU J 192 -11.89 39.41 -27.95
C LEU J 192 -12.05 40.64 -28.82
N ARG J 193 -12.09 40.46 -30.14
CA ARG J 193 -12.21 41.61 -31.03
C ARG J 193 -13.60 42.23 -30.92
N SER J 194 -14.57 41.46 -30.42
CA SER J 194 -15.86 42.05 -30.10
C SER J 194 -15.81 42.90 -28.84
N LEU J 195 -14.97 42.55 -27.87
CA LEU J 195 -14.78 43.42 -26.71
C LEU J 195 -14.05 44.69 -27.06
N ASN J 196 -12.96 44.59 -27.82
CA ASN J 196 -12.13 45.77 -28.06
C ASN J 196 -12.88 46.87 -28.80
N LYS J 197 -14.03 46.55 -29.39
CA LYS J 197 -14.81 47.57 -30.07
C LYS J 197 -15.93 48.12 -29.20
N LEU J 198 -15.79 47.98 -27.88
CA LEU J 198 -16.71 48.61 -26.94
C LEU J 198 -15.98 49.69 -26.15
N PRO J 199 -16.69 50.68 -25.61
CA PRO J 199 -16.01 51.77 -24.90
C PRO J 199 -15.27 51.28 -23.67
N ARG J 200 -14.21 51.99 -23.33
CA ARG J 200 -13.39 51.68 -22.17
C ARG J 200 -14.06 52.32 -20.96
N GLN J 201 -14.86 51.53 -20.25
CA GLN J 201 -15.68 52.04 -19.17
C GLN J 201 -14.84 52.43 -17.97
N LEU J 202 -15.42 53.26 -17.11
CA LEU J 202 -14.70 53.82 -15.98
C LEU J 202 -14.44 52.75 -14.92
N PRO J 203 -13.43 52.94 -14.07
CA PRO J 203 -13.29 52.07 -12.89
C PRO J 203 -14.44 52.28 -11.93
N LEU J 204 -15.04 51.19 -11.45
CA LEU J 204 -16.18 51.33 -10.54
C LEU J 204 -15.68 51.53 -9.12
N GLU J 205 -16.45 52.29 -8.34
CA GLU J 205 -16.14 52.56 -6.95
C GLU J 205 -17.15 51.83 -6.08
N VAL J 206 -16.67 51.01 -5.16
CA VAL J 206 -17.52 50.09 -4.42
C VAL J 206 -17.92 50.71 -3.09
N ASP J 207 -19.15 50.40 -2.66
CA ASP J 207 -19.74 50.89 -1.43
C ASP J 207 -19.19 50.09 -0.26
N LEU J 208 -18.70 50.79 0.77
CA LEU J 208 -18.16 50.17 1.97
C LEU J 208 -18.96 50.52 3.21
N THR J 209 -20.22 50.91 3.05
CA THR J 209 -21.03 51.30 4.20
C THR J 209 -21.67 50.10 4.89
N LYS J 210 -21.97 49.05 4.12
CA LYS J 210 -22.52 47.82 4.69
C LYS J 210 -21.47 46.72 4.83
N ALA J 211 -20.19 47.08 4.86
CA ALA J 211 -19.13 46.09 4.97
C ALA J 211 -19.16 45.41 6.33
N LYS J 212 -18.58 44.22 6.39
CA LYS J 212 -18.54 43.46 7.63
C LYS J 212 -17.63 44.14 8.64
N ARG J 213 -18.17 44.43 9.82
CA ARG J 213 -17.43 45.17 10.83
C ARG J 213 -17.39 44.48 12.19
N GLN J 214 -17.91 43.26 12.31
CA GLN J 214 -17.81 42.51 13.55
C GLN J 214 -17.71 41.04 13.19
N ASP J 215 -17.07 40.26 14.07
CA ASP J 215 -16.84 38.86 13.76
C ASP J 215 -18.12 38.05 13.85
N LEU J 216 -18.99 38.38 14.80
CA LEU J 216 -20.18 37.57 15.04
C LEU J 216 -21.15 37.71 13.88
N GLU J 217 -21.83 36.61 13.57
CA GLU J 217 -22.79 36.55 12.47
C GLU J 217 -24.08 35.95 13.01
N PRO J 218 -25.00 36.78 13.53
CA PRO J 218 -26.17 36.22 14.22
C PRO J 218 -26.96 35.21 13.42
N SER J 219 -27.14 35.44 12.13
CA SER J 219 -27.95 34.52 11.32
C SER J 219 -27.25 33.18 11.18
N VAL J 220 -25.95 33.19 10.96
CA VAL J 220 -25.19 31.96 10.76
C VAL J 220 -25.20 31.13 12.03
N GLU J 221 -24.98 31.78 13.18
CA GLU J 221 -25.01 31.06 14.44
C GLU J 221 -26.39 30.53 14.78
N GLU J 222 -27.43 31.33 14.56
CA GLU J 222 -28.78 30.87 14.86
C GLU J 222 -29.15 29.69 13.96
N ALA J 223 -28.65 29.69 12.73
CA ALA J 223 -28.91 28.57 11.84
C ALA J 223 -28.13 27.34 12.25
N ARG J 224 -26.88 27.52 12.69
CA ARG J 224 -26.05 26.38 13.04
C ARG J 224 -26.55 25.71 14.31
N TYR J 225 -26.99 26.49 15.28
CA TYR J 225 -27.45 25.89 16.53
C TYR J 225 -28.65 25.00 16.32
N ASN J 226 -29.42 25.26 15.27
CA ASN J 226 -30.58 24.44 14.97
C ASN J 226 -30.25 23.22 14.11
N SER J 227 -29.02 23.11 13.63
CA SER J 227 -28.60 21.94 12.86
C SER J 227 -28.05 20.82 13.73
N CYS J 228 -27.81 21.07 15.00
CA CYS J 228 -27.29 20.06 15.91
C CYS J 228 -28.43 19.35 16.63
N CYS K 45 -20.31 13.11 11.49
CA CYS K 45 -19.09 13.73 11.97
C CYS K 45 -18.46 14.65 10.94
N PHE K 46 -17.18 14.95 11.13
CA PHE K 46 -16.46 15.82 10.21
C PHE K 46 -16.24 15.14 8.88
N GLY K 47 -16.34 15.91 7.81
CA GLY K 47 -16.21 15.38 6.48
C GLY K 47 -17.43 14.66 5.96
N GLN K 48 -18.41 14.37 6.81
CA GLN K 48 -19.62 13.70 6.38
C GLN K 48 -20.89 14.35 6.89
N CYS K 49 -20.83 15.59 7.37
CA CYS K 49 -22.05 16.35 7.61
C CYS K 49 -22.38 17.20 6.40
N GLN K 50 -23.68 17.41 6.19
CA GLN K 50 -24.14 18.20 5.06
C GLN K 50 -24.93 19.38 5.60
N TYR K 51 -24.66 20.56 5.08
CA TYR K 51 -25.28 21.77 5.60
C TYR K 51 -26.77 21.75 5.35
N THR K 52 -27.54 22.18 6.33
CA THR K 52 -28.96 22.37 6.09
C THR K 52 -29.17 23.60 5.24
N ALA K 53 -30.40 23.77 4.76
CA ALA K 53 -30.71 24.89 3.88
C ALA K 53 -30.43 26.21 4.57
N GLU K 54 -30.83 26.33 5.83
CA GLU K 54 -30.70 27.59 6.54
C GLU K 54 -29.24 27.96 6.76
N GLU K 55 -28.43 27.00 7.20
CA GLU K 55 -27.03 27.28 7.43
C GLU K 55 -26.30 27.58 6.13
N TYR K 56 -26.59 26.83 5.07
CA TYR K 56 -25.95 27.08 3.78
C TYR K 56 -26.29 28.48 3.27
N GLN K 57 -27.56 28.83 3.29
CA GLN K 57 -27.98 30.16 2.85
C GLN K 57 -27.31 31.24 3.67
N ALA K 58 -27.25 31.05 5.00
CA ALA K 58 -26.66 32.05 5.87
C ALA K 58 -25.17 32.23 5.56
N ILE K 59 -24.45 31.13 5.39
CA ILE K 59 -23.01 31.24 5.14
C ILE K 59 -22.74 31.85 3.77
N GLN K 60 -23.56 31.48 2.77
CA GLN K 60 -23.37 32.03 1.44
C GLN K 60 -23.62 33.53 1.43
N LYS K 61 -24.61 34.01 2.18
CA LYS K 61 -24.80 35.45 2.30
C LYS K 61 -23.62 36.08 3.05
N ALA K 62 -23.16 35.44 4.11
CA ALA K 62 -22.15 36.07 4.96
C ALA K 62 -20.81 36.16 4.25
N LEU K 63 -20.53 35.24 3.33
CA LEU K 63 -19.22 35.22 2.70
C LEU K 63 -19.06 36.28 1.63
N ARG K 64 -20.17 36.75 1.05
CA ARG K 64 -20.10 37.76 0.02
C ARG K 64 -19.73 39.13 0.55
N GLN K 65 -19.97 39.39 1.83
CA GLN K 65 -19.68 40.69 2.40
C GLN K 65 -18.19 40.97 2.38
N ARG K 66 -17.86 42.25 2.22
CA ARG K 66 -16.48 42.72 2.22
C ARG K 66 -16.08 43.13 3.63
N LEU K 67 -14.78 43.14 3.87
CA LEU K 67 -14.28 43.47 5.18
C LEU K 67 -14.11 44.98 5.32
N GLY K 68 -14.37 45.47 6.52
CA GLY K 68 -14.27 46.88 6.82
C GLY K 68 -12.83 47.31 6.99
N PRO K 69 -12.62 48.60 7.29
CA PRO K 69 -11.24 49.08 7.48
C PRO K 69 -10.59 48.55 8.72
N GLU K 70 -11.34 47.93 9.63
CA GLU K 70 -10.81 47.44 10.90
C GLU K 70 -9.90 46.24 10.73
N TYR K 71 -10.06 45.48 9.66
CA TYR K 71 -9.32 44.24 9.47
C TYR K 71 -8.06 44.42 8.65
N ILE K 72 -7.84 45.59 8.09
CA ILE K 72 -6.75 45.78 7.15
C ILE K 72 -5.57 46.45 7.84
N SER K 73 -4.38 45.95 7.57
CA SER K 73 -3.14 46.51 8.07
C SER K 73 -2.24 46.78 6.87
N SER K 74 -1.15 47.51 7.10
CA SER K 74 -0.32 47.95 5.99
C SER K 74 1.15 47.71 6.33
N ARG K 75 1.92 47.44 5.28
CA ARG K 75 3.36 47.29 5.39
C ARG K 75 4.04 48.16 4.36
N MET K 76 5.28 48.54 4.65
CA MET K 76 6.15 49.24 3.71
C MET K 76 7.08 48.20 3.10
N ALA K 77 6.94 47.97 1.81
CA ALA K 77 7.70 46.92 1.14
C ALA K 77 9.17 47.34 1.00
N GLY K 78 10.03 46.36 0.76
CA GLY K 78 11.45 46.60 0.61
C GLY K 78 11.78 47.12 -0.77
N GLY K 79 11.46 48.38 -1.03
CA GLY K 79 11.61 48.99 -2.33
C GLY K 79 10.29 49.37 -2.98
N GLY K 80 9.17 48.85 -2.46
CA GLY K 80 7.86 49.17 -3.00
C GLY K 80 7.13 50.20 -2.17
N GLN K 81 5.80 50.05 -2.15
CA GLN K 81 4.95 50.98 -1.41
C GLN K 81 3.98 50.24 -0.50
N LYS K 82 3.00 50.97 0.02
CA LYS K 82 2.02 50.45 0.97
C LYS K 82 1.35 49.19 0.44
N VAL K 83 1.56 48.07 1.13
CA VAL K 83 0.91 46.81 0.81
C VAL K 83 -0.09 46.48 1.92
N CYS K 84 -1.33 46.24 1.53
CA CYS K 84 -2.39 45.96 2.49
C CYS K 84 -2.54 44.46 2.69
N TYR K 85 -2.87 44.07 3.92
CA TYR K 85 -3.01 42.66 4.26
C TYR K 85 -3.93 42.52 5.46
N ILE K 86 -4.21 41.28 5.82
CA ILE K 86 -4.99 40.93 6.99
C ILE K 86 -4.14 40.03 7.88
N GLU K 87 -4.06 40.38 9.17
CA GLU K 87 -3.24 39.60 10.09
C GLU K 87 -3.83 38.21 10.28
N GLY K 88 -2.96 37.25 10.60
CA GLY K 88 -3.34 35.85 10.65
C GLY K 88 -4.41 35.50 11.66
N HIS K 89 -4.25 35.99 12.90
CA HIS K 89 -5.23 35.69 13.92
C HIS K 89 -6.60 36.25 13.57
N ARG K 90 -6.63 37.36 12.83
CA ARG K 90 -7.90 37.91 12.38
C ARG K 90 -8.61 36.96 11.44
N VAL K 91 -7.84 36.34 10.53
CA VAL K 91 -8.44 35.37 9.62
C VAL K 91 -8.89 34.13 10.36
N ILE K 92 -8.13 33.72 11.38
CA ILE K 92 -8.54 32.57 12.18
C ILE K 92 -9.86 32.86 12.90
N ASN K 93 -9.98 34.07 13.46
CA ASN K 93 -11.22 34.44 14.14
C ASN K 93 -12.38 34.51 13.17
N LEU K 94 -12.16 35.08 11.98
CA LEU K 94 -13.23 35.14 10.99
C LEU K 94 -13.68 33.75 10.58
N ALA K 95 -12.73 32.82 10.43
CA ALA K 95 -13.10 31.45 10.10
C ALA K 95 -13.87 30.79 11.23
N ASN K 96 -13.49 31.10 12.47
CA ASN K 96 -14.15 30.48 13.61
C ASN K 96 -15.57 31.01 13.80
N GLU K 97 -15.81 32.26 13.41
CA GLU K 97 -17.17 32.79 13.52
C GLU K 97 -18.00 32.48 12.28
N MET K 98 -17.34 32.24 11.14
CA MET K 98 -18.10 31.83 9.96
C MET K 98 -18.58 30.40 10.09
N PHE K 99 -17.67 29.45 10.28
CA PHE K 99 -18.02 28.03 10.24
C PHE K 99 -18.13 27.38 11.61
N GLY K 100 -17.67 28.01 12.67
CA GLY K 100 -17.67 27.39 13.98
C GLY K 100 -16.34 26.72 14.27
N TYR K 101 -16.12 26.47 15.56
CA TYR K 101 -14.87 25.87 15.98
C TYR K 101 -14.72 24.45 15.43
N ASN K 102 -15.83 23.81 15.07
CA ASN K 102 -15.82 22.44 14.59
C ASN K 102 -16.09 22.33 13.10
N GLY K 103 -16.37 23.45 12.44
CA GLY K 103 -16.78 23.41 11.05
C GLY K 103 -15.68 23.41 10.04
N TRP K 104 -14.47 23.80 10.41
CA TRP K 104 -13.36 23.84 9.47
C TRP K 104 -12.13 23.22 10.11
N ALA K 105 -11.20 22.82 9.23
CA ALA K 105 -9.95 22.21 9.63
C ALA K 105 -8.89 22.61 8.63
N HIS K 106 -7.62 22.42 9.00
CA HIS K 106 -6.54 22.69 8.06
C HIS K 106 -5.31 21.89 8.41
N SER K 107 -4.57 21.51 7.37
CA SER K 107 -3.38 20.69 7.52
C SER K 107 -2.29 21.18 6.59
N ILE K 108 -1.05 20.93 6.99
CA ILE K 108 0.12 21.25 6.18
C ILE K 108 0.52 19.99 5.42
N THR K 109 0.21 19.95 4.12
CA THR K 109 0.47 18.75 3.35
C THR K 109 1.95 18.60 3.02
N GLN K 110 2.66 19.71 2.91
CA GLN K 110 4.07 19.67 2.59
C GLN K 110 4.70 21.00 2.97
N GLN K 111 5.94 20.93 3.44
CA GLN K 111 6.74 22.13 3.67
C GLN K 111 8.16 21.83 3.28
N ASN K 112 8.71 22.65 2.38
CA ASN K 112 10.00 22.41 1.77
C ASN K 112 10.86 23.67 1.91
N VAL K 113 12.02 23.53 2.52
CA VAL K 113 12.96 24.64 2.66
C VAL K 113 13.65 24.83 1.32
N ASP K 114 13.30 25.90 0.61
CA ASP K 114 13.88 26.10 -0.71
C ASP K 114 15.36 26.45 -0.62
N PHE K 115 15.71 27.44 0.19
CA PHE K 115 17.14 27.73 0.25
C PHE K 115 17.51 28.36 1.57
N VAL K 116 18.74 28.06 2.01
CA VAL K 116 19.39 28.68 3.16
C VAL K 116 20.78 29.13 2.75
N ASP K 117 20.94 30.40 2.40
CA ASP K 117 22.20 30.93 1.91
C ASP K 117 22.83 31.88 2.92
N LEU K 118 24.15 32.01 2.86
CA LEU K 118 24.90 32.87 3.75
C LEU K 118 25.72 33.84 2.91
N ASN K 119 25.50 35.13 3.10
CA ASN K 119 26.21 36.15 2.34
C ASN K 119 26.60 37.26 3.31
N ASN K 120 27.89 37.58 3.34
CA ASN K 120 28.44 38.67 4.14
C ASN K 120 28.00 38.53 5.59
N GLY K 121 28.00 37.31 6.08
CA GLY K 121 27.69 37.04 7.46
C GLY K 121 26.21 37.01 7.81
N LYS K 122 25.33 37.31 6.86
CA LYS K 122 23.90 37.35 7.11
C LYS K 122 23.20 36.22 6.36
N PHE K 123 22.06 35.78 6.89
CA PHE K 123 21.37 34.60 6.38
C PHE K 123 20.14 34.97 5.57
N TYR K 124 19.97 34.29 4.44
CA TYR K 124 18.82 34.48 3.56
C TYR K 124 18.14 33.12 3.41
N VAL K 125 16.93 33.01 3.93
CA VAL K 125 16.19 31.76 3.99
C VAL K 125 14.87 31.93 3.27
N GLY K 126 14.50 30.95 2.47
CA GLY K 126 13.21 30.91 1.80
C GLY K 126 12.57 29.55 1.89
N VAL K 127 11.32 29.52 2.37
CA VAL K 127 10.63 28.27 2.69
C VAL K 127 9.22 28.32 2.11
N CYS K 128 8.74 27.17 1.61
CA CYS K 128 7.41 27.07 1.03
C CYS K 128 6.56 26.12 1.85
N ALA K 129 5.25 26.35 1.84
CA ALA K 129 4.31 25.52 2.58
C ALA K 129 3.05 25.31 1.77
N PHE K 130 2.50 24.11 1.82
CA PHE K 130 1.23 23.81 1.16
C PHE K 130 0.20 23.53 2.23
N VAL K 131 -0.86 24.31 2.26
CA VAL K 131 -1.86 24.24 3.31
C VAL K 131 -3.21 23.93 2.70
N ARG K 132 -3.93 23.01 3.32
CA ARG K 132 -5.22 22.55 2.83
C ARG K 132 -6.27 22.77 3.91
N VAL K 133 -7.30 23.54 3.59
CA VAL K 133 -8.40 23.82 4.49
C VAL K 133 -9.61 23.05 4.02
N GLN K 134 -10.33 22.47 4.95
CA GLN K 134 -11.45 21.59 4.65
C GLN K 134 -12.64 21.96 5.53
N LEU K 135 -13.82 21.98 4.93
CA LEU K 135 -15.05 22.25 5.65
C LEU K 135 -15.68 20.96 6.13
N LYS K 136 -16.78 21.09 6.87
CA LYS K 136 -17.36 19.92 7.49
C LYS K 136 -18.22 19.10 6.54
N ASP K 137 -18.35 19.53 5.27
CA ASP K 137 -19.03 18.73 4.28
C ASP K 137 -18.09 18.07 3.28
N GLY K 138 -16.80 18.31 3.40
CA GLY K 138 -15.82 17.82 2.46
C GLY K 138 -15.28 18.85 1.49
N SER K 139 -15.65 20.11 1.63
CA SER K 139 -15.21 21.16 0.74
C SER K 139 -13.85 21.68 1.17
N TYR K 140 -12.90 21.66 0.23
CA TYR K 140 -11.52 21.96 0.57
C TYR K 140 -10.93 22.92 -0.43
N HIS K 141 -9.87 23.59 0.00
CA HIS K 141 -9.07 24.46 -0.83
C HIS K 141 -7.64 24.40 -0.33
N GLU K 142 -6.70 24.22 -1.25
CA GLU K 142 -5.30 24.10 -0.89
C GLU K 142 -4.50 25.15 -1.63
N ASP K 143 -3.63 25.84 -0.91
CA ASP K 143 -2.84 26.90 -1.52
C ASP K 143 -1.43 26.90 -0.95
N VAL K 144 -0.54 27.60 -1.64
CA VAL K 144 0.86 27.69 -1.29
C VAL K 144 1.12 29.02 -0.60
N GLY K 145 1.95 28.96 0.44
CA GLY K 145 2.44 30.15 1.09
C GLY K 145 3.96 30.13 1.11
N TYR K 146 4.54 31.31 1.27
CA TYR K 146 5.98 31.42 1.22
C TYR K 146 6.47 32.33 2.34
N GLY K 147 7.50 31.88 3.02
CA GLY K 147 8.12 32.64 4.10
C GLY K 147 9.55 33.00 3.73
N VAL K 148 9.92 34.24 4.04
CA VAL K 148 11.20 34.81 3.67
C VAL K 148 11.86 35.39 4.91
N SER K 149 13.17 35.20 5.02
CA SER K 149 13.97 35.88 6.04
C SER K 149 15.23 36.36 5.34
N GLU K 150 15.60 37.62 5.55
CA GLU K 150 16.66 38.21 4.75
C GLU K 150 17.86 38.71 5.54
N GLY K 151 17.66 39.39 6.66
CA GLY K 151 18.77 40.11 7.26
C GLY K 151 19.42 39.47 8.47
N LEU K 152 18.66 38.66 9.21
CA LEU K 152 19.07 38.17 10.52
C LEU K 152 20.44 37.47 10.48
N LYS K 153 21.11 37.46 11.62
CA LYS K 153 22.46 36.92 11.74
C LYS K 153 22.50 35.58 12.45
N SER K 154 21.35 35.01 12.78
CA SER K 154 21.26 33.69 13.40
C SER K 154 20.43 32.77 12.51
N LYS K 155 20.97 31.59 12.23
CA LYS K 155 20.33 30.70 11.26
C LYS K 155 19.02 30.14 11.80
N ALA K 156 19.00 29.77 13.08
CA ALA K 156 17.81 29.16 13.66
C ALA K 156 16.63 30.13 13.65
N LEU K 157 16.88 31.39 14.04
CA LEU K 157 15.82 32.38 14.00
C LEU K 157 15.30 32.60 12.59
N SER K 158 16.19 32.59 11.60
CA SER K 158 15.80 32.76 10.21
C SER K 158 14.88 31.64 9.78
N LEU K 159 15.27 30.39 10.05
CA LEU K 159 14.43 29.26 9.67
C LEU K 159 13.09 29.30 10.39
N GLU K 160 13.10 29.70 11.66
CA GLU K 160 11.86 29.81 12.42
C GLU K 160 10.89 30.78 11.75
N LYS K 161 11.37 32.00 11.50
CA LYS K 161 10.54 33.00 10.85
C LYS K 161 10.04 32.51 9.51
N ALA K 162 10.91 31.87 8.73
CA ALA K 162 10.51 31.42 7.40
C ALA K 162 9.39 30.39 7.47
N ARG K 163 9.58 29.35 8.28
CA ARG K 163 8.59 28.27 8.33
C ARG K 163 7.26 28.77 8.87
N LYS K 164 7.29 29.60 9.91
CA LYS K 164 6.04 30.06 10.49
C LYS K 164 5.29 30.99 9.54
N GLU K 165 6.01 31.93 8.92
CA GLU K 165 5.37 32.78 7.91
C GLU K 165 4.81 31.96 6.77
N ALA K 166 5.51 30.89 6.40
CA ALA K 166 5.01 30.03 5.33
C ALA K 166 3.67 29.42 5.68
N VAL K 167 3.57 28.83 6.86
CA VAL K 167 2.32 28.19 7.24
C VAL K 167 1.19 29.21 7.32
N THR K 168 1.48 30.39 7.90
CA THR K 168 0.43 31.38 8.07
C THR K 168 -0.04 31.92 6.72
N ASP K 169 0.90 32.21 5.82
CA ASP K 169 0.53 32.70 4.50
C ASP K 169 -0.28 31.67 3.73
N GLY K 170 0.12 30.40 3.83
CA GLY K 170 -0.65 29.36 3.18
C GLY K 170 -2.07 29.27 3.70
N LEU K 171 -2.22 29.37 5.02
CA LEU K 171 -3.56 29.33 5.60
C LEU K 171 -4.41 30.48 5.10
N LYS K 172 -3.86 31.69 5.10
CA LYS K 172 -4.64 32.85 4.66
C LYS K 172 -5.02 32.71 3.19
N ARG K 173 -4.08 32.29 2.35
CA ARG K 173 -4.38 32.18 0.92
C ARG K 173 -5.39 31.09 0.65
N ALA K 174 -5.34 29.99 1.40
CA ALA K 174 -6.32 28.93 1.20
C ALA K 174 -7.69 29.34 1.71
N LEU K 175 -7.73 30.22 2.70
CA LEU K 175 -9.03 30.68 3.21
C LEU K 175 -9.62 31.73 2.28
N ARG K 176 -8.79 32.44 1.52
CA ARG K 176 -9.31 33.39 0.53
C ARG K 176 -10.33 32.75 -0.39
N SER K 177 -10.13 31.49 -0.77
CA SER K 177 -10.94 30.84 -1.80
C SER K 177 -12.35 30.54 -1.35
N PHE K 178 -12.74 30.88 -0.13
CA PHE K 178 -14.11 30.68 0.31
C PHE K 178 -14.96 31.92 0.14
N GLY K 179 -14.36 33.07 -0.13
CA GLY K 179 -15.15 34.25 -0.37
C GLY K 179 -14.50 35.53 0.10
N ASN K 180 -15.21 36.64 -0.08
CA ASN K 180 -14.67 37.95 0.26
C ASN K 180 -14.48 38.10 1.76
N ALA K 181 -15.37 37.51 2.55
CA ALA K 181 -15.35 37.72 3.99
C ALA K 181 -14.13 37.08 4.65
N LEU K 182 -13.35 36.30 3.91
CA LEU K 182 -12.18 35.64 4.46
C LEU K 182 -10.88 36.14 3.85
N GLY K 183 -10.91 37.26 3.14
CA GLY K 183 -9.68 37.88 2.68
C GLY K 183 -9.50 37.90 1.17
N ASN K 184 -10.58 37.74 0.43
CA ASN K 184 -10.55 37.83 -1.02
C ASN K 184 -10.77 39.25 -1.52
N CYS K 185 -10.96 40.20 -0.62
CA CYS K 185 -11.10 41.60 -0.96
C CYS K 185 -9.75 42.29 -1.12
N ILE K 186 -8.72 41.83 -0.42
CA ILE K 186 -7.45 42.54 -0.41
C ILE K 186 -6.73 42.47 -1.74
N LEU K 187 -7.30 41.76 -2.72
CA LEU K 187 -6.76 41.72 -4.06
C LEU K 187 -7.47 42.65 -5.03
N ASP K 188 -8.67 43.10 -4.68
CA ASP K 188 -9.44 44.01 -5.52
C ASP K 188 -8.88 45.42 -5.37
N LYS K 189 -8.46 46.02 -6.48
CA LYS K 189 -7.89 47.36 -6.43
C LYS K 189 -8.99 48.40 -6.21
N ASP K 190 -10.20 48.13 -6.68
CA ASP K 190 -11.31 49.03 -6.42
C ASP K 190 -11.61 49.11 -4.94
N TYR K 191 -11.65 47.97 -4.27
CA TYR K 191 -11.89 47.92 -2.83
C TYR K 191 -10.78 48.65 -2.08
N LEU K 192 -9.53 48.50 -2.53
CA LEU K 192 -8.42 49.18 -1.87
C LEU K 192 -8.51 50.69 -2.02
N ARG K 193 -8.83 51.16 -3.23
CA ARG K 193 -9.01 52.59 -3.43
C ARG K 193 -10.13 53.14 -2.56
N SER K 194 -11.27 52.44 -2.53
CA SER K 194 -12.37 52.91 -1.70
C SER K 194 -12.04 52.85 -0.22
N LEU K 195 -11.11 51.97 0.19
CA LEU K 195 -10.65 51.95 1.57
C LEU K 195 -9.76 53.14 1.88
N ASN K 196 -8.86 53.50 0.95
CA ASN K 196 -7.97 54.63 1.20
C ASN K 196 -8.74 55.94 1.26
N LYS K 197 -10.00 55.95 0.83
CA LYS K 197 -10.79 57.17 0.85
C LYS K 197 -11.67 57.25 2.09
N LEU K 198 -11.31 56.53 3.14
CA LEU K 198 -12.00 56.56 4.41
C LEU K 198 -11.08 57.15 5.47
N PRO K 199 -11.63 57.73 6.54
CA PRO K 199 -10.78 58.30 7.59
C PRO K 199 -9.92 57.24 8.24
N ARG K 200 -8.85 57.71 8.89
CA ARG K 200 -7.89 56.82 9.56
C ARG K 200 -8.33 56.69 11.01
N GLN K 201 -9.21 55.73 11.27
CA GLN K 201 -9.80 55.59 12.60
C GLN K 201 -8.77 55.15 13.63
N LEU K 202 -9.15 55.27 14.90
CA LEU K 202 -8.30 54.96 16.04
C LEU K 202 -8.27 53.46 16.27
N PRO K 203 -7.12 52.91 16.70
CA PRO K 203 -7.11 51.52 17.19
C PRO K 203 -7.94 51.40 18.47
N LEU K 204 -8.89 50.48 18.49
CA LEU K 204 -9.80 50.39 19.63
C LEU K 204 -9.13 49.70 20.80
N GLU K 205 -9.59 50.03 22.00
CA GLU K 205 -9.07 49.45 23.24
C GLU K 205 -10.01 48.33 23.68
N VAL K 206 -9.45 47.15 23.92
CA VAL K 206 -10.25 45.98 24.25
C VAL K 206 -10.53 45.96 25.74
N ASP K 207 -11.72 45.50 26.11
CA ASP K 207 -12.15 45.44 27.50
C ASP K 207 -11.73 44.11 28.10
N LEU K 208 -11.25 44.16 29.34
CA LEU K 208 -10.79 42.95 30.05
C LEU K 208 -11.48 42.77 31.39
N THR K 209 -12.66 43.36 31.57
CA THR K 209 -13.39 43.18 32.82
C THR K 209 -14.12 41.85 32.86
N LYS K 210 -14.43 41.25 31.70
CA LYS K 210 -15.05 39.94 31.66
C LYS K 210 -14.15 38.90 31.00
N ALA K 211 -12.83 39.05 31.13
CA ALA K 211 -11.91 38.08 30.56
C ALA K 211 -11.92 36.80 31.37
N LYS K 212 -11.40 35.73 30.75
CA LYS K 212 -11.32 34.44 31.41
C LYS K 212 -10.27 34.48 32.51
N ARG K 213 -10.69 34.11 33.73
CA ARG K 213 -9.80 34.14 34.89
C ARG K 213 -9.81 32.86 35.68
N GLN K 214 -10.41 31.79 35.18
CA GLN K 214 -10.33 30.48 35.82
C GLN K 214 -10.45 29.43 34.74
N ASP K 215 -9.86 28.26 35.01
CA ASP K 215 -9.83 27.21 34.00
C ASP K 215 -11.19 26.55 33.84
N LEU K 216 -11.90 26.34 34.94
CA LEU K 216 -13.14 25.58 34.90
C LEU K 216 -14.24 26.37 34.19
N GLU K 217 -14.98 25.69 33.32
CA GLU K 217 -16.11 26.28 32.62
C GLU K 217 -17.38 25.52 33.02
N PRO K 218 -18.20 26.10 33.90
CA PRO K 218 -19.40 25.37 34.36
C PRO K 218 -20.35 24.98 33.24
N SER K 219 -20.62 25.87 32.30
CA SER K 219 -21.60 25.58 31.26
C SER K 219 -21.13 24.48 30.35
N VAL K 220 -19.87 24.55 29.90
CA VAL K 220 -19.32 23.53 29.01
C VAL K 220 -19.34 22.17 29.71
N GLU K 221 -19.02 22.16 31.00
CA GLU K 221 -19.00 20.91 31.76
C GLU K 221 -20.38 20.31 31.91
N GLU K 222 -21.37 21.13 32.30
CA GLU K 222 -22.71 20.61 32.50
C GLU K 222 -23.32 20.19 31.17
N ALA K 223 -22.89 20.81 30.07
CA ALA K 223 -23.35 20.38 28.77
C ALA K 223 -22.70 19.04 28.38
N ARG K 224 -21.41 18.88 28.69
CA ARG K 224 -20.71 17.67 28.28
C ARG K 224 -21.18 16.47 29.08
N TYR K 225 -21.50 16.67 30.36
CA TYR K 225 -21.93 15.56 31.19
C TYR K 225 -23.24 14.98 30.67
N ASN K 226 -24.07 15.80 30.04
CA ASN K 226 -25.34 15.34 29.50
C ASN K 226 -25.19 14.71 28.12
N SER K 227 -24.06 14.92 27.44
CA SER K 227 -23.79 14.30 26.16
C SER K 227 -23.36 12.85 26.28
N CYS K 228 -23.10 12.37 27.48
CA CYS K 228 -22.69 10.99 27.70
C CYS K 228 -23.85 10.15 28.19
#